data_7AY0
#
_entry.id   7AY0
#
_cell.length_a   119.570
_cell.length_b   119.570
_cell.length_c   195.460
_cell.angle_alpha   90.000
_cell.angle_beta   90.000
_cell.angle_gamma   90.000
#
_symmetry.space_group_name_H-M   'P 41'
#
loop_
_entity.id
_entity.type
_entity.pdbx_description
1 polymer 'WD repeat-containing protein 48'
2 polymer 'Ubiquitin carboxyl-terminal hydrolase 1'
3 non-polymer 'ZINC ION'
#
loop_
_entity_poly.entity_id
_entity_poly.type
_entity_poly.pdbx_seq_one_letter_code
_entity_poly.pdbx_strand_id
1 'polypeptide(L)'
;MAAHHRQNTAGRRKVQVSYVIRDEVEKYNRNGVNALQLDPALNRLFTAGRDSIIRIWSVNQHKQDPYIASMEHHTDWVND
IVLCCNGKTLISASSDTTVKVWNAHKGFCMSTLRTHKDYVKALAYAKDKELVASAGLDRQIFLWDVNTLTALTASNNTVT
TSSLSGNKDSIYSLAMNQLGTIIVSGSTEKVLRVWDPRTCAKLMKLKGHTDNVKALLLNRDGTQCLSGSSDGTIRLWSLG
QQRCIATYRVHDEGVWALQVNDAFTHVYSGGRDRKIYCTDLRNPDIRVLICEEKAPVLKMELDRSADPPPAIWVATTKST
VNKWTLKGIHNFRASGDYDNDCTNPITPLCTQPDQVIKGGASIIQCHILNDKRHILTKDTNNNVAYWDVLKACKVEDLGK
VDFEDEIKKRFKMVYVPNWFSVDLKTGMLTITLDESDCFAAWVSAKDAGFSSPDGSDPKLNLGGLLLQALLEYWPRTHVN
PMDEEENEVNHVNGEQENRVQKGNGYFQVPPHTPVIFGEAGGRTLFRLLCRDSGGETESMLLNETVPQWVIDITVDKNMP
KFN
;
A,C
2 'polypeptide(L)'
;GGSPINCEKRENLLPFVGLNNLGNTCYLNSILQVLYFCPGFKSGVKHLFNIISRKKEALKSLASYELICSLQSLIISVEQ
LQASFLLNPEKYTDELATQPRRLLNTLRELNPMYEGYLQHDAQEVLQCILGNIQETCQLLKKEEVKNVAENEVKPINKGE
EQIGFELVEKLFQGQLVLRTRCLECESLTERREDFQDISVPVQEDELSKVEESSEISPEPKTEMKTLRWAISQFASVERI
VGEDKYFCENCHHYTEAERSLLFDKMPEVITIHLKCFAASGLEFDCYGGGLSKINTPLLTPLKLSLEEWSTKPTNDSYGL
FAVVMHSGITISSGHYTASVKVTDLNSLEQSLKEYEGKWLLFDDSEVKVTEEKDFLNSLSPSTSPTSTPYLLFYKKL
;
B,D
#
loop_
_chem_comp.id
_chem_comp.type
_chem_comp.name
_chem_comp.formula
ZN non-polymer 'ZINC ION' 'Zn 2'
#
# COMPACT_ATOMS: atom_id res chain seq x y z
N ARG A 13 -12.20 -24.02 -2.98
CA ARG A 13 -13.27 -23.12 -2.60
C ARG A 13 -12.81 -22.25 -1.43
N LYS A 14 -11.79 -22.72 -0.73
CA LYS A 14 -11.32 -22.08 0.49
C LYS A 14 -10.22 -21.08 0.16
N VAL A 15 -10.36 -19.86 0.66
CA VAL A 15 -9.59 -18.72 0.19
C VAL A 15 -8.46 -18.47 1.18
N GLN A 16 -7.24 -18.38 0.65
CA GLN A 16 -6.06 -18.03 1.41
C GLN A 16 -5.56 -16.64 1.04
N VAL A 17 -4.93 -15.98 2.01
CA VAL A 17 -4.26 -14.71 1.79
C VAL A 17 -2.77 -14.98 1.76
N SER A 18 -2.07 -14.40 0.78
CA SER A 18 -0.62 -14.49 0.74
C SER A 18 -0.02 -13.14 0.37
N TYR A 19 1.30 -13.03 0.55
CA TYR A 19 2.05 -11.84 0.19
C TYR A 19 3.51 -12.22 -0.04
N VAL A 20 4.20 -11.39 -0.81
CA VAL A 20 5.57 -11.64 -1.24
C VAL A 20 6.49 -10.64 -0.57
N ILE A 21 7.58 -11.14 0.02
CA ILE A 21 8.58 -10.29 0.64
C ILE A 21 9.69 -10.06 -0.38
N ARG A 22 9.86 -8.82 -0.83
CA ARG A 22 10.66 -8.52 -2.01
C ARG A 22 10.87 -7.02 -2.09
N ASP A 23 11.72 -6.62 -3.03
CA ASP A 23 11.92 -5.22 -3.37
C ASP A 23 10.87 -4.76 -4.37
N GLU A 24 10.64 -3.44 -4.42
CA GLU A 24 9.68 -2.88 -5.36
C GLU A 24 10.01 -3.24 -6.81
N VAL A 25 11.30 -3.28 -7.15
CA VAL A 25 11.76 -3.70 -8.46
C VAL A 25 12.69 -4.89 -8.30
N GLU A 26 12.34 -6.01 -8.95
CA GLU A 26 13.22 -7.17 -9.06
C GLU A 26 13.77 -7.19 -10.48
N LYS A 27 14.84 -6.41 -10.68
CA LYS A 27 15.44 -6.23 -12.00
C LYS A 27 15.87 -7.56 -12.61
N TYR A 28 16.42 -8.46 -11.80
CA TYR A 28 16.93 -9.74 -12.28
C TYR A 28 16.00 -10.89 -11.93
N ASN A 29 15.98 -11.88 -12.81
CA ASN A 29 15.30 -13.15 -12.55
C ASN A 29 15.75 -13.79 -11.25
N ARG A 30 14.78 -14.33 -10.51
CA ARG A 30 15.03 -15.00 -9.24
C ARG A 30 14.94 -16.52 -9.36
N ASN A 31 14.91 -17.03 -10.57
CA ASN A 31 14.70 -18.45 -10.85
C ASN A 31 15.06 -18.68 -12.32
N GLY A 32 14.90 -19.91 -12.77
CA GLY A 32 15.20 -20.23 -14.16
C GLY A 32 14.22 -19.57 -15.11
N VAL A 33 14.53 -19.68 -16.40
CA VAL A 33 13.77 -19.02 -17.45
C VAL A 33 13.16 -20.10 -18.35
N ASN A 34 11.84 -20.04 -18.52
CA ASN A 34 11.12 -21.11 -19.20
C ASN A 34 11.00 -20.92 -20.71
N ALA A 35 11.05 -19.68 -21.21
CA ALA A 35 10.72 -19.42 -22.60
C ALA A 35 11.24 -18.05 -23.00
N LEU A 36 11.40 -17.85 -24.31
CA LEU A 36 12.04 -16.65 -24.83
C LEU A 36 11.34 -16.17 -26.09
N GLN A 37 11.23 -14.86 -26.24
CA GLN A 37 10.72 -14.23 -27.46
C GLN A 37 11.53 -12.99 -27.79
N LEU A 38 11.88 -12.86 -29.06
CA LEU A 38 12.73 -11.78 -29.58
C LEU A 38 11.90 -10.89 -30.50
N ASP A 39 11.80 -9.61 -30.16
CA ASP A 39 11.15 -8.63 -31.03
C ASP A 39 12.20 -8.05 -31.96
N PRO A 40 12.18 -8.37 -33.25
CA PRO A 40 13.23 -7.87 -34.16
C PRO A 40 13.09 -6.39 -34.52
N ALA A 41 11.90 -5.81 -34.39
CA ALA A 41 11.72 -4.40 -34.70
C ALA A 41 12.25 -3.48 -33.62
N LEU A 42 12.25 -3.91 -32.36
CA LEU A 42 12.68 -3.07 -31.26
C LEU A 42 13.95 -3.59 -30.59
N ASN A 43 14.51 -4.70 -31.07
CA ASN A 43 15.67 -5.33 -30.46
C ASN A 43 15.44 -5.61 -28.98
N ARG A 44 14.27 -6.20 -28.69
CA ARG A 44 13.88 -6.50 -27.33
C ARG A 44 13.73 -8.01 -27.14
N LEU A 45 14.22 -8.50 -26.00
CA LEU A 45 14.11 -9.89 -25.59
C LEU A 45 13.16 -10.03 -24.42
N PHE A 46 12.22 -10.96 -24.54
CA PHE A 46 11.32 -11.30 -23.45
C PHE A 46 11.80 -12.59 -22.81
N THR A 47 11.87 -12.61 -21.48
CA THR A 47 12.16 -13.83 -20.74
C THR A 47 10.97 -14.20 -19.88
N ALA A 48 10.61 -15.48 -19.90
CA ALA A 48 9.52 -15.99 -19.07
C ALA A 48 10.14 -16.69 -17.87
N GLY A 49 10.05 -16.06 -16.70
CA GLY A 49 10.77 -16.52 -15.52
C GLY A 49 9.97 -17.55 -14.75
N ARG A 50 10.68 -18.54 -14.21
CA ARG A 50 10.07 -19.39 -13.20
C ARG A 50 9.68 -18.61 -11.96
N ASP A 51 10.26 -17.42 -11.77
CA ASP A 51 9.89 -16.54 -10.67
C ASP A 51 8.55 -15.82 -10.86
N SER A 52 7.76 -16.18 -11.87
CA SER A 52 6.44 -15.62 -12.21
C SER A 52 6.49 -14.25 -12.86
N ILE A 53 7.67 -13.70 -13.15
CA ILE A 53 7.78 -12.38 -13.76
C ILE A 53 8.28 -12.51 -15.19
N ILE A 54 7.66 -11.75 -16.09
CA ILE A 54 8.13 -11.58 -17.46
C ILE A 54 8.93 -10.29 -17.53
N ARG A 55 10.09 -10.33 -18.18
CA ARG A 55 10.94 -9.16 -18.28
C ARG A 55 11.31 -8.89 -19.73
N ILE A 56 11.41 -7.60 -20.05
CA ILE A 56 11.80 -7.12 -21.38
C ILE A 56 13.23 -6.59 -21.30
N TRP A 57 14.10 -7.08 -22.18
CA TRP A 57 15.50 -6.67 -22.21
C TRP A 57 15.84 -6.05 -23.56
N SER A 58 16.76 -5.09 -23.55
CA SER A 58 17.38 -4.58 -24.76
C SER A 58 18.61 -5.42 -25.14
N VAL A 59 18.71 -5.78 -26.42
CA VAL A 59 19.81 -6.61 -26.90
C VAL A 59 20.87 -5.77 -27.63
N ASN A 60 20.80 -4.44 -27.53
CA ASN A 60 21.90 -3.59 -27.97
C ASN A 60 23.15 -3.90 -27.17
N GLN A 61 24.24 -4.29 -27.85
CA GLN A 61 25.49 -4.49 -27.13
C GLN A 61 26.06 -3.19 -26.57
N HIS A 62 25.44 -2.05 -26.87
CA HIS A 62 25.72 -0.76 -26.25
C HIS A 62 25.43 -0.77 -24.76
N LYS A 63 24.14 -0.81 -24.40
CA LYS A 63 23.70 -0.56 -23.04
C LYS A 63 24.32 -1.53 -22.03
N GLN A 64 24.69 -0.99 -20.87
CA GLN A 64 25.30 -1.76 -19.80
C GLN A 64 24.24 -2.44 -18.95
N ASP A 65 23.07 -1.82 -18.84
CA ASP A 65 21.92 -2.35 -18.10
C ASP A 65 20.82 -2.62 -19.13
N PRO A 66 20.73 -3.84 -19.64
CA PRO A 66 19.74 -4.16 -20.68
C PRO A 66 18.30 -4.18 -20.19
N TYR A 67 18.06 -4.04 -18.89
CA TYR A 67 16.71 -4.11 -18.36
C TYR A 67 15.86 -2.95 -18.85
N ILE A 68 14.62 -3.27 -19.22
CA ILE A 68 13.68 -2.27 -19.71
C ILE A 68 12.49 -2.29 -18.76
N ALA A 69 11.88 -3.45 -18.57
CA ALA A 69 10.73 -3.53 -17.69
C ALA A 69 10.48 -4.98 -17.27
N SER A 70 9.76 -5.13 -16.17
CA SER A 70 9.24 -6.39 -15.68
C SER A 70 7.73 -6.37 -15.86
N MET A 71 7.12 -7.50 -16.22
CA MET A 71 5.66 -7.48 -16.33
C MET A 71 5.04 -8.45 -15.34
N GLU A 72 4.53 -7.90 -14.24
CA GLU A 72 4.17 -8.68 -13.06
C GLU A 72 2.67 -8.95 -13.03
N HIS A 73 2.28 -10.22 -12.83
CA HIS A 73 0.87 -10.56 -12.70
C HIS A 73 0.69 -12.04 -12.42
N HIS A 74 1.56 -12.87 -12.97
CA HIS A 74 1.43 -14.30 -12.75
C HIS A 74 1.83 -14.67 -11.34
N THR A 75 1.31 -15.80 -10.87
CA THR A 75 1.45 -16.21 -9.48
C THR A 75 2.39 -17.40 -9.34
N ASP A 76 2.80 -18.00 -10.46
CA ASP A 76 3.57 -19.23 -10.49
C ASP A 76 4.37 -19.21 -11.80
N TRP A 77 5.11 -20.28 -12.04
CA TRP A 77 5.91 -20.41 -13.27
C TRP A 77 5.15 -19.93 -14.50
N VAL A 78 5.80 -19.11 -15.32
CA VAL A 78 5.30 -18.78 -16.65
C VAL A 78 5.99 -19.74 -17.62
N ASN A 79 5.22 -20.65 -18.22
CA ASN A 79 5.79 -21.76 -18.97
C ASN A 79 6.06 -21.46 -20.44
N ASP A 80 5.27 -20.58 -21.06
CA ASP A 80 5.48 -20.24 -22.47
C ASP A 80 5.05 -18.80 -22.70
N ILE A 81 5.65 -18.17 -23.71
CA ILE A 81 5.24 -16.86 -24.15
C ILE A 81 5.28 -16.79 -25.67
N VAL A 82 4.37 -15.98 -26.25
CA VAL A 82 4.30 -15.76 -27.68
C VAL A 82 4.06 -14.27 -27.93
N LEU A 83 5.00 -13.62 -28.62
CA LEU A 83 4.84 -12.25 -29.10
C LEU A 83 3.96 -12.25 -30.36
N CYS A 84 2.84 -11.53 -30.33
CA CYS A 84 1.97 -11.44 -31.50
C CYS A 84 1.89 -10.00 -32.01
N CYS A 85 1.33 -9.89 -33.22
CA CYS A 85 0.95 -8.63 -33.87
C CYS A 85 2.14 -7.66 -33.94
N ASN A 86 3.22 -8.13 -34.56
CA ASN A 86 4.42 -7.30 -34.72
C ASN A 86 4.83 -6.68 -33.39
N GLY A 87 4.71 -7.45 -32.32
CA GLY A 87 5.20 -6.99 -31.03
C GLY A 87 4.20 -6.17 -30.25
N LYS A 88 2.97 -6.01 -30.76
CA LYS A 88 1.97 -5.24 -30.03
C LYS A 88 1.43 -6.01 -28.83
N THR A 89 1.27 -7.32 -28.98
CA THR A 89 0.54 -8.15 -28.04
C THR A 89 1.44 -9.28 -27.55
N LEU A 90 1.47 -9.51 -26.25
CA LEU A 90 2.12 -10.69 -25.70
C LEU A 90 1.07 -11.60 -25.10
N ILE A 91 1.22 -12.90 -25.33
CA ILE A 91 0.40 -13.91 -24.67
C ILE A 91 1.30 -14.82 -23.85
N SER A 92 0.86 -15.12 -22.63
CA SER A 92 1.66 -15.88 -21.68
C SER A 92 0.87 -17.07 -21.15
N ALA A 93 1.59 -18.11 -20.77
CA ALA A 93 1.02 -19.35 -20.25
C ALA A 93 1.71 -19.64 -18.94
N SER A 94 0.95 -19.98 -17.90
CA SER A 94 1.53 -20.16 -16.59
C SER A 94 1.01 -21.42 -15.91
N SER A 95 1.79 -21.90 -14.93
CA SER A 95 1.42 -23.00 -14.05
C SER A 95 0.32 -22.62 -13.08
N ASP A 96 -0.13 -21.37 -13.07
CA ASP A 96 -1.28 -20.98 -12.26
C ASP A 96 -2.60 -21.26 -12.99
N THR A 97 -2.54 -21.98 -14.11
CA THR A 97 -3.64 -22.45 -14.95
C THR A 97 -4.23 -21.36 -15.84
N THR A 98 -3.71 -20.14 -15.82
CA THR A 98 -4.30 -19.09 -16.64
C THR A 98 -3.45 -18.81 -17.88
N VAL A 99 -4.09 -18.23 -18.89
CA VAL A 99 -3.43 -17.59 -20.02
C VAL A 99 -3.70 -16.11 -19.90
N LYS A 100 -2.66 -15.29 -20.01
CA LYS A 100 -2.87 -13.85 -19.94
C LYS A 100 -2.48 -13.16 -21.25
N VAL A 101 -3.19 -12.08 -21.53
CA VAL A 101 -3.01 -11.27 -22.74
C VAL A 101 -2.43 -9.92 -22.30
N TRP A 102 -1.26 -9.58 -22.84
CA TRP A 102 -0.57 -8.36 -22.43
C TRP A 102 -0.47 -7.38 -23.60
N ASN A 103 -0.52 -6.10 -23.26
CA ASN A 103 0.01 -5.04 -24.11
C ASN A 103 1.52 -5.08 -24.00
N ALA A 104 2.19 -5.48 -25.06
CA ALA A 104 3.64 -5.66 -25.01
C ALA A 104 4.41 -4.34 -25.05
N HIS A 105 3.78 -3.24 -25.48
CA HIS A 105 4.52 -1.99 -25.53
C HIS A 105 4.58 -1.31 -24.16
N LYS A 106 3.45 -1.30 -23.45
CA LYS A 106 3.39 -0.66 -22.13
C LYS A 106 3.58 -1.66 -21.00
N GLY A 107 3.42 -2.95 -21.28
CA GLY A 107 3.78 -4.00 -20.35
C GLY A 107 2.80 -4.27 -19.23
N PHE A 108 1.50 -4.22 -19.50
CA PHE A 108 0.52 -4.55 -18.48
C PHE A 108 -0.49 -5.55 -19.04
N CYS A 109 -1.05 -6.34 -18.13
CA CYS A 109 -1.98 -7.39 -18.47
C CYS A 109 -3.39 -6.82 -18.67
N MET A 110 -4.02 -7.16 -19.80
CA MET A 110 -5.34 -6.62 -20.11
C MET A 110 -6.46 -7.60 -19.81
N SER A 111 -6.26 -8.89 -20.07
CA SER A 111 -7.29 -9.88 -19.82
C SER A 111 -6.62 -11.17 -19.35
N THR A 112 -7.38 -11.98 -18.62
CA THR A 112 -6.91 -13.28 -18.15
C THR A 112 -7.91 -14.36 -18.52
N LEU A 113 -7.47 -15.32 -19.33
CA LEU A 113 -8.30 -16.48 -19.68
C LEU A 113 -8.05 -17.60 -18.68
N ARG A 114 -9.12 -18.24 -18.25
CA ARG A 114 -9.09 -19.21 -17.17
C ARG A 114 -9.73 -20.54 -17.56
N THR A 115 -9.71 -20.89 -18.85
CA THR A 115 -10.37 -22.11 -19.29
C THR A 115 -9.57 -23.36 -18.98
N HIS A 116 -8.27 -23.25 -18.75
CA HIS A 116 -7.46 -24.40 -18.39
C HIS A 116 -7.67 -24.78 -16.92
N LYS A 117 -7.37 -26.03 -16.60
CA LYS A 117 -7.64 -26.58 -15.27
C LYS A 117 -6.40 -27.18 -14.63
N ASP A 118 -5.23 -26.94 -15.19
CA ASP A 118 -3.96 -27.44 -14.67
C ASP A 118 -2.87 -26.55 -15.26
N TYR A 119 -1.62 -26.88 -14.98
CA TYR A 119 -0.50 -26.10 -15.53
C TYR A 119 -0.63 -25.98 -17.03
N VAL A 120 -0.65 -24.75 -17.54
CA VAL A 120 -0.56 -24.50 -18.97
C VAL A 120 0.91 -24.54 -19.38
N LYS A 121 1.25 -25.43 -20.32
CA LYS A 121 2.64 -25.77 -20.57
C LYS A 121 3.20 -25.21 -21.87
N ALA A 122 2.35 -24.99 -22.88
CA ALA A 122 2.87 -24.67 -24.20
C ALA A 122 1.88 -23.78 -24.94
N LEU A 123 2.44 -22.88 -25.76
CA LEU A 123 1.66 -22.02 -26.64
C LEU A 123 2.14 -22.19 -28.07
N ALA A 124 1.23 -21.96 -29.02
CA ALA A 124 1.53 -22.09 -30.44
C ALA A 124 0.95 -20.89 -31.14
N TYR A 125 1.52 -20.55 -32.29
CA TYR A 125 1.22 -19.26 -32.91
C TYR A 125 1.27 -19.40 -34.42
N ALA A 126 0.21 -18.94 -35.09
CA ALA A 126 0.11 -18.94 -36.54
C ALA A 126 0.07 -17.49 -37.02
N LYS A 127 1.26 -16.97 -37.36
CA LYS A 127 1.44 -15.55 -37.66
C LYS A 127 0.45 -15.04 -38.70
N ASP A 128 0.17 -15.83 -39.73
CA ASP A 128 -0.69 -15.37 -40.82
C ASP A 128 -2.16 -15.27 -40.44
N LYS A 129 -2.59 -15.87 -39.33
CA LYS A 129 -3.97 -15.76 -38.88
C LYS A 129 -4.13 -14.99 -37.59
N GLU A 130 -3.04 -14.49 -37.02
CA GLU A 130 -3.00 -14.01 -35.63
C GLU A 130 -3.81 -14.95 -34.74
N LEU A 131 -3.40 -16.21 -34.79
CA LEU A 131 -4.02 -17.31 -34.05
C LEU A 131 -3.03 -17.82 -33.01
N VAL A 132 -3.48 -17.99 -31.78
CA VAL A 132 -2.67 -18.62 -30.77
C VAL A 132 -3.44 -19.81 -30.19
N ALA A 133 -2.70 -20.78 -29.65
CA ALA A 133 -3.29 -21.93 -28.99
C ALA A 133 -2.56 -22.20 -27.68
N SER A 134 -3.29 -22.76 -26.73
CA SER A 134 -2.72 -23.07 -25.41
C SER A 134 -3.01 -24.52 -25.07
N ALA A 135 -2.11 -25.12 -24.31
CA ALA A 135 -2.20 -26.53 -23.96
C ALA A 135 -1.47 -26.75 -22.65
N GLY A 136 -1.98 -27.67 -21.84
CA GLY A 136 -1.31 -27.99 -20.59
C GLY A 136 -1.57 -29.37 -20.03
N LEU A 137 -1.25 -29.54 -18.75
CA LEU A 137 -1.37 -30.82 -18.07
C LEU A 137 -2.80 -31.32 -17.96
N ASP A 138 -3.79 -30.49 -18.30
CA ASP A 138 -5.20 -30.89 -18.26
C ASP A 138 -5.66 -31.58 -19.53
N ARG A 139 -4.77 -31.81 -20.49
CA ARG A 139 -5.01 -32.48 -21.75
C ARG A 139 -5.91 -31.68 -22.69
N GLN A 140 -6.13 -30.40 -22.39
CA GLN A 140 -6.92 -29.52 -23.24
C GLN A 140 -6.02 -28.68 -24.14
N ILE A 141 -6.51 -28.40 -25.34
CA ILE A 141 -5.88 -27.47 -26.28
C ILE A 141 -6.95 -26.48 -26.70
N PHE A 142 -6.77 -25.21 -26.33
CA PHE A 142 -7.70 -24.17 -26.72
C PHE A 142 -7.11 -23.31 -27.84
N LEU A 143 -7.97 -22.92 -28.78
CA LEU A 143 -7.62 -22.05 -29.90
C LEU A 143 -8.20 -20.66 -29.67
N TRP A 144 -7.39 -19.62 -29.89
CA TRP A 144 -7.80 -18.26 -29.59
C TRP A 144 -7.45 -17.35 -30.75
N ASP A 145 -8.43 -16.61 -31.25
CA ASP A 145 -8.19 -15.53 -32.20
C ASP A 145 -7.64 -14.33 -31.41
N VAL A 146 -6.39 -13.94 -31.70
CA VAL A 146 -5.75 -12.87 -30.94
C VAL A 146 -6.54 -11.57 -31.02
N ASN A 147 -7.06 -11.25 -32.21
CA ASN A 147 -7.83 -10.02 -32.39
C ASN A 147 -9.15 -10.03 -31.63
N THR A 148 -9.76 -11.22 -31.46
CA THR A 148 -10.93 -11.37 -30.59
C THR A 148 -10.58 -11.11 -29.13
N LEU A 149 -9.42 -11.62 -28.68
CA LEU A 149 -9.00 -11.43 -27.29
C LEU A 149 -8.71 -9.97 -26.96
N THR A 150 -8.03 -9.24 -27.85
CA THR A 150 -7.72 -7.85 -27.52
C THR A 150 -8.98 -6.98 -27.49
N ALA A 151 -10.02 -7.40 -28.21
CA ALA A 151 -11.29 -6.68 -28.31
C ALA A 151 -12.18 -6.85 -27.06
N LEU A 152 -11.64 -6.52 -25.89
CA LEU A 152 -12.41 -6.69 -24.67
C LEU A 152 -12.46 -5.33 -23.96
N THR A 153 -13.66 -4.94 -23.50
CA THR A 153 -13.93 -3.74 -22.70
C THR A 153 -15.38 -3.73 -22.24
N ALA A 154 -15.61 -3.23 -21.02
CA ALA A 154 -16.95 -3.14 -20.43
C ALA A 154 -17.70 -4.45 -20.58
N SER A 155 -18.65 -4.47 -21.51
CA SER A 155 -19.29 -5.69 -21.95
C SER A 155 -18.35 -6.18 -23.05
N ASN A 156 -17.60 -7.24 -22.74
CA ASN A 156 -16.75 -7.85 -23.73
C ASN A 156 -17.52 -8.58 -24.81
N ASN A 157 -18.69 -9.12 -24.47
CA ASN A 157 -19.45 -10.07 -25.28
C ASN A 157 -18.80 -11.44 -25.12
N THR A 158 -17.84 -11.55 -24.19
CA THR A 158 -17.02 -12.73 -23.94
C THR A 158 -16.37 -13.28 -25.20
N VAL A 159 -15.91 -14.52 -25.12
CA VAL A 159 -15.38 -15.21 -26.28
C VAL A 159 -16.01 -16.59 -26.33
N THR A 160 -16.31 -17.04 -27.53
CA THR A 160 -16.89 -18.35 -27.69
C THR A 160 -15.69 -19.28 -27.69
N THR A 161 -15.85 -20.50 -27.23
CA THR A 161 -14.57 -21.18 -27.07
C THR A 161 -14.47 -22.30 -28.09
N SER A 162 -13.23 -22.74 -28.28
CA SER A 162 -12.95 -23.90 -29.11
C SER A 162 -11.76 -24.66 -28.56
N SER A 163 -11.91 -25.97 -28.46
CA SER A 163 -10.86 -26.78 -27.87
C SER A 163 -10.72 -28.02 -28.74
N LEU A 164 -9.56 -28.65 -28.62
CA LEU A 164 -9.28 -29.86 -29.38
C LEU A 164 -9.27 -31.02 -28.39
N SER A 165 -9.73 -32.17 -28.88
CA SER A 165 -9.76 -33.36 -28.06
C SER A 165 -8.98 -34.49 -28.71
N GLY A 166 -8.59 -35.45 -27.88
CA GLY A 166 -7.98 -36.69 -28.31
C GLY A 166 -6.81 -37.00 -27.41
N ASN A 167 -6.23 -35.97 -26.80
CA ASN A 167 -5.05 -36.18 -25.97
C ASN A 167 -5.41 -37.03 -24.76
N LYS A 168 -4.73 -38.15 -24.61
CA LYS A 168 -5.03 -39.08 -23.53
C LYS A 168 -4.20 -38.83 -22.28
N ASP A 169 -3.24 -37.91 -22.33
CA ASP A 169 -2.37 -37.66 -21.18
C ASP A 169 -1.90 -36.20 -21.21
N SER A 170 -1.21 -35.82 -20.14
CA SER A 170 -0.78 -34.43 -19.94
C SER A 170 0.11 -33.94 -21.09
N ILE A 171 -0.24 -32.76 -21.61
CA ILE A 171 0.44 -32.17 -22.76
C ILE A 171 1.60 -31.28 -22.31
N TYR A 172 2.77 -31.46 -22.94
CA TYR A 172 3.97 -30.72 -22.61
C TYR A 172 4.49 -29.83 -23.74
N SER A 173 3.99 -29.97 -24.95
CA SER A 173 4.47 -29.12 -26.04
C SER A 173 3.40 -29.04 -27.12
N LEU A 174 3.58 -28.08 -28.02
CA LEU A 174 2.55 -27.69 -28.96
C LEU A 174 3.14 -26.77 -30.03
N ALA A 175 2.83 -27.03 -31.29
CA ALA A 175 3.28 -26.16 -32.37
C ALA A 175 2.20 -26.04 -33.43
N MET A 176 2.17 -24.85 -34.06
CA MET A 176 1.40 -24.61 -35.27
C MET A 176 2.36 -24.15 -36.36
N ASN A 177 1.95 -24.33 -37.60
CA ASN A 177 2.73 -23.76 -38.70
C ASN A 177 2.29 -22.31 -38.95
N GLN A 178 3.09 -21.60 -39.74
CA GLN A 178 2.87 -20.17 -39.95
C GLN A 178 1.52 -19.90 -40.61
N LEU A 179 1.06 -20.80 -41.49
CA LEU A 179 -0.19 -20.67 -42.20
C LEU A 179 -1.41 -21.03 -41.35
N GLY A 180 -1.22 -21.68 -40.21
CA GLY A 180 -2.32 -22.05 -39.34
C GLY A 180 -3.21 -23.13 -39.92
N THR A 181 -2.62 -24.13 -40.57
CA THR A 181 -3.34 -25.23 -41.18
C THR A 181 -3.04 -26.56 -40.49
N ILE A 182 -1.98 -26.61 -39.68
CA ILE A 182 -1.58 -27.81 -38.96
C ILE A 182 -1.26 -27.42 -37.52
N ILE A 183 -1.76 -28.21 -36.57
CA ILE A 183 -1.37 -28.09 -35.17
C ILE A 183 -0.97 -29.47 -34.67
N VAL A 184 0.11 -29.54 -33.90
CA VAL A 184 0.62 -30.79 -33.36
C VAL A 184 0.83 -30.58 -31.86
N SER A 185 0.50 -31.61 -31.08
CA SER A 185 0.76 -31.59 -29.64
C SER A 185 1.72 -32.70 -29.28
N GLY A 186 2.51 -32.44 -28.25
CA GLY A 186 3.43 -33.43 -27.70
C GLY A 186 3.11 -33.63 -26.24
N SER A 187 3.21 -34.87 -25.77
CA SER A 187 2.77 -35.16 -24.42
C SER A 187 3.46 -36.42 -23.92
N THR A 188 3.14 -36.77 -22.66
CA THR A 188 3.59 -37.97 -21.99
C THR A 188 2.90 -39.23 -22.52
N GLU A 189 1.99 -39.09 -23.48
CA GLU A 189 1.42 -40.24 -24.15
C GLU A 189 2.36 -40.84 -25.18
N LYS A 190 3.46 -40.16 -25.53
CA LYS A 190 4.55 -40.65 -26.39
C LYS A 190 4.14 -40.66 -27.85
N VAL A 191 2.94 -40.20 -28.17
CA VAL A 191 2.48 -39.98 -29.53
C VAL A 191 2.23 -38.49 -29.76
N LEU A 192 2.60 -38.01 -30.95
CA LEU A 192 2.21 -36.68 -31.40
C LEU A 192 0.86 -36.76 -32.10
N ARG A 193 -0.07 -35.89 -31.69
CA ARG A 193 -1.41 -35.83 -32.26
C ARG A 193 -1.52 -34.57 -33.11
N VAL A 194 -2.09 -34.71 -34.30
CA VAL A 194 -2.17 -33.62 -35.27
C VAL A 194 -3.62 -33.34 -35.63
N TRP A 195 -3.99 -32.06 -35.64
CA TRP A 195 -5.31 -31.63 -36.08
C TRP A 195 -5.15 -30.53 -37.10
N ASP A 196 -6.20 -30.29 -37.87
CA ASP A 196 -6.36 -29.04 -38.61
C ASP A 196 -7.03 -28.01 -37.69
N PRO A 197 -6.35 -26.92 -37.33
CA PRO A 197 -7.00 -25.91 -36.48
C PRO A 197 -8.18 -25.20 -37.13
N ARG A 198 -8.28 -25.19 -38.46
CA ARG A 198 -9.38 -24.49 -39.11
C ARG A 198 -10.70 -25.25 -38.95
N THR A 199 -10.64 -26.57 -38.86
CA THR A 199 -11.83 -27.41 -38.83
C THR A 199 -11.96 -28.25 -37.56
N CYS A 200 -10.91 -28.29 -36.72
CA CYS A 200 -10.81 -29.14 -35.53
C CYS A 200 -10.82 -30.62 -35.88
N ALA A 201 -10.65 -30.97 -37.15
CA ALA A 201 -10.62 -32.36 -37.57
C ALA A 201 -9.31 -33.02 -37.19
N LYS A 202 -9.42 -34.26 -36.72
CA LYS A 202 -8.24 -35.07 -36.46
C LYS A 202 -7.60 -35.45 -37.78
N LEU A 203 -6.28 -35.31 -37.88
CA LEU A 203 -5.59 -35.63 -39.12
C LEU A 203 -4.83 -36.95 -39.06
N MET A 204 -4.09 -37.21 -37.98
CA MET A 204 -3.23 -38.38 -37.94
C MET A 204 -2.68 -38.54 -36.54
N LYS A 205 -2.15 -39.73 -36.28
CA LYS A 205 -1.48 -40.04 -35.01
C LYS A 205 -0.08 -40.54 -35.35
N LEU A 206 0.93 -39.78 -34.91
CA LEU A 206 2.33 -40.09 -35.19
C LEU A 206 3.01 -40.83 -34.04
N LYS A 207 3.37 -42.09 -34.26
CA LYS A 207 3.94 -42.95 -33.23
C LYS A 207 5.41 -43.17 -33.51
N GLY A 208 6.22 -43.24 -32.45
CA GLY A 208 7.65 -43.45 -32.61
C GLY A 208 8.46 -43.14 -31.37
N HIS A 209 8.11 -42.06 -30.67
CA HIS A 209 8.82 -41.71 -29.45
C HIS A 209 8.49 -42.69 -28.33
N THR A 210 9.46 -42.90 -27.44
CA THR A 210 9.27 -43.79 -26.30
C THR A 210 9.25 -43.04 -24.98
N ASP A 211 9.11 -41.72 -25.01
CA ASP A 211 9.04 -40.92 -23.80
C ASP A 211 8.32 -39.61 -24.12
N ASN A 212 8.18 -38.78 -23.10
CA ASN A 212 7.60 -37.44 -23.24
C ASN A 212 8.22 -36.69 -24.41
N VAL A 213 7.45 -35.79 -25.02
CA VAL A 213 7.93 -34.97 -26.12
C VAL A 213 7.72 -33.52 -25.67
N LYS A 214 8.82 -32.86 -25.33
CA LYS A 214 8.81 -31.50 -24.80
C LYS A 214 9.15 -30.41 -25.82
N ALA A 215 9.46 -30.77 -27.07
CA ALA A 215 9.86 -29.78 -28.06
C ALA A 215 9.30 -30.12 -29.44
N LEU A 216 8.63 -29.14 -30.06
CA LEU A 216 7.98 -29.35 -31.36
C LEU A 216 8.19 -28.13 -32.24
N LEU A 217 8.42 -28.38 -33.53
CA LEU A 217 8.54 -27.34 -34.53
C LEU A 217 7.89 -27.79 -35.82
N LEU A 218 7.30 -26.83 -36.55
CA LEU A 218 6.72 -27.08 -37.86
C LEU A 218 7.33 -26.12 -38.88
N ASN A 219 7.54 -26.61 -40.10
CA ASN A 219 7.94 -25.76 -41.21
C ASN A 219 6.78 -24.85 -41.64
N ARG A 220 7.09 -23.91 -42.54
CA ARG A 220 6.18 -22.81 -42.82
C ARG A 220 4.84 -23.28 -43.36
N ASP A 221 4.84 -24.29 -44.24
CA ASP A 221 3.61 -24.80 -44.82
C ASP A 221 3.14 -26.09 -44.15
N GLY A 222 3.60 -26.37 -42.94
CA GLY A 222 3.07 -27.48 -42.16
C GLY A 222 3.14 -28.82 -42.86
N THR A 223 4.23 -29.08 -43.59
CA THR A 223 4.42 -30.37 -44.24
C THR A 223 5.46 -31.25 -43.56
N GLN A 224 6.38 -30.66 -42.80
CA GLN A 224 7.35 -31.43 -42.03
C GLN A 224 7.33 -30.96 -40.58
N CYS A 225 7.70 -31.88 -39.68
CA CYS A 225 7.73 -31.59 -38.25
C CYS A 225 9.01 -32.14 -37.64
N LEU A 226 9.58 -31.36 -36.72
CA LEU A 226 10.69 -31.83 -35.88
C LEU A 226 10.18 -31.93 -34.45
N SER A 227 10.42 -33.08 -33.82
CA SER A 227 10.09 -33.29 -32.41
C SER A 227 11.33 -33.64 -31.60
N GLY A 228 11.39 -33.08 -30.40
CA GLY A 228 12.46 -33.38 -29.46
C GLY A 228 11.86 -34.00 -28.22
N SER A 229 12.50 -35.05 -27.72
CA SER A 229 11.86 -35.93 -26.75
C SER A 229 12.82 -36.27 -25.62
N SER A 230 12.25 -36.60 -24.47
CA SER A 230 13.02 -36.99 -23.29
C SER A 230 13.69 -38.34 -23.45
N ASP A 231 13.39 -39.06 -24.53
CA ASP A 231 14.08 -40.31 -24.85
C ASP A 231 15.44 -40.08 -25.50
N GLY A 232 15.81 -38.82 -25.73
CA GLY A 232 17.10 -38.47 -26.26
C GLY A 232 17.19 -38.33 -27.76
N THR A 233 16.10 -38.56 -28.49
CA THR A 233 16.13 -38.49 -29.93
C THR A 233 15.40 -37.25 -30.45
N ILE A 234 15.83 -36.80 -31.63
CA ILE A 234 15.09 -35.84 -32.45
C ILE A 234 14.51 -36.62 -33.61
N ARG A 235 13.25 -36.38 -33.93
CA ARG A 235 12.66 -37.10 -35.05
C ARG A 235 12.07 -36.12 -36.05
N LEU A 236 12.29 -36.40 -37.33
CA LEU A 236 11.72 -35.63 -38.42
C LEU A 236 10.55 -36.41 -39.01
N TRP A 237 9.43 -35.74 -39.22
CA TRP A 237 8.22 -36.38 -39.68
C TRP A 237 7.78 -35.76 -41.00
N SER A 238 7.28 -36.60 -41.89
CA SER A 238 6.60 -36.12 -43.09
C SER A 238 5.10 -36.23 -42.79
N LEU A 239 4.41 -35.10 -42.90
CA LEU A 239 2.98 -35.11 -42.60
C LEU A 239 2.17 -35.60 -43.79
N GLY A 240 2.72 -35.45 -44.99
CA GLY A 240 2.09 -36.01 -46.18
C GLY A 240 2.12 -37.53 -46.23
N GLN A 241 3.15 -38.14 -45.64
CA GLN A 241 3.25 -39.59 -45.58
C GLN A 241 2.82 -40.17 -44.24
N GLN A 242 2.61 -39.34 -43.22
CA GLN A 242 2.26 -39.78 -41.87
C GLN A 242 3.26 -40.82 -41.34
N ARG A 243 4.55 -40.51 -41.45
CA ARG A 243 5.54 -41.42 -40.90
C ARG A 243 6.84 -40.68 -40.62
N CYS A 244 7.70 -41.34 -39.83
CA CYS A 244 9.01 -40.81 -39.46
C CYS A 244 9.99 -41.03 -40.61
N ILE A 245 10.70 -39.98 -41.01
CA ILE A 245 11.66 -40.10 -42.12
C ILE A 245 13.09 -39.95 -41.66
N ALA A 246 13.34 -39.67 -40.38
CA ALA A 246 14.70 -39.64 -39.87
C ALA A 246 14.67 -39.58 -38.35
N THR A 247 15.65 -40.22 -37.71
CA THR A 247 15.79 -40.21 -36.25
C THR A 247 17.21 -39.81 -35.92
N TYR A 248 17.37 -38.84 -35.02
CA TYR A 248 18.69 -38.36 -34.63
C TYR A 248 18.93 -38.57 -33.14
N ARG A 249 20.03 -39.21 -32.79
CA ARG A 249 20.41 -39.48 -31.40
C ARG A 249 21.73 -38.76 -31.13
N VAL A 250 21.67 -37.43 -30.99
CA VAL A 250 22.89 -36.65 -30.79
C VAL A 250 23.11 -36.27 -29.33
N HIS A 251 22.13 -36.48 -28.46
CA HIS A 251 22.24 -36.13 -27.05
C HIS A 251 22.36 -37.39 -26.20
N ASP A 252 22.80 -37.21 -24.97
CA ASP A 252 22.92 -38.30 -24.01
C ASP A 252 21.67 -38.46 -23.17
N GLU A 253 20.98 -37.37 -22.88
CA GLU A 253 19.77 -37.39 -22.06
C GLU A 253 18.62 -36.72 -22.82
N GLY A 254 17.53 -36.43 -22.13
CA GLY A 254 16.36 -35.90 -22.81
C GLY A 254 16.64 -34.59 -23.52
N VAL A 255 16.07 -34.46 -24.72
CA VAL A 255 16.11 -33.23 -25.51
C VAL A 255 14.89 -32.39 -25.14
N TRP A 256 15.12 -31.16 -24.69
CA TRP A 256 14.05 -30.32 -24.18
C TRP A 256 13.72 -29.10 -25.03
N ALA A 257 14.60 -28.71 -25.95
CA ALA A 257 14.45 -27.44 -26.63
C ALA A 257 14.96 -27.58 -28.06
N LEU A 258 14.21 -27.06 -29.03
CA LEU A 258 14.62 -27.11 -30.42
C LEU A 258 14.47 -25.74 -31.07
N GLN A 259 15.40 -25.43 -31.96
CA GLN A 259 15.28 -24.34 -32.94
C GLN A 259 15.72 -24.84 -34.30
N VAL A 260 15.27 -24.13 -35.34
CA VAL A 260 15.57 -24.48 -36.71
C VAL A 260 15.79 -23.17 -37.46
N ASN A 261 16.68 -23.19 -38.44
CA ASN A 261 16.89 -22.01 -39.25
C ASN A 261 15.71 -21.77 -40.20
N ASP A 262 15.71 -20.58 -40.81
CA ASP A 262 14.62 -20.19 -41.70
C ASP A 262 14.48 -21.16 -42.87
N ALA A 263 15.58 -21.78 -43.29
CA ALA A 263 15.61 -22.70 -44.43
C ALA A 263 15.19 -24.11 -44.06
N PHE A 264 14.94 -24.37 -42.76
CA PHE A 264 14.56 -25.69 -42.26
C PHE A 264 15.58 -26.76 -42.63
N THR A 265 16.87 -26.44 -42.48
CA THR A 265 17.94 -27.34 -42.88
C THR A 265 18.94 -27.62 -41.76
N HIS A 266 19.09 -26.73 -40.78
CA HIS A 266 19.88 -26.96 -39.59
C HIS A 266 18.99 -26.87 -38.38
N VAL A 267 19.08 -27.86 -37.49
CA VAL A 267 18.28 -27.89 -36.26
C VAL A 267 19.21 -27.63 -35.08
N TYR A 268 18.81 -26.72 -34.21
CA TYR A 268 19.52 -26.44 -32.96
C TYR A 268 18.79 -27.16 -31.83
N SER A 269 19.54 -27.94 -31.05
CA SER A 269 18.95 -28.75 -30.00
C SER A 269 19.69 -28.55 -28.68
N GLY A 270 18.94 -28.68 -27.59
CA GLY A 270 19.49 -28.56 -26.25
C GLY A 270 18.58 -29.29 -25.28
N GLY A 271 19.15 -29.64 -24.13
CA GLY A 271 18.37 -30.36 -23.14
C GLY A 271 19.08 -30.67 -21.84
N ARG A 272 18.79 -31.85 -21.31
CA ARG A 272 19.21 -32.23 -19.97
C ARG A 272 20.72 -32.43 -19.88
N ASP A 273 21.36 -32.79 -20.99
CA ASP A 273 22.78 -33.10 -21.00
C ASP A 273 23.66 -31.86 -21.13
N ARG A 274 23.04 -30.67 -21.06
CA ARG A 274 23.69 -29.36 -20.98
C ARG A 274 24.36 -28.96 -22.29
N LYS A 275 24.48 -29.90 -23.22
CA LYS A 275 25.16 -29.65 -24.48
C LYS A 275 24.18 -29.12 -25.53
N ILE A 276 24.64 -28.17 -26.34
CA ILE A 276 23.83 -27.58 -27.39
C ILE A 276 24.48 -27.89 -28.73
N TYR A 277 23.74 -28.52 -29.62
CA TYR A 277 24.26 -28.93 -30.92
C TYR A 277 23.51 -28.24 -32.05
N CYS A 278 24.23 -28.02 -33.14
CA CYS A 278 23.65 -27.67 -34.43
C CYS A 278 23.88 -28.85 -35.37
N THR A 279 22.80 -29.46 -35.85
CA THR A 279 22.90 -30.65 -36.68
C THR A 279 22.26 -30.36 -38.03
N ASP A 280 22.96 -30.71 -39.09
CA ASP A 280 22.42 -30.58 -40.44
C ASP A 280 21.46 -31.73 -40.70
N LEU A 281 20.23 -31.41 -41.08
CA LEU A 281 19.21 -32.44 -41.25
C LEU A 281 19.48 -33.30 -42.48
N ARG A 282 20.02 -32.70 -43.54
CA ARG A 282 20.32 -33.45 -44.77
C ARG A 282 21.52 -34.37 -44.59
N ASN A 283 22.49 -33.99 -43.75
CA ASN A 283 23.69 -34.79 -43.50
C ASN A 283 23.98 -34.84 -42.01
N PRO A 284 23.40 -35.82 -41.31
CA PRO A 284 23.50 -35.83 -39.84
C PRO A 284 24.93 -35.83 -39.30
N ASP A 285 25.84 -36.61 -39.89
CA ASP A 285 27.18 -36.78 -39.34
C ASP A 285 27.94 -35.46 -39.20
N ILE A 286 27.72 -34.51 -40.10
CA ILE A 286 28.21 -33.14 -39.91
C ILE A 286 27.29 -32.46 -38.89
N ARG A 287 27.76 -32.37 -37.66
CA ARG A 287 27.08 -31.62 -36.61
C ARG A 287 28.12 -30.90 -35.75
N VAL A 288 27.71 -29.77 -35.17
CA VAL A 288 28.62 -28.88 -34.46
C VAL A 288 28.13 -28.68 -33.03
N LEU A 289 29.03 -28.93 -32.08
CA LEU A 289 28.81 -28.58 -30.68
C LEU A 289 28.98 -27.08 -30.53
N ILE A 290 27.89 -26.36 -30.25
CA ILE A 290 27.96 -24.91 -30.16
C ILE A 290 28.57 -24.48 -28.83
N CYS A 291 28.16 -25.11 -27.74
CA CYS A 291 28.69 -24.83 -26.41
C CYS A 291 28.13 -25.88 -25.46
N GLU A 292 28.71 -25.93 -24.25
CA GLU A 292 28.13 -26.68 -23.15
C GLU A 292 27.76 -25.68 -22.06
N GLU A 293 26.47 -25.56 -21.80
CA GLU A 293 25.94 -24.64 -20.80
C GLU A 293 26.16 -25.20 -19.39
N LYS A 294 25.86 -24.35 -18.40
CA LYS A 294 26.16 -24.63 -17.00
C LYS A 294 24.99 -25.29 -16.28
N ALA A 295 23.86 -25.43 -16.97
CA ALA A 295 22.63 -25.96 -16.39
C ALA A 295 21.76 -26.48 -17.53
N PRO A 296 20.83 -27.40 -17.24
CA PRO A 296 19.96 -27.94 -18.30
C PRO A 296 19.30 -26.86 -19.13
N VAL A 297 19.31 -27.06 -20.45
CA VAL A 297 18.77 -26.07 -21.37
C VAL A 297 17.26 -26.26 -21.44
N LEU A 298 16.50 -25.19 -21.22
CA LEU A 298 15.04 -25.30 -21.26
C LEU A 298 14.43 -24.81 -22.57
N LYS A 299 14.99 -23.76 -23.18
CA LYS A 299 14.46 -23.19 -24.40
C LYS A 299 15.55 -22.36 -25.08
N MET A 300 15.43 -22.26 -26.41
CA MET A 300 16.38 -21.50 -27.22
C MET A 300 15.60 -20.68 -28.23
N GLU A 301 16.12 -19.49 -28.55
CA GLU A 301 15.49 -18.64 -29.56
C GLU A 301 16.57 -18.06 -30.46
N LEU A 302 16.58 -18.48 -31.73
CA LEU A 302 17.53 -17.93 -32.69
C LEU A 302 17.34 -16.43 -32.90
N ASP A 303 18.45 -15.71 -33.00
CA ASP A 303 18.46 -14.36 -33.58
C ASP A 303 18.44 -14.50 -35.09
N ARG A 304 17.44 -13.90 -35.74
CA ARG A 304 17.25 -14.01 -37.19
C ARG A 304 17.50 -12.70 -37.93
N SER A 305 18.41 -11.87 -37.42
CA SER A 305 18.81 -10.64 -38.12
C SER A 305 19.29 -10.94 -39.53
N ALA A 306 20.03 -12.02 -39.72
CA ALA A 306 20.66 -12.37 -41.00
C ALA A 306 20.35 -13.81 -41.31
N ASP A 307 20.44 -14.17 -42.61
CA ASP A 307 20.00 -15.47 -43.10
C ASP A 307 20.74 -16.51 -42.24
N PRO A 308 22.03 -16.80 -42.40
CA PRO A 308 22.66 -17.75 -41.48
C PRO A 308 22.67 -17.11 -40.10
N PRO A 309 21.84 -17.58 -39.17
CA PRO A 309 21.60 -16.78 -37.96
C PRO A 309 22.88 -16.50 -37.19
N PRO A 310 23.04 -15.26 -36.72
CA PRO A 310 24.31 -14.87 -36.08
C PRO A 310 24.48 -15.39 -34.67
N ALA A 311 23.37 -15.64 -33.97
CA ALA A 311 23.45 -16.06 -32.57
C ALA A 311 22.19 -16.78 -32.16
N ILE A 312 22.28 -17.48 -31.03
CA ILE A 312 21.16 -18.15 -30.39
C ILE A 312 21.12 -17.80 -28.91
N TRP A 313 19.95 -17.36 -28.44
CA TRP A 313 19.71 -17.11 -27.02
C TRP A 313 19.25 -18.40 -26.35
N VAL A 314 19.70 -18.62 -25.11
CA VAL A 314 19.49 -19.89 -24.44
C VAL A 314 18.99 -19.63 -23.01
N ALA A 315 17.86 -20.23 -22.68
CA ALA A 315 17.30 -20.19 -21.33
C ALA A 315 17.59 -21.50 -20.62
N THR A 316 17.98 -21.41 -19.35
CA THR A 316 18.29 -22.62 -18.57
C THR A 316 17.59 -22.58 -17.22
N THR A 317 17.92 -23.53 -16.34
CA THR A 317 17.39 -23.52 -14.98
C THR A 317 18.05 -22.47 -14.11
N LYS A 318 19.17 -21.90 -14.56
CA LYS A 318 19.81 -20.78 -13.90
C LYS A 318 19.11 -19.48 -14.25
N SER A 319 19.35 -18.46 -13.44
CA SER A 319 18.64 -17.19 -13.59
C SER A 319 19.27 -16.31 -14.65
N THR A 320 20.47 -16.63 -15.09
CA THR A 320 21.14 -15.88 -16.16
C THR A 320 20.70 -16.40 -17.52
N VAL A 321 20.70 -15.49 -18.50
CA VAL A 321 20.34 -15.81 -19.88
C VAL A 321 21.53 -15.45 -20.76
N ASN A 322 22.04 -16.44 -21.49
CA ASN A 322 23.23 -16.28 -22.31
C ASN A 322 22.87 -16.22 -23.79
N LYS A 323 23.45 -15.25 -24.49
CA LYS A 323 23.46 -15.22 -25.95
C LYS A 323 24.77 -15.79 -26.46
N TRP A 324 24.70 -16.80 -27.33
CA TRP A 324 25.90 -17.39 -27.92
C TRP A 324 25.95 -17.05 -29.40
N THR A 325 27.11 -16.58 -29.86
CA THR A 325 27.33 -16.19 -31.26
C THR A 325 27.68 -17.46 -32.08
N LEU A 326 27.35 -17.47 -33.38
CA LEU A 326 27.52 -18.59 -34.30
C LEU A 326 28.40 -18.19 -35.49
N LYS A 327 29.14 -17.07 -35.37
CA LYS A 327 30.07 -16.49 -36.34
C LYS A 327 31.27 -17.39 -36.65
N GLY A 328 30.96 -18.56 -37.17
CA GLY A 328 32.01 -19.48 -37.53
C GLY A 328 31.72 -20.94 -37.78
N ILE A 329 30.76 -21.20 -38.68
CA ILE A 329 30.39 -22.51 -39.15
C ILE A 329 31.53 -23.10 -39.98
N ASN A 344 30.15 -36.13 -32.70
CA ASN A 344 31.33 -35.88 -33.53
C ASN A 344 32.34 -34.94 -32.83
N PRO A 345 31.90 -33.78 -32.31
CA PRO A 345 32.90 -32.82 -31.80
C PRO A 345 33.16 -32.91 -30.30
N ILE A 346 34.44 -32.97 -29.92
CA ILE A 346 34.82 -32.81 -28.52
C ILE A 346 34.89 -31.33 -28.16
N THR A 347 35.46 -30.51 -29.04
CA THR A 347 35.73 -29.12 -28.73
C THR A 347 34.50 -28.26 -28.95
N PRO A 348 34.06 -27.49 -27.94
CA PRO A 348 32.94 -26.56 -28.16
C PRO A 348 33.36 -25.40 -29.03
N LEU A 349 32.44 -24.98 -29.92
CA LEU A 349 32.64 -23.77 -30.71
C LEU A 349 32.84 -22.54 -29.84
N CYS A 350 32.08 -22.42 -28.75
CA CYS A 350 32.18 -21.27 -27.86
C CYS A 350 32.43 -21.72 -26.43
N THR A 351 33.13 -20.86 -25.69
CA THR A 351 33.49 -21.07 -24.31
C THR A 351 32.94 -20.00 -23.38
N GLN A 352 32.73 -18.79 -23.87
CA GLN A 352 32.11 -17.73 -23.10
C GLN A 352 30.95 -17.15 -23.89
N PRO A 353 29.85 -16.84 -23.22
CA PRO A 353 28.72 -16.18 -23.92
C PRO A 353 29.12 -14.86 -24.56
N ASP A 354 28.35 -14.48 -25.58
CA ASP A 354 28.63 -13.28 -26.34
C ASP A 354 27.97 -12.07 -25.67
N GLN A 355 26.77 -12.27 -25.14
CA GLN A 355 26.12 -11.33 -24.24
C GLN A 355 25.65 -12.12 -23.02
N VAL A 356 25.49 -11.44 -21.89
CA VAL A 356 25.04 -12.06 -20.65
C VAL A 356 24.02 -11.15 -19.98
N ILE A 357 22.80 -11.65 -19.81
CA ILE A 357 21.82 -10.99 -18.95
C ILE A 357 21.95 -11.56 -17.55
N LYS A 358 22.31 -10.73 -16.60
CA LYS A 358 22.63 -11.21 -15.26
C LYS A 358 21.36 -11.68 -14.56
N GLY A 359 21.49 -12.71 -13.73
CA GLY A 359 20.40 -13.17 -12.91
C GLY A 359 20.70 -13.03 -11.42
N GLY A 360 19.65 -13.19 -10.62
CA GLY A 360 19.76 -13.18 -9.18
C GLY A 360 19.63 -14.57 -8.57
N ALA A 361 19.79 -14.61 -7.25
CA ALA A 361 19.77 -15.86 -6.52
C ALA A 361 18.34 -16.28 -6.23
N SER A 362 18.12 -17.58 -6.16
CA SER A 362 16.84 -18.12 -5.72
C SER A 362 16.95 -18.53 -4.25
N ILE A 363 15.88 -18.30 -3.49
CA ILE A 363 15.79 -18.83 -2.13
C ILE A 363 15.39 -20.30 -2.21
N ILE A 364 16.28 -21.19 -1.79
CA ILE A 364 16.10 -22.62 -1.96
C ILE A 364 15.88 -23.35 -0.64
N GLN A 365 16.10 -22.69 0.50
CA GLN A 365 15.95 -23.31 1.80
C GLN A 365 15.45 -22.28 2.80
N CYS A 366 14.54 -22.71 3.67
CA CYS A 366 13.82 -21.81 4.55
C CYS A 366 13.61 -22.50 5.90
N HIS A 367 13.88 -21.75 6.97
CA HIS A 367 13.68 -22.22 8.34
C HIS A 367 12.90 -21.20 9.16
N ILE A 368 11.81 -21.66 9.76
CA ILE A 368 11.00 -20.81 10.62
C ILE A 368 11.58 -20.92 12.03
N LEU A 369 11.93 -19.77 12.62
CA LEU A 369 12.55 -19.75 13.93
C LEU A 369 11.50 -20.02 15.02
N ASN A 370 11.98 -20.23 16.25
CA ASN A 370 11.06 -20.60 17.31
C ASN A 370 10.14 -19.46 17.71
N ASP A 371 10.50 -18.21 17.42
CA ASP A 371 9.62 -17.09 17.73
C ASP A 371 8.44 -16.99 16.76
N LYS A 372 8.45 -17.81 15.71
CA LYS A 372 7.40 -17.83 14.69
C LYS A 372 7.19 -16.44 14.10
N ARG A 373 8.31 -15.73 13.90
CA ARG A 373 8.34 -14.32 13.54
C ARG A 373 9.47 -14.03 12.56
N HIS A 374 10.58 -14.71 12.72
CA HIS A 374 11.76 -14.55 11.88
C HIS A 374 12.02 -15.79 11.05
N ILE A 375 12.68 -15.61 9.90
CA ILE A 375 13.02 -16.71 9.02
C ILE A 375 14.48 -16.60 8.63
N LEU A 376 15.17 -17.74 8.61
CA LEU A 376 16.52 -17.83 8.07
C LEU A 376 16.44 -18.48 6.70
N THR A 377 17.12 -17.91 5.72
CA THR A 377 17.11 -18.46 4.37
C THR A 377 18.53 -18.79 3.92
N LYS A 378 18.61 -19.68 2.95
CA LYS A 378 19.82 -19.90 2.18
C LYS A 378 19.43 -19.78 0.70
N ASP A 379 20.29 -19.13 -0.09
CA ASP A 379 20.03 -18.98 -1.51
C ASP A 379 21.08 -19.72 -2.34
N THR A 380 20.92 -19.64 -3.66
CA THR A 380 21.75 -20.37 -4.60
C THR A 380 23.21 -19.96 -4.53
N ASN A 381 23.51 -18.79 -3.95
CA ASN A 381 24.88 -18.37 -3.72
C ASN A 381 25.42 -18.85 -2.38
N ASN A 382 24.65 -19.66 -1.66
CA ASN A 382 24.98 -20.12 -0.31
C ASN A 382 25.05 -18.98 0.67
N ASN A 383 24.39 -17.87 0.35
CA ASN A 383 24.20 -16.76 1.26
C ASN A 383 23.02 -16.99 2.18
N VAL A 384 23.16 -16.52 3.41
CA VAL A 384 22.19 -16.74 4.48
C VAL A 384 21.66 -15.38 4.90
N ALA A 385 20.34 -15.26 5.00
CA ALA A 385 19.73 -13.99 5.38
C ALA A 385 18.70 -14.21 6.48
N TYR A 386 18.39 -13.10 7.15
CA TYR A 386 17.49 -13.07 8.30
C TYR A 386 16.34 -12.13 7.95
N TRP A 387 15.10 -12.60 8.12
CA TRP A 387 13.94 -11.84 7.69
C TRP A 387 12.92 -11.70 8.82
N ASP A 388 12.09 -10.66 8.70
CA ASP A 388 11.02 -10.36 9.65
C ASP A 388 9.69 -10.62 8.94
N VAL A 389 9.07 -11.77 9.24
CA VAL A 389 7.82 -12.14 8.58
C VAL A 389 6.73 -11.13 8.91
N LEU A 390 6.70 -10.66 10.15
CA LEU A 390 5.65 -9.73 10.57
C LEU A 390 5.75 -8.40 9.83
N LYS A 391 6.96 -7.87 9.66
CA LYS A 391 7.12 -6.61 8.94
C LYS A 391 7.37 -6.80 7.45
N ALA A 392 7.38 -8.06 6.97
CA ALA A 392 7.55 -8.41 5.57
C ALA A 392 8.78 -7.76 4.93
N CYS A 393 9.95 -7.99 5.55
CA CYS A 393 11.17 -7.41 5.03
C CYS A 393 12.37 -8.18 5.55
N LYS A 394 13.52 -7.92 4.92
CA LYS A 394 14.79 -8.49 5.36
C LYS A 394 15.32 -7.69 6.54
N VAL A 395 16.04 -8.38 7.44
CA VAL A 395 16.63 -7.76 8.61
C VAL A 395 18.14 -7.59 8.45
N GLU A 396 18.84 -8.68 8.10
CA GLU A 396 20.27 -8.55 7.82
C GLU A 396 20.72 -9.71 6.93
N ASP A 397 21.69 -9.40 6.06
CA ASP A 397 22.41 -10.42 5.32
C ASP A 397 23.55 -10.95 6.17
N LEU A 398 23.71 -12.27 6.19
CA LEU A 398 24.68 -12.94 7.04
C LEU A 398 25.84 -13.53 6.25
N GLY A 399 25.82 -13.41 4.93
CA GLY A 399 26.90 -13.96 4.13
C GLY A 399 26.88 -15.48 4.07
N LYS A 400 28.06 -16.06 3.87
CA LYS A 400 28.15 -17.50 3.67
C LYS A 400 28.45 -18.26 4.96
N VAL A 401 27.71 -17.93 6.03
CA VAL A 401 27.82 -18.70 7.26
C VAL A 401 27.19 -20.08 7.06
N ASP A 402 27.51 -21.00 7.97
CA ASP A 402 26.90 -22.32 7.92
C ASP A 402 25.43 -22.20 8.29
N PHE A 403 24.56 -22.77 7.44
CA PHE A 403 23.13 -22.57 7.56
C PHE A 403 22.58 -23.22 8.83
N GLU A 404 22.93 -24.49 9.06
CA GLU A 404 22.41 -25.20 10.23
C GLU A 404 23.04 -24.69 11.53
N ASP A 405 24.28 -24.22 11.48
CA ASP A 405 24.87 -23.63 12.69
C ASP A 405 24.21 -22.30 13.02
N GLU A 406 23.73 -21.59 12.01
CA GLU A 406 23.04 -20.32 12.22
C GLU A 406 21.65 -20.53 12.81
N ILE A 407 20.98 -21.63 12.46
CA ILE A 407 19.67 -21.92 13.04
C ILE A 407 19.82 -22.18 14.54
N LYS A 408 20.76 -23.04 14.92
CA LYS A 408 20.96 -23.37 16.32
C LYS A 408 21.47 -22.17 17.11
N LYS A 409 22.15 -21.23 16.45
CA LYS A 409 22.71 -20.08 17.16
C LYS A 409 21.63 -19.09 17.59
N ARG A 410 20.50 -19.05 16.89
CA ARG A 410 19.46 -18.08 17.21
C ARG A 410 18.28 -18.76 17.91
N PHE A 411 18.45 -20.03 18.25
CA PHE A 411 17.43 -20.82 18.95
C PHE A 411 17.08 -20.20 20.29
N LYS A 412 15.79 -20.05 20.57
CA LYS A 412 15.31 -19.60 21.85
C LYS A 412 14.25 -20.60 22.29
N MET A 413 14.32 -21.03 23.54
CA MET A 413 13.42 -22.06 24.04
C MET A 413 12.10 -21.40 24.43
N VAL A 414 11.26 -21.20 23.41
CA VAL A 414 9.98 -20.55 23.56
C VAL A 414 9.05 -21.19 22.55
N TYR A 415 7.77 -21.30 22.88
CA TYR A 415 6.82 -21.82 21.92
C TYR A 415 5.77 -20.78 21.56
N VAL A 416 5.55 -20.63 20.26
CA VAL A 416 4.54 -19.75 19.67
C VAL A 416 3.83 -20.60 18.62
N PRO A 417 2.49 -20.64 18.60
CA PRO A 417 1.81 -21.50 17.63
C PRO A 417 2.09 -21.09 16.19
N ASN A 418 2.14 -22.08 15.30
CA ASN A 418 2.27 -21.82 13.88
C ASN A 418 1.10 -20.98 13.40
N TRP A 419 1.39 -19.97 12.59
CA TRP A 419 0.32 -19.10 12.11
C TRP A 419 0.48 -18.71 10.65
N PHE A 420 1.52 -19.15 9.96
CA PHE A 420 1.63 -18.93 8.53
C PHE A 420 2.37 -20.09 7.90
N SER A 421 2.44 -20.09 6.58
CA SER A 421 3.29 -20.97 5.81
C SER A 421 4.07 -20.18 4.77
N VAL A 422 5.23 -20.70 4.40
CA VAL A 422 6.10 -20.06 3.43
C VAL A 422 6.27 -21.03 2.27
N ASP A 423 6.37 -20.48 1.04
CA ASP A 423 6.67 -21.32 -0.10
C ASP A 423 7.74 -20.64 -0.96
N LEU A 424 8.56 -21.48 -1.59
CA LEU A 424 9.69 -21.03 -2.40
C LEU A 424 9.51 -21.32 -3.89
N LYS A 425 8.27 -21.52 -4.36
CA LYS A 425 8.10 -21.99 -5.73
C LYS A 425 8.57 -20.97 -6.76
N THR A 426 8.45 -19.67 -6.47
CA THR A 426 8.93 -18.64 -7.38
C THR A 426 10.37 -18.25 -7.15
N GLY A 427 11.04 -18.78 -6.13
CA GLY A 427 12.38 -18.36 -5.83
C GLY A 427 12.48 -17.19 -4.88
N MET A 428 11.37 -16.50 -4.61
CA MET A 428 11.29 -15.45 -3.61
C MET A 428 10.50 -15.95 -2.41
N LEU A 429 10.55 -15.18 -1.32
CA LEU A 429 9.81 -15.56 -0.12
C LEU A 429 8.33 -15.18 -0.31
N THR A 430 7.46 -16.18 -0.36
CA THR A 430 6.03 -15.98 -0.38
C THR A 430 5.42 -16.55 0.90
N ILE A 431 4.68 -15.72 1.63
CA ILE A 431 4.10 -16.10 2.92
C ILE A 431 2.61 -16.28 2.68
N THR A 432 2.06 -17.39 3.18
CA THR A 432 0.65 -17.68 3.00
C THR A 432 -0.04 -17.81 4.36
N LEU A 433 -1.22 -17.20 4.47
CA LEU A 433 -2.05 -17.26 5.65
C LEU A 433 -3.31 -18.05 5.35
N ASP A 434 -3.70 -18.93 6.27
CA ASP A 434 -4.89 -19.75 6.11
C ASP A 434 -5.76 -19.56 7.35
N GLU A 435 -7.09 -19.57 7.14
CA GLU A 435 -8.04 -19.44 8.24
C GLU A 435 -7.79 -20.46 9.36
N SER A 436 -7.29 -21.64 9.03
CA SER A 436 -7.16 -22.69 10.03
C SER A 436 -6.20 -22.30 11.15
N ASP A 437 -5.11 -21.60 10.82
CA ASP A 437 -4.13 -21.22 11.85
C ASP A 437 -3.66 -19.78 11.78
N CYS A 438 -4.28 -18.92 10.95
CA CYS A 438 -3.82 -17.53 10.84
C CYS A 438 -3.84 -16.81 12.18
N PHE A 439 -4.80 -17.12 13.05
CA PHE A 439 -4.97 -16.40 14.30
C PHE A 439 -4.45 -17.18 15.51
N ALA A 440 -3.61 -18.19 15.28
CA ALA A 440 -3.22 -19.10 16.36
C ALA A 440 -2.22 -18.48 17.32
N ALA A 441 -1.53 -17.41 16.94
CA ALA A 441 -0.37 -16.90 17.68
C ALA A 441 -0.72 -15.57 18.36
N TRP A 442 -1.08 -15.63 19.64
CA TRP A 442 -1.15 -14.45 20.48
C TRP A 442 0.20 -14.21 21.15
N VAL A 443 0.72 -12.99 21.08
CA VAL A 443 1.90 -12.63 21.85
C VAL A 443 1.67 -11.28 22.53
N SER A 444 2.49 -11.01 23.56
CA SER A 444 2.46 -9.73 24.25
C SER A 444 3.22 -8.70 23.44
N ALA A 445 2.75 -7.45 23.46
CA ALA A 445 3.44 -6.39 22.72
C ALA A 445 4.92 -6.29 23.08
N LYS A 446 5.24 -6.49 24.37
CA LYS A 446 6.62 -6.35 24.82
C LYS A 446 7.51 -7.46 24.27
N ASP A 447 7.03 -8.71 24.30
CA ASP A 447 7.80 -9.82 23.77
C ASP A 447 7.83 -9.85 22.25
N ALA A 448 6.95 -9.10 21.60
CA ALA A 448 6.91 -8.97 20.15
C ALA A 448 7.74 -7.79 19.67
N GLY A 449 8.36 -7.05 20.57
CA GLY A 449 9.22 -5.94 20.19
C GLY A 449 8.47 -4.68 19.86
N PHE A 450 7.24 -4.55 20.35
CA PHE A 450 6.37 -3.41 20.11
C PHE A 450 6.21 -2.56 21.37
N SER A 451 5.63 -1.40 21.13
CA SER A 451 5.46 -0.31 22.08
C SER A 451 4.10 0.27 21.78
N SER A 452 3.25 0.38 22.79
CA SER A 452 1.95 0.94 22.48
C SER A 452 1.69 2.26 23.19
N PRO A 453 0.63 3.00 22.80
CA PRO A 453 0.44 4.33 23.38
C PRO A 453 0.03 4.30 24.83
N ASP A 454 -0.83 3.36 25.23
CA ASP A 454 -1.12 3.25 26.64
C ASP A 454 0.01 2.56 27.41
N GLY A 455 0.98 1.98 26.71
CA GLY A 455 2.05 1.24 27.36
C GLY A 455 1.59 0.12 28.26
N SER A 456 0.36 -0.38 28.04
CA SER A 456 -0.17 -1.45 28.87
C SER A 456 0.47 -2.80 28.56
N ASP A 457 0.84 -3.04 27.29
CA ASP A 457 1.28 -4.34 26.80
C ASP A 457 0.13 -5.35 26.90
N PRO A 458 -1.00 -5.13 26.20
CA PRO A 458 -1.98 -6.22 26.11
C PRO A 458 -1.54 -7.26 25.09
N LYS A 459 -2.50 -8.05 24.61
CA LYS A 459 -2.21 -9.28 23.89
C LYS A 459 -2.46 -9.00 22.41
N LEU A 460 -1.49 -9.33 21.57
CA LEU A 460 -1.61 -9.10 20.14
C LEU A 460 -1.66 -10.43 19.41
N ASN A 461 -2.52 -10.49 18.39
CA ASN A 461 -2.60 -11.62 17.48
C ASN A 461 -1.82 -11.31 16.21
N LEU A 462 -0.77 -12.09 15.95
CA LEU A 462 0.14 -11.76 14.86
C LEU A 462 -0.59 -11.76 13.53
N GLY A 463 -1.32 -12.82 13.23
CA GLY A 463 -2.03 -12.89 11.96
C GLY A 463 -3.04 -11.76 11.81
N GLY A 464 -3.68 -11.36 12.91
CA GLY A 464 -4.67 -10.30 12.83
C GLY A 464 -4.04 -8.94 12.58
N LEU A 465 -2.84 -8.70 13.15
CA LEU A 465 -2.18 -7.43 12.91
C LEU A 465 -1.66 -7.36 11.48
N LEU A 466 -1.11 -8.48 11.00
CA LEU A 466 -0.56 -8.52 9.65
C LEU A 466 -1.66 -8.28 8.61
N LEU A 467 -2.78 -9.00 8.74
CA LEU A 467 -3.93 -8.80 7.85
C LEU A 467 -4.34 -7.33 7.77
N GLN A 468 -4.30 -6.62 8.90
CA GLN A 468 -4.70 -5.21 8.90
C GLN A 468 -3.65 -4.34 8.21
N ALA A 469 -2.37 -4.67 8.38
CA ALA A 469 -1.33 -3.93 7.67
C ALA A 469 -1.42 -4.18 6.17
N LEU A 470 -1.69 -5.42 5.76
CA LEU A 470 -1.80 -5.73 4.33
C LEU A 470 -2.94 -4.94 3.70
N LEU A 471 -4.05 -4.77 4.43
CA LEU A 471 -5.21 -4.06 3.94
C LEU A 471 -5.31 -2.64 4.52
N GLU A 472 -4.19 -2.09 5.00
CA GLU A 472 -4.20 -0.78 5.63
C GLU A 472 -4.77 0.31 4.72
N TYR A 473 -4.59 0.17 3.40
CA TYR A 473 -5.03 1.19 2.46
C TYR A 473 -6.45 0.93 1.94
N TRP A 474 -7.09 -0.15 2.36
CA TRP A 474 -8.47 -0.44 1.99
C TRP A 474 -9.42 0.43 2.80
N PRO A 475 -10.11 1.38 2.16
CA PRO A 475 -10.97 2.32 2.90
C PRO A 475 -12.01 1.68 3.81
N ARG A 476 -12.58 0.53 3.42
CA ARG A 476 -13.58 -0.11 4.25
C ARG A 476 -13.06 -0.50 5.64
N THR A 477 -11.74 -0.67 5.81
CA THR A 477 -11.16 -0.98 7.10
C THR A 477 -10.85 0.27 7.94
N HIS A 478 -11.06 1.47 7.40
CA HIS A 478 -10.68 2.73 8.05
C HIS A 478 -11.64 3.32 9.09
N VAL A 479 -11.19 3.36 10.33
CA VAL A 479 -12.02 3.67 11.50
C VAL A 479 -11.33 4.87 12.13
N ASN A 480 -11.69 6.08 11.66
CA ASN A 480 -10.87 7.28 11.84
C ASN A 480 -9.51 7.09 11.19
N LYS A 502 -7.10 3.41 11.57
CA LYS A 502 -6.57 3.24 10.22
C LYS A 502 -5.22 2.53 10.30
N GLY A 503 -5.18 1.30 9.81
CA GLY A 503 -4.03 0.44 9.99
C GLY A 503 -4.18 -0.36 11.28
N ASN A 504 -3.05 -0.84 11.80
CA ASN A 504 -3.11 -1.72 12.96
C ASN A 504 -2.47 -1.10 14.21
N GLY A 505 -1.74 0.01 14.05
CA GLY A 505 -1.24 0.78 15.16
C GLY A 505 0.11 0.36 15.72
N TYR A 506 0.81 -0.56 15.06
CA TYR A 506 2.09 -1.03 15.59
C TYR A 506 3.18 -1.07 14.53
N PHE A 507 2.82 -1.33 13.28
CA PHE A 507 3.78 -1.41 12.20
C PHE A 507 3.04 -1.36 10.88
N GLN A 508 3.78 -1.04 9.81
CA GLN A 508 3.29 -1.17 8.46
C GLN A 508 4.14 -2.20 7.70
N VAL A 509 3.57 -2.75 6.64
CA VAL A 509 4.33 -3.48 5.63
C VAL A 509 4.81 -2.48 4.60
N PRO A 510 5.80 -2.81 3.77
CA PRO A 510 6.17 -1.90 2.68
C PRO A 510 5.02 -1.73 1.71
N PRO A 511 4.78 -0.50 1.22
CA PRO A 511 3.61 -0.26 0.37
C PRO A 511 3.59 -1.12 -0.89
N HIS A 512 4.75 -1.53 -1.39
CA HIS A 512 4.83 -2.29 -2.63
C HIS A 512 4.59 -3.78 -2.47
N THR A 513 4.48 -4.29 -1.24
CA THR A 513 4.23 -5.71 -1.01
C THR A 513 3.04 -6.19 -1.83
N PRO A 514 3.22 -7.21 -2.69
CA PRO A 514 2.07 -7.79 -3.39
C PRO A 514 1.21 -8.60 -2.43
N VAL A 515 -0.11 -8.39 -2.49
CA VAL A 515 -1.06 -9.15 -1.67
C VAL A 515 -1.94 -9.96 -2.60
N ILE A 516 -1.97 -11.27 -2.41
CA ILE A 516 -2.63 -12.19 -3.34
C ILE A 516 -3.71 -12.95 -2.58
N PHE A 517 -4.92 -12.97 -3.15
CA PHE A 517 -6.03 -13.76 -2.65
C PHE A 517 -6.28 -14.91 -3.62
N GLY A 518 -6.03 -16.14 -3.19
CA GLY A 518 -6.23 -17.29 -4.04
C GLY A 518 -7.01 -18.38 -3.33
N GLU A 519 -7.52 -19.31 -4.13
CA GLU A 519 -8.15 -20.50 -3.59
C GLU A 519 -7.11 -21.57 -3.30
N ALA A 520 -7.30 -22.31 -2.22
CA ALA A 520 -6.41 -23.42 -1.91
C ALA A 520 -6.45 -24.43 -3.05
N GLY A 521 -5.27 -24.86 -3.49
CA GLY A 521 -5.23 -25.72 -4.65
C GLY A 521 -5.65 -25.05 -5.94
N GLY A 522 -4.85 -24.10 -6.42
CA GLY A 522 -5.00 -23.61 -7.78
C GLY A 522 -5.37 -22.16 -8.02
N ARG A 523 -6.66 -21.83 -8.00
CA ARG A 523 -7.14 -20.63 -8.68
C ARG A 523 -6.81 -19.35 -7.90
N THR A 524 -5.91 -18.53 -8.45
CA THR A 524 -5.71 -17.19 -7.93
C THR A 524 -7.01 -16.40 -8.15
N LEU A 525 -7.47 -15.70 -7.12
CA LEU A 525 -8.65 -14.86 -7.31
C LEU A 525 -8.34 -13.40 -7.61
N PHE A 526 -7.40 -12.78 -6.89
CA PHE A 526 -7.15 -11.36 -7.05
C PHE A 526 -5.80 -10.99 -6.47
N ARG A 527 -5.04 -10.18 -7.21
CA ARG A 527 -3.70 -9.79 -6.81
C ARG A 527 -3.59 -8.28 -6.99
N LEU A 528 -3.12 -7.59 -5.95
CA LEU A 528 -2.89 -6.15 -6.01
C LEU A 528 -1.65 -5.82 -5.18
N LEU A 529 -1.17 -4.59 -5.33
CA LEU A 529 -0.12 -4.09 -4.45
C LEU A 529 -0.76 -3.42 -3.23
N CYS A 530 -0.09 -3.58 -2.08
CA CYS A 530 -0.61 -3.06 -0.81
C CYS A 530 -1.09 -1.61 -0.89
N ARG A 531 -0.29 -0.72 -1.51
CA ARG A 531 -0.61 0.71 -1.59
C ARG A 531 -1.82 1.01 -2.47
N ASP A 532 -2.25 0.06 -3.30
CA ASP A 532 -3.28 0.34 -4.27
C ASP A 532 -4.70 0.09 -3.77
N SER A 533 -4.87 -0.30 -2.52
CA SER A 533 -6.19 -0.76 -2.09
C SER A 533 -7.24 0.34 -2.10
N GLY A 534 -6.83 1.61 -2.07
CA GLY A 534 -7.77 2.73 -2.08
C GLY A 534 -8.40 3.04 -3.41
N GLY A 535 -7.87 2.50 -4.51
CA GLY A 535 -8.45 2.63 -5.84
C GLY A 535 -9.91 2.21 -5.92
N GLU A 536 -10.66 2.73 -6.90
CA GLU A 536 -12.04 2.31 -7.04
C GLU A 536 -12.13 0.91 -7.65
N THR A 537 -11.22 0.58 -8.56
CA THR A 537 -11.24 -0.77 -9.13
C THR A 537 -10.81 -1.78 -8.07
N GLU A 538 -9.72 -1.47 -7.34
CA GLU A 538 -9.23 -2.38 -6.31
C GLU A 538 -10.24 -2.55 -5.17
N SER A 539 -10.86 -1.45 -4.71
CA SER A 539 -11.83 -1.56 -3.63
C SER A 539 -13.05 -2.36 -4.05
N MET A 540 -13.48 -2.20 -5.30
CA MET A 540 -14.60 -3.00 -5.80
C MET A 540 -14.22 -4.47 -5.83
N LEU A 541 -13.04 -4.78 -6.39
CA LEU A 541 -12.59 -6.16 -6.50
C LEU A 541 -12.29 -6.78 -5.13
N LEU A 542 -11.86 -5.97 -4.16
CA LEU A 542 -11.62 -6.50 -2.82
C LEU A 542 -12.92 -6.92 -2.17
N ASN A 543 -13.92 -6.04 -2.18
CA ASN A 543 -15.26 -6.38 -1.70
C ASN A 543 -15.77 -7.69 -2.30
N GLU A 544 -15.40 -7.96 -3.55
CA GLU A 544 -15.81 -9.18 -4.23
C GLU A 544 -14.95 -10.40 -3.90
N THR A 545 -13.73 -10.19 -3.38
CA THR A 545 -12.75 -11.26 -3.25
C THR A 545 -12.33 -11.58 -1.82
N VAL A 546 -12.33 -10.61 -0.92
CA VAL A 546 -11.91 -10.82 0.46
C VAL A 546 -12.86 -11.76 1.20
N PRO A 547 -12.38 -12.92 1.65
CA PRO A 547 -13.24 -13.90 2.29
C PRO A 547 -13.74 -13.42 3.65
N GLN A 548 -14.92 -13.93 4.03
CA GLN A 548 -15.57 -13.50 5.27
C GLN A 548 -14.68 -13.67 6.49
N TRP A 549 -13.74 -14.62 6.48
CA TRP A 549 -12.90 -14.81 7.65
C TRP A 549 -11.86 -13.72 7.80
N VAL A 550 -11.52 -13.02 6.71
CA VAL A 550 -10.69 -11.82 6.80
C VAL A 550 -11.52 -10.59 7.13
N ILE A 551 -12.70 -10.48 6.51
CA ILE A 551 -13.61 -9.36 6.79
C ILE A 551 -13.88 -9.24 8.29
N ASP A 552 -14.14 -10.38 8.93
CA ASP A 552 -14.34 -10.43 10.38
C ASP A 552 -13.31 -9.63 11.17
N ILE A 553 -12.03 -9.80 10.84
CA ILE A 553 -10.97 -9.12 11.57
C ILE A 553 -10.70 -7.71 11.03
N THR A 554 -10.59 -7.56 9.70
CA THR A 554 -10.13 -6.27 9.18
C THR A 554 -11.24 -5.22 9.08
N VAL A 555 -12.49 -5.62 8.83
CA VAL A 555 -13.55 -4.63 8.72
C VAL A 555 -14.34 -4.51 10.01
N ASP A 556 -14.95 -5.62 10.44
CA ASP A 556 -15.77 -5.60 11.65
C ASP A 556 -14.95 -5.44 12.92
N LYS A 557 -13.63 -5.55 12.83
CA LYS A 557 -12.71 -5.50 13.96
C LYS A 557 -13.09 -6.48 15.08
N ASN A 558 -13.35 -7.73 14.69
CA ASN A 558 -13.72 -8.77 15.65
C ASN A 558 -12.48 -9.56 16.06
N MET A 559 -12.37 -9.83 17.36
CA MET A 559 -11.27 -10.59 17.97
C MET A 559 -11.28 -10.37 19.48
N VAL B 17 13.82 -89.50 -1.01
CA VAL B 17 12.48 -89.38 -1.59
C VAL B 17 11.45 -89.94 -0.61
N GLY B 18 10.37 -89.18 -0.41
CA GLY B 18 9.33 -89.58 0.53
C GLY B 18 9.58 -89.08 1.92
N LEU B 19 8.79 -88.11 2.37
CA LEU B 19 8.94 -87.50 3.69
C LEU B 19 7.77 -87.90 4.57
N ASN B 20 8.08 -88.57 5.69
CA ASN B 20 7.04 -89.10 6.56
C ASN B 20 6.19 -87.97 7.15
N ASN B 21 4.88 -88.03 6.90
CA ASN B 21 3.95 -87.14 7.58
C ASN B 21 3.96 -87.43 9.07
N LEU B 22 4.01 -86.36 9.87
CA LEU B 22 4.12 -86.47 11.31
C LEU B 22 2.85 -85.98 12.02
N GLY B 23 1.72 -86.05 11.34
CA GLY B 23 0.47 -85.55 11.88
C GLY B 23 0.30 -84.07 11.63
N ASN B 24 -0.26 -83.74 10.47
CA ASN B 24 -0.42 -82.34 10.03
C ASN B 24 0.93 -81.62 9.99
N THR B 25 1.90 -82.25 9.32
CA THR B 25 3.16 -81.61 9.00
C THR B 25 3.40 -81.57 7.50
N CYS B 26 2.33 -81.64 6.70
CA CYS B 26 2.47 -81.55 5.25
C CYS B 26 2.95 -80.18 4.83
N TYR B 27 2.73 -79.15 5.65
CA TYR B 27 3.32 -77.84 5.38
C TYR B 27 4.83 -77.91 5.39
N LEU B 28 5.41 -78.71 6.27
CA LEU B 28 6.87 -78.82 6.36
C LEU B 28 7.42 -79.78 5.33
N ASN B 29 6.71 -80.88 5.07
CA ASN B 29 7.17 -81.84 4.06
C ASN B 29 7.23 -81.20 2.68
N SER B 30 6.19 -80.44 2.31
CA SER B 30 6.14 -79.85 0.98
C SER B 30 7.25 -78.83 0.76
N ILE B 31 7.49 -77.96 1.75
CA ILE B 31 8.50 -76.92 1.57
C ILE B 31 9.92 -77.50 1.61
N LEU B 32 10.17 -78.45 2.52
CA LEU B 32 11.49 -79.04 2.61
C LEU B 32 11.86 -79.80 1.33
N GLN B 33 10.92 -80.55 0.78
CA GLN B 33 11.20 -81.35 -0.40
C GLN B 33 11.29 -80.50 -1.67
N VAL B 34 10.74 -79.29 -1.65
CA VAL B 34 11.05 -78.32 -2.70
C VAL B 34 12.44 -77.75 -2.50
N LEU B 35 12.81 -77.48 -1.25
CA LEU B 35 14.16 -77.03 -0.94
C LEU B 35 15.19 -78.07 -1.38
N TYR B 36 14.86 -79.35 -1.24
CA TYR B 36 15.79 -80.42 -1.60
C TYR B 36 16.13 -80.39 -3.08
N PHE B 37 15.23 -79.88 -3.91
CA PHE B 37 15.44 -79.80 -5.36
C PHE B 37 15.87 -78.40 -5.80
N CYS B 38 16.45 -77.62 -4.89
CA CYS B 38 16.91 -76.28 -5.26
C CYS B 38 18.35 -76.34 -5.79
N PRO B 39 18.65 -75.53 -6.82
CA PRO B 39 19.96 -75.66 -7.49
C PRO B 39 21.15 -75.63 -6.55
N GLY B 40 21.24 -74.64 -5.67
CA GLY B 40 22.39 -74.47 -4.81
C GLY B 40 22.26 -75.00 -3.41
N PHE B 41 21.09 -75.55 -3.04
CA PHE B 41 20.84 -75.89 -1.64
C PHE B 41 21.67 -77.09 -1.20
N LYS B 42 21.63 -78.19 -1.95
CA LYS B 42 22.41 -79.37 -1.60
C LYS B 42 23.87 -79.04 -1.33
N SER B 43 24.57 -78.51 -2.34
CA SER B 43 25.99 -78.20 -2.18
C SER B 43 26.24 -77.19 -1.07
N GLY B 44 25.30 -76.25 -0.88
CA GLY B 44 25.52 -75.21 0.10
C GLY B 44 25.55 -75.72 1.53
N VAL B 45 24.55 -76.53 1.90
CA VAL B 45 24.46 -77.00 3.28
C VAL B 45 25.56 -78.00 3.59
N LYS B 46 26.05 -78.73 2.58
CA LYS B 46 27.23 -79.56 2.79
C LYS B 46 28.47 -78.71 3.02
N HIS B 47 28.60 -77.61 2.28
CA HIS B 47 29.68 -76.66 2.53
C HIS B 47 29.63 -76.12 3.95
N LEU B 48 28.42 -75.79 4.44
CA LEU B 48 28.27 -75.26 5.79
C LEU B 48 28.37 -76.33 6.86
N PHE B 49 28.11 -77.59 6.53
CA PHE B 49 28.30 -78.66 7.51
C PHE B 49 29.77 -78.94 7.74
N ASN B 50 30.62 -78.67 6.75
CA ASN B 50 32.06 -78.82 6.94
C ASN B 50 32.69 -77.58 7.56
N ILE B 51 32.02 -76.44 7.47
CA ILE B 51 32.54 -75.22 8.10
C ILE B 51 32.37 -75.30 9.61
N ILE B 52 31.17 -75.71 10.07
CA ILE B 52 30.90 -75.80 11.50
C ILE B 52 31.85 -76.80 12.17
N SER B 53 31.99 -77.98 11.57
CA SER B 53 32.84 -79.05 12.09
C SER B 53 32.84 -80.24 11.13
N GLU B 66 22.54 -74.88 15.61
CA GLU B 66 22.66 -76.27 15.18
C GLU B 66 21.49 -76.64 14.27
N LEU B 67 21.06 -75.68 13.45
CA LEU B 67 20.10 -75.99 12.39
C LEU B 67 20.79 -76.59 11.17
N ILE B 68 22.00 -76.14 10.87
CA ILE B 68 22.71 -76.64 9.69
C ILE B 68 23.13 -78.10 9.90
N CYS B 69 23.39 -78.50 11.14
CA CYS B 69 23.68 -79.91 11.42
C CYS B 69 22.44 -80.76 11.23
N SER B 70 21.28 -80.26 11.66
CA SER B 70 20.03 -81.00 11.48
C SER B 70 19.66 -81.10 10.00
N LEU B 71 19.91 -80.03 9.23
CA LEU B 71 19.67 -80.08 7.79
C LEU B 71 20.51 -81.17 7.13
N GLN B 72 21.80 -81.23 7.46
CA GLN B 72 22.66 -82.26 6.89
C GLN B 72 22.30 -83.65 7.41
N SER B 73 21.86 -83.75 8.66
CA SER B 73 21.44 -85.05 9.19
C SER B 73 20.27 -85.63 8.41
N LEU B 74 19.35 -84.77 7.95
CA LEU B 74 18.24 -85.25 7.15
C LEU B 74 18.68 -85.55 5.72
N ILE B 75 19.45 -84.64 5.11
CA ILE B 75 19.89 -84.84 3.73
C ILE B 75 20.69 -86.14 3.60
N ILE B 76 21.57 -86.40 4.57
CA ILE B 76 22.31 -87.67 4.56
C ILE B 76 21.35 -88.84 4.71
N SER B 77 20.35 -88.71 5.59
CA SER B 77 19.36 -89.76 5.74
C SER B 77 18.54 -89.93 4.47
N VAL B 78 18.22 -88.83 3.79
CA VAL B 78 17.46 -88.92 2.54
C VAL B 78 18.30 -89.56 1.44
N GLU B 79 19.52 -89.06 1.25
CA GLU B 79 20.38 -89.59 0.19
C GLU B 79 20.72 -91.05 0.41
N GLN B 80 20.93 -91.46 1.67
CA GLN B 80 21.32 -92.84 1.94
C GLN B 80 20.16 -93.80 1.72
N LEU B 81 18.93 -93.39 2.04
CA LEU B 81 17.78 -94.25 1.81
C LEU B 81 17.43 -94.35 0.33
N GLN B 82 17.74 -93.31 -0.46
CA GLN B 82 17.58 -93.42 -1.91
C GLN B 82 18.55 -94.45 -2.49
N ALA B 83 19.79 -94.49 -1.97
CA ALA B 83 20.75 -95.47 -2.44
C ALA B 83 20.37 -96.89 -2.01
N SER B 84 19.78 -97.04 -0.82
CA SER B 84 19.33 -98.36 -0.38
C SER B 84 18.23 -98.90 -1.29
N PHE B 85 17.32 -98.03 -1.73
CA PHE B 85 16.26 -98.45 -2.65
C PHE B 85 16.84 -98.69 -4.04
N LEU B 86 17.83 -97.87 -4.44
CA LEU B 86 18.45 -97.98 -5.75
C LEU B 86 19.06 -99.36 -6.01
N LEU B 87 19.59 -100.01 -4.98
CA LEU B 87 20.24 -101.31 -5.16
C LEU B 87 19.21 -102.44 -5.30
N ASN B 88 18.42 -102.68 -4.25
CA ASN B 88 17.40 -103.71 -4.35
C ASN B 88 16.11 -103.26 -3.68
N PRO B 89 15.04 -103.08 -4.45
CA PRO B 89 13.80 -102.52 -3.90
C PRO B 89 13.11 -103.45 -2.92
N GLU B 90 12.47 -102.82 -1.92
CA GLU B 90 11.54 -103.50 -1.02
C GLU B 90 10.43 -102.52 -0.65
N LYS B 91 9.40 -103.05 0.00
CA LYS B 91 8.29 -102.21 0.45
C LYS B 91 8.06 -102.39 1.96
N THR B 98 12.31 -92.18 4.68
CA THR B 98 13.01 -91.26 5.57
C THR B 98 12.02 -90.32 6.26
N GLN B 99 12.37 -89.90 7.48
CA GLN B 99 11.49 -89.10 8.31
C GLN B 99 12.14 -87.76 8.60
N PRO B 100 11.44 -86.64 8.37
CA PRO B 100 12.04 -85.33 8.65
C PRO B 100 11.92 -84.94 10.11
N ARG B 101 11.82 -85.95 10.98
CA ARG B 101 11.65 -85.72 12.41
C ARG B 101 12.87 -85.03 13.01
N ARG B 102 14.04 -85.21 12.39
CA ARG B 102 15.25 -84.56 12.89
C ARG B 102 15.13 -83.05 12.79
N LEU B 103 14.61 -82.55 11.67
CA LEU B 103 14.46 -81.12 11.46
C LEU B 103 13.43 -80.53 12.43
N LEU B 104 12.31 -81.22 12.64
CA LEU B 104 11.21 -80.66 13.41
C LEU B 104 11.60 -80.39 14.85
N ASN B 105 12.31 -81.35 15.48
CA ASN B 105 12.69 -81.17 16.87
C ASN B 105 13.69 -80.02 17.03
N THR B 106 14.59 -79.86 16.05
CA THR B 106 15.52 -78.73 16.08
C THR B 106 14.76 -77.41 15.91
N LEU B 107 13.84 -77.35 14.95
CA LEU B 107 13.08 -76.12 14.72
C LEU B 107 12.26 -75.74 15.95
N ARG B 108 11.67 -76.73 16.64
CA ARG B 108 10.85 -76.43 17.81
C ARG B 108 11.69 -75.85 18.94
N GLU B 109 12.94 -76.29 19.09
CA GLU B 109 13.83 -75.67 20.05
C GLU B 109 14.29 -74.30 19.57
N LEU B 110 14.34 -74.12 18.25
CA LEU B 110 14.79 -72.85 17.67
C LEU B 110 13.71 -71.77 17.81
N ASN B 111 12.46 -72.12 17.52
CA ASN B 111 11.34 -71.20 17.63
C ASN B 111 10.10 -72.04 17.90
N PRO B 112 9.54 -71.99 19.11
CA PRO B 112 8.47 -72.93 19.49
C PRO B 112 7.09 -72.49 19.03
N MET B 113 6.93 -72.36 17.71
CA MET B 113 5.60 -72.09 17.15
C MET B 113 4.73 -73.33 17.14
N TYR B 114 5.30 -74.51 17.35
CA TYR B 114 4.64 -75.78 17.09
C TYR B 114 4.30 -76.53 18.38
N LEU B 118 -1.07 -77.46 15.90
CA LEU B 118 0.06 -78.26 15.42
C LEU B 118 0.04 -78.39 13.90
N GLN B 119 -0.08 -77.24 13.24
CA GLN B 119 -0.17 -77.16 11.78
C GLN B 119 -0.13 -75.70 11.35
N HIS B 120 0.83 -75.33 10.49
CA HIS B 120 1.12 -73.92 10.21
C HIS B 120 1.26 -73.70 8.71
N ASP B 121 1.53 -72.45 8.34
CA ASP B 121 1.64 -72.07 6.95
C ASP B 121 3.06 -72.32 6.45
N ALA B 122 3.15 -72.89 5.24
CA ALA B 122 4.46 -73.20 4.66
C ALA B 122 5.29 -71.94 4.42
N GLN B 123 4.63 -70.81 4.18
CA GLN B 123 5.36 -69.57 3.91
C GLN B 123 6.05 -69.05 5.16
N GLU B 124 5.39 -69.18 6.32
CA GLU B 124 6.00 -68.69 7.56
C GLU B 124 7.19 -69.53 7.97
N VAL B 125 7.09 -70.85 7.80
CA VAL B 125 8.18 -71.74 8.17
C VAL B 125 9.36 -71.60 7.22
N LEU B 126 9.09 -71.30 5.95
CA LEU B 126 10.18 -71.08 4.99
C LEU B 126 11.02 -69.88 5.41
N GLN B 127 10.38 -68.80 5.87
CA GLN B 127 11.12 -67.64 6.35
C GLN B 127 11.98 -67.99 7.56
N CYS B 128 11.44 -68.76 8.50
CA CYS B 128 12.20 -69.09 9.71
C CYS B 128 13.42 -69.94 9.36
N ILE B 129 13.29 -70.82 8.37
CA ILE B 129 14.42 -71.63 7.94
C ILE B 129 15.46 -70.75 7.25
N LEU B 130 15.07 -70.10 6.15
CA LEU B 130 16.00 -69.26 5.40
C LEU B 130 16.54 -68.12 6.25
N GLY B 131 15.68 -67.52 7.07
CA GLY B 131 16.12 -66.41 7.92
C GLY B 131 17.19 -66.82 8.91
N ASN B 132 17.04 -67.99 9.52
CA ASN B 132 18.02 -68.43 10.51
C ASN B 132 19.32 -68.89 9.85
N ILE B 133 19.25 -69.47 8.65
CA ILE B 133 20.47 -69.81 7.92
C ILE B 133 21.24 -68.53 7.61
N GLN B 134 20.54 -67.47 7.23
CA GLN B 134 21.20 -66.19 7.01
C GLN B 134 21.73 -65.61 8.32
N GLU B 135 21.00 -65.80 9.43
CA GLU B 135 21.44 -65.25 10.70
C GLU B 135 22.72 -65.92 11.16
N THR B 136 22.86 -67.22 10.91
CA THR B 136 24.08 -67.93 11.26
C THR B 136 25.22 -67.60 10.28
N CYS B 137 24.91 -67.55 8.98
CA CYS B 137 25.90 -67.18 7.98
C CYS B 137 26.56 -65.85 8.30
N GLN B 138 25.76 -64.86 8.73
CA GLN B 138 26.31 -63.55 9.08
C GLN B 138 27.16 -63.62 10.34
N LEU B 139 26.80 -64.49 11.29
CA LEU B 139 27.57 -64.61 12.52
C LEU B 139 28.88 -65.37 12.34
N LEU B 140 28.93 -66.28 11.36
CA LEU B 140 30.17 -67.03 11.14
C LEU B 140 31.28 -66.14 10.62
N LYS B 141 30.94 -65.16 9.79
CA LYS B 141 31.93 -64.23 9.26
C LYS B 141 31.96 -62.93 10.06
N PHE B 165 29.55 -68.54 2.96
CA PHE B 165 29.42 -68.69 1.51
C PHE B 165 28.26 -67.85 0.99
N GLU B 166 27.60 -67.12 1.90
CA GLU B 166 26.49 -66.22 1.56
C GLU B 166 25.39 -66.96 0.82
N LEU B 167 25.00 -68.13 1.33
CA LEU B 167 24.11 -69.02 0.59
C LEU B 167 22.74 -68.38 0.36
N VAL B 168 22.05 -68.01 1.45
CA VAL B 168 20.66 -67.60 1.34
C VAL B 168 20.51 -66.31 0.56
N GLU B 169 21.40 -65.34 0.79
CA GLU B 169 21.29 -64.04 0.12
C GLU B 169 21.54 -64.15 -1.38
N LYS B 170 22.38 -65.09 -1.80
CA LYS B 170 22.73 -65.17 -3.23
C LYS B 170 21.59 -65.75 -4.07
N LEU B 171 20.88 -66.74 -3.56
CA LEU B 171 19.99 -67.55 -4.39
C LEU B 171 18.54 -67.55 -3.92
N PHE B 172 18.18 -66.77 -2.89
CA PHE B 172 16.79 -66.60 -2.52
C PHE B 172 16.39 -65.13 -2.46
N GLN B 173 17.33 -64.27 -2.10
CA GLN B 173 17.05 -62.88 -1.78
C GLN B 173 17.51 -61.97 -2.91
N GLY B 174 16.66 -61.01 -3.27
CA GLY B 174 16.97 -60.06 -4.32
C GLY B 174 16.80 -58.64 -3.83
N GLN B 175 17.18 -57.70 -4.69
CA GLN B 175 17.16 -56.27 -4.36
C GLN B 175 16.03 -55.58 -5.12
N LEU B 176 15.31 -54.72 -4.40
CA LEU B 176 14.13 -54.05 -4.91
C LEU B 176 14.38 -52.54 -4.97
N VAL B 177 13.78 -51.90 -5.96
CA VAL B 177 14.03 -50.48 -6.24
C VAL B 177 12.70 -49.74 -6.25
N LEU B 178 12.59 -48.73 -5.40
CA LEU B 178 11.42 -47.84 -5.36
C LEU B 178 11.83 -46.54 -6.05
N ARG B 179 11.46 -46.40 -7.32
CA ARG B 179 11.97 -45.31 -8.16
C ARG B 179 10.88 -44.26 -8.38
N THR B 180 11.22 -43.01 -8.06
CA THR B 180 10.35 -41.88 -8.36
C THR B 180 11.08 -40.96 -9.34
N ARG B 181 10.40 -40.57 -10.41
CA ARG B 181 11.02 -39.82 -11.50
C ARG B 181 10.17 -38.58 -11.76
N CYS B 182 10.68 -37.41 -11.39
CA CYS B 182 10.02 -36.15 -11.68
C CYS B 182 9.98 -35.90 -13.18
N LEU B 183 8.78 -35.71 -13.74
CA LEU B 183 8.66 -35.56 -15.19
C LEU B 183 9.11 -34.20 -15.70
N GLU B 184 9.37 -33.24 -14.82
CA GLU B 184 9.78 -31.91 -15.26
C GLU B 184 11.29 -31.77 -15.39
N CYS B 185 12.05 -32.43 -14.52
CA CYS B 185 13.49 -32.42 -14.60
C CYS B 185 14.10 -33.79 -14.91
N GLU B 186 13.32 -34.86 -14.80
CA GLU B 186 13.77 -36.22 -15.13
C GLU B 186 14.92 -36.65 -14.22
N SER B 187 14.83 -36.28 -12.94
CA SER B 187 15.79 -36.67 -11.92
C SER B 187 15.23 -37.86 -11.17
N LEU B 188 16.00 -38.95 -11.12
CA LEU B 188 15.53 -40.24 -10.61
C LEU B 188 16.05 -40.45 -9.19
N THR B 189 15.12 -40.58 -8.24
CA THR B 189 15.40 -40.98 -6.87
C THR B 189 14.89 -42.40 -6.65
N GLU B 190 15.70 -43.23 -6.01
CA GLU B 190 15.35 -44.63 -5.78
C GLU B 190 15.58 -45.00 -4.32
N ARG B 191 14.75 -45.93 -3.84
CA ARG B 191 14.85 -46.48 -2.50
C ARG B 191 15.06 -47.99 -2.61
N ARG B 192 15.98 -48.51 -1.81
CA ARG B 192 16.37 -49.92 -1.90
C ARG B 192 15.73 -50.73 -0.77
N GLU B 193 15.08 -51.83 -1.14
CA GLU B 193 14.61 -52.83 -0.20
C GLU B 193 15.06 -54.21 -0.66
N ASP B 194 15.21 -55.12 0.29
CA ASP B 194 15.47 -56.53 0.00
C ASP B 194 14.17 -57.31 0.00
N PHE B 195 14.17 -58.42 -0.75
CA PHE B 195 12.98 -59.26 -0.85
C PHE B 195 13.41 -60.68 -1.19
N GLN B 196 12.73 -61.64 -0.58
CA GLN B 196 13.00 -63.05 -0.82
C GLN B 196 11.88 -63.77 -1.56
N ASP B 197 10.75 -63.10 -1.77
CA ASP B 197 9.62 -63.67 -2.49
C ASP B 197 8.72 -62.53 -2.94
N ILE B 198 7.92 -62.81 -3.96
CA ILE B 198 7.04 -61.82 -4.57
C ILE B 198 5.62 -62.13 -4.14
N SER B 199 5.07 -61.29 -3.27
CA SER B 199 3.67 -61.41 -2.87
C SER B 199 2.77 -60.96 -4.02
N VAL B 200 1.96 -61.89 -4.52
CA VAL B 200 1.28 -61.69 -5.80
C VAL B 200 -0.22 -61.98 -5.64
N PRO B 201 -1.10 -61.13 -6.17
CA PRO B 201 -2.53 -61.39 -6.09
C PRO B 201 -3.00 -62.31 -7.20
N VAL B 202 -4.06 -63.06 -6.91
CA VAL B 202 -4.67 -63.93 -7.91
C VAL B 202 -5.80 -63.16 -8.59
N GLN B 203 -6.92 -63.02 -7.89
CA GLN B 203 -8.03 -62.23 -8.42
C GLN B 203 -7.80 -60.74 -8.12
N GLU B 204 -8.48 -59.90 -8.89
CA GLU B 204 -8.47 -58.46 -8.64
C GLU B 204 -9.56 -58.12 -7.62
N ASP B 205 -9.22 -57.24 -6.68
CA ASP B 205 -10.02 -56.89 -5.49
C ASP B 205 -10.88 -58.05 -4.98
N GLU B 223 -11.73 -63.66 -16.43
CA GLU B 223 -11.63 -64.41 -15.19
C GLU B 223 -10.21 -64.89 -14.92
N MET B 224 -9.73 -65.81 -15.77
CA MET B 224 -8.44 -66.46 -15.56
C MET B 224 -7.32 -65.50 -15.95
N LYS B 225 -6.96 -64.65 -14.99
CA LYS B 225 -5.91 -63.67 -15.22
C LYS B 225 -4.55 -64.36 -15.40
N THR B 226 -3.62 -63.63 -16.02
CA THR B 226 -2.29 -64.15 -16.32
C THR B 226 -1.30 -63.76 -15.23
N LEU B 227 -0.15 -64.44 -15.24
CA LEU B 227 0.88 -64.14 -14.25
C LEU B 227 1.57 -62.80 -14.53
N ARG B 228 1.68 -62.42 -15.80
CA ARG B 228 2.24 -61.10 -16.13
C ARG B 228 1.38 -59.99 -15.53
N TRP B 229 0.06 -60.10 -15.67
CA TRP B 229 -0.85 -59.18 -15.01
C TRP B 229 -0.60 -59.13 -13.50
N ALA B 230 -0.40 -60.30 -12.89
CA ALA B 230 -0.30 -60.37 -11.44
C ALA B 230 1.00 -59.75 -10.94
N ILE B 231 2.11 -60.00 -11.64
CA ILE B 231 3.36 -59.34 -11.26
C ILE B 231 3.27 -57.84 -11.52
N SER B 232 2.56 -57.44 -12.58
CA SER B 232 2.36 -56.02 -12.85
C SER B 232 1.63 -55.34 -11.69
N GLN B 233 0.71 -56.05 -11.06
CA GLN B 233 0.04 -55.52 -9.87
C GLN B 233 1.04 -55.25 -8.74
N PHE B 234 2.00 -56.16 -8.56
CA PHE B 234 3.03 -55.95 -7.54
C PHE B 234 3.98 -54.82 -7.92
N ALA B 235 4.62 -54.94 -9.08
CA ALA B 235 5.59 -53.95 -9.54
C ALA B 235 4.88 -52.84 -10.31
N SER B 236 3.93 -52.22 -9.64
CA SER B 236 3.07 -51.23 -10.26
C SER B 236 3.84 -49.94 -10.58
N VAL B 237 3.26 -49.16 -11.49
CA VAL B 237 3.70 -47.79 -11.78
C VAL B 237 2.56 -46.86 -11.44
N GLU B 238 2.87 -45.81 -10.68
CA GLU B 238 1.86 -44.86 -10.23
C GLU B 238 2.18 -43.50 -10.83
N ARG B 239 1.29 -43.02 -11.69
CA ARG B 239 1.41 -41.70 -12.30
C ARG B 239 0.75 -40.67 -11.38
N ILE B 240 1.51 -39.63 -11.05
CA ILE B 240 1.08 -38.63 -10.07
C ILE B 240 0.67 -37.37 -10.84
N VAL B 241 -0.63 -37.22 -11.06
CA VAL B 241 -1.19 -36.11 -11.83
C VAL B 241 -2.49 -35.68 -11.17
N GLY B 242 -2.77 -34.38 -11.21
CA GLY B 242 -4.01 -33.87 -10.66
C GLY B 242 -3.83 -32.97 -9.46
N GLU B 243 -4.77 -33.05 -8.51
CA GLU B 243 -4.68 -32.21 -7.32
C GLU B 243 -3.49 -32.59 -6.43
N ASP B 244 -3.11 -33.87 -6.41
CA ASP B 244 -1.93 -34.32 -5.68
C ASP B 244 -0.78 -34.53 -6.67
N LYS B 245 0.19 -33.62 -6.65
CA LYS B 245 1.40 -33.74 -7.44
C LYS B 245 2.59 -33.99 -6.53
N TYR B 246 3.59 -34.71 -7.04
CA TYR B 246 4.82 -34.92 -6.30
C TYR B 246 5.67 -33.66 -6.27
N PHE B 247 6.02 -33.22 -5.06
CA PHE B 247 6.88 -32.06 -4.87
C PHE B 247 8.33 -32.47 -5.07
N CYS B 248 8.94 -31.96 -6.14
CA CYS B 248 10.34 -32.22 -6.43
C CYS B 248 11.20 -31.21 -5.68
N GLU B 249 12.15 -31.71 -4.90
CA GLU B 249 13.06 -30.81 -4.20
C GLU B 249 14.02 -30.11 -5.17
N ASN B 250 14.38 -30.80 -6.26
CA ASN B 250 15.23 -30.18 -7.27
C ASN B 250 14.50 -29.05 -7.98
N CYS B 251 13.27 -29.31 -8.43
CA CYS B 251 12.49 -28.26 -9.09
C CYS B 251 11.95 -27.23 -8.11
N HIS B 252 11.90 -27.57 -6.81
CA HIS B 252 11.33 -26.70 -5.78
C HIS B 252 9.88 -26.35 -6.10
N HIS B 253 9.15 -27.30 -6.67
CA HIS B 253 7.81 -27.01 -7.16
C HIS B 253 7.08 -28.34 -7.36
N TYR B 254 5.76 -28.30 -7.17
CA TYR B 254 4.94 -29.47 -7.46
C TYR B 254 5.07 -29.84 -8.93
N THR B 255 5.28 -31.13 -9.19
CA THR B 255 5.51 -31.62 -10.54
C THR B 255 4.76 -32.92 -10.76
N GLU B 256 4.55 -33.26 -12.04
CA GLU B 256 4.08 -34.58 -12.40
C GLU B 256 5.22 -35.59 -12.26
N ALA B 257 4.90 -36.81 -11.83
CA ALA B 257 5.93 -37.80 -11.59
C ALA B 257 5.43 -39.21 -11.85
N GLU B 258 6.36 -40.08 -12.24
CA GLU B 258 6.13 -41.52 -12.33
C GLU B 258 6.80 -42.19 -11.15
N ARG B 259 6.07 -43.04 -10.44
CA ARG B 259 6.58 -43.76 -9.28
C ARG B 259 6.41 -45.25 -9.56
N SER B 260 7.53 -45.95 -9.71
CA SER B 260 7.53 -47.31 -10.25
C SER B 260 8.29 -48.24 -9.32
N LEU B 261 7.99 -49.53 -9.44
CA LEU B 261 8.64 -50.59 -8.70
C LEU B 261 9.45 -51.44 -9.66
N LEU B 262 10.72 -51.67 -9.32
CA LEU B 262 11.66 -52.31 -10.23
C LEU B 262 12.51 -53.33 -9.49
N PHE B 263 12.87 -54.40 -10.20
CA PHE B 263 13.79 -55.40 -9.70
C PHE B 263 15.21 -55.09 -10.17
N ASP B 264 16.16 -55.08 -9.23
CA ASP B 264 17.55 -54.83 -9.60
C ASP B 264 18.36 -56.14 -9.61
N LYS B 265 18.75 -56.60 -8.43
CA LYS B 265 19.59 -57.79 -8.29
C LYS B 265 18.72 -59.01 -8.05
N MET B 266 19.05 -60.10 -8.73
CA MET B 266 18.15 -61.24 -8.73
C MET B 266 18.73 -62.43 -7.96
N PRO B 267 17.88 -63.26 -7.40
CA PRO B 267 18.33 -64.53 -6.83
C PRO B 267 18.28 -65.65 -7.87
N GLU B 268 18.92 -66.77 -7.52
CA GLU B 268 18.96 -67.91 -8.44
C GLU B 268 17.57 -68.54 -8.58
N VAL B 269 16.77 -68.49 -7.52
CA VAL B 269 15.41 -69.04 -7.52
C VAL B 269 14.45 -67.91 -7.20
N ILE B 270 13.47 -67.69 -8.08
CA ILE B 270 12.43 -66.70 -7.87
C ILE B 270 11.21 -67.38 -7.26
N THR B 271 10.87 -67.01 -6.03
CA THR B 271 9.68 -67.51 -5.37
C THR B 271 8.51 -66.56 -5.61
N ILE B 272 7.36 -67.12 -5.97
CA ILE B 272 6.13 -66.35 -6.16
C ILE B 272 5.11 -66.86 -5.14
N HIS B 273 4.67 -65.98 -4.25
CA HIS B 273 3.74 -66.31 -3.19
C HIS B 273 2.35 -65.81 -3.60
N LEU B 274 1.45 -66.75 -3.91
CA LEU B 274 0.13 -66.41 -4.41
C LEU B 274 -0.80 -66.10 -3.24
N LYS B 275 -1.39 -64.90 -3.26
CA LYS B 275 -2.39 -64.49 -2.27
C LYS B 275 -3.75 -65.05 -2.68
N CYS B 276 -3.89 -66.37 -2.52
CA CYS B 276 -5.06 -67.12 -2.95
C CYS B 276 -6.07 -67.37 -1.83
N PHE B 277 -6.15 -66.47 -0.84
CA PHE B 277 -7.05 -66.64 0.29
C PHE B 277 -7.91 -65.39 0.45
N ALA B 278 -9.12 -65.57 1.01
CA ALA B 278 -10.14 -64.54 1.00
C ALA B 278 -10.94 -64.58 2.29
N ALA B 279 -11.78 -63.56 2.47
CA ALA B 279 -12.66 -63.46 3.64
C ALA B 279 -13.87 -62.61 3.25
N SER B 280 -14.93 -62.73 4.03
CA SER B 280 -16.21 -62.11 3.70
C SER B 280 -16.79 -61.49 4.96
N GLY B 281 -18.07 -61.15 4.93
CA GLY B 281 -18.64 -60.38 6.01
C GLY B 281 -20.05 -60.73 6.46
N LEU B 282 -20.22 -61.16 7.73
CA LEU B 282 -21.52 -61.24 8.41
C LEU B 282 -22.33 -62.51 8.13
N GLU B 283 -21.68 -63.55 7.62
CA GLU B 283 -22.35 -64.85 7.53
C GLU B 283 -21.33 -65.98 7.65
N PHE B 284 -21.86 -67.20 7.75
CA PHE B 284 -21.09 -68.44 7.81
C PHE B 284 -20.18 -68.47 9.04
N GLY B 289 -17.65 -71.11 8.76
CA GLY B 289 -17.26 -70.10 7.80
C GLY B 289 -16.12 -69.22 8.28
N GLY B 290 -16.10 -67.97 7.81
CA GLY B 290 -15.04 -67.05 8.19
C GLY B 290 -14.14 -66.68 7.04
N LEU B 291 -13.08 -67.47 6.85
CA LEU B 291 -12.16 -67.29 5.73
C LEU B 291 -12.62 -68.12 4.53
N SER B 292 -11.97 -67.90 3.39
CA SER B 292 -12.31 -68.65 2.18
C SER B 292 -11.11 -68.66 1.25
N LYS B 293 -10.98 -69.73 0.49
CA LYS B 293 -9.89 -69.87 -0.47
C LYS B 293 -10.42 -69.61 -1.89
N ILE B 294 -9.53 -69.14 -2.75
CA ILE B 294 -9.90 -68.79 -4.12
C ILE B 294 -9.64 -69.99 -5.02
N ASN B 295 -10.71 -70.60 -5.51
CA ASN B 295 -10.62 -71.81 -6.34
C ASN B 295 -10.57 -71.49 -7.82
N THR B 296 -9.78 -70.48 -8.19
CA THR B 296 -9.60 -70.09 -9.59
C THR B 296 -8.19 -69.53 -9.72
N PRO B 297 -7.22 -70.37 -10.03
CA PRO B 297 -5.82 -69.94 -10.03
C PRO B 297 -5.49 -69.17 -11.30
N LEU B 298 -4.24 -68.69 -11.35
CA LEU B 298 -3.77 -67.89 -12.47
C LEU B 298 -3.37 -68.79 -13.65
N LEU B 299 -3.12 -68.15 -14.79
CA LEU B 299 -2.52 -68.82 -15.94
C LEU B 299 -1.02 -68.85 -15.73
N THR B 300 -0.51 -70.00 -15.31
CA THR B 300 0.90 -70.11 -14.96
C THR B 300 1.73 -70.40 -16.21
N PRO B 301 2.71 -69.57 -16.55
CA PRO B 301 3.61 -69.89 -17.66
C PRO B 301 4.79 -70.73 -17.19
N LEU B 302 5.51 -71.28 -18.17
CA LEU B 302 6.70 -72.07 -17.88
C LEU B 302 7.96 -71.21 -17.96
N LYS B 303 8.09 -70.45 -19.04
CA LYS B 303 9.15 -69.44 -19.13
C LYS B 303 8.76 -68.20 -18.35
N LEU B 304 9.76 -67.55 -17.75
CA LEU B 304 9.55 -66.29 -17.06
C LEU B 304 10.76 -65.39 -17.23
N SER B 305 10.52 -64.19 -17.74
CA SER B 305 11.55 -63.16 -17.83
C SER B 305 11.02 -61.90 -17.17
N LEU B 306 11.81 -61.33 -16.26
CA LEU B 306 11.45 -60.10 -15.57
C LEU B 306 12.14 -58.89 -16.17
N GLU B 307 12.52 -58.98 -17.44
CA GLU B 307 13.11 -57.85 -18.15
C GLU B 307 12.18 -56.65 -18.16
N GLU B 308 10.86 -56.91 -18.23
CA GLU B 308 9.90 -55.81 -18.30
C GLU B 308 9.89 -54.99 -17.01
N TRP B 309 10.27 -55.58 -15.88
CA TRP B 309 10.32 -54.88 -14.60
C TRP B 309 11.75 -54.69 -14.09
N SER B 310 12.76 -55.12 -14.85
CA SER B 310 14.14 -55.01 -14.40
C SER B 310 14.61 -53.57 -14.44
N THR B 311 15.54 -53.24 -13.53
CA THR B 311 16.10 -51.89 -13.51
C THR B 311 16.87 -51.58 -14.79
N LYS B 312 17.55 -52.58 -15.34
CA LYS B 312 18.30 -52.45 -16.58
C LYS B 312 18.12 -53.76 -17.36
N PRO B 313 17.41 -53.71 -18.48
CA PRO B 313 16.95 -54.95 -19.14
C PRO B 313 18.06 -55.97 -19.37
N THR B 314 17.96 -57.11 -18.68
CA THR B 314 18.85 -58.24 -18.87
C THR B 314 18.09 -59.38 -19.52
N ASN B 315 18.85 -60.26 -20.16
CA ASN B 315 18.29 -61.37 -20.92
C ASN B 315 18.15 -62.65 -20.10
N ASP B 316 18.29 -62.56 -18.78
CA ASP B 316 18.10 -63.72 -17.91
C ASP B 316 16.66 -64.23 -18.00
N SER B 317 16.53 -65.54 -18.15
CA SER B 317 15.24 -66.21 -18.24
C SER B 317 15.17 -67.29 -17.17
N TYR B 318 13.99 -67.46 -16.58
CA TYR B 318 13.78 -68.42 -15.50
C TYR B 318 12.75 -69.47 -15.91
N GLY B 319 12.92 -70.67 -15.38
CA GLY B 319 12.03 -71.77 -15.71
C GLY B 319 11.35 -72.39 -14.50
N LEU B 320 10.03 -72.60 -14.60
CA LEU B 320 9.28 -73.20 -13.51
C LEU B 320 9.78 -74.60 -13.21
N PHE B 321 9.99 -74.89 -11.92
CA PHE B 321 10.49 -76.20 -11.52
C PHE B 321 9.83 -76.78 -10.28
N ALA B 322 9.11 -76.00 -9.48
CA ALA B 322 8.46 -76.54 -8.29
C ALA B 322 7.23 -75.71 -7.94
N VAL B 323 6.19 -76.37 -7.45
CA VAL B 323 4.93 -75.73 -7.11
C VAL B 323 4.37 -76.40 -5.87
N VAL B 324 4.19 -75.62 -4.80
CA VAL B 324 3.50 -76.09 -3.60
C VAL B 324 2.03 -75.72 -3.72
N MET B 325 1.15 -76.67 -3.41
CA MET B 325 -0.29 -76.48 -3.52
C MET B 325 -0.96 -76.84 -2.21
N HIS B 326 -2.07 -76.16 -1.93
CA HIS B 326 -2.83 -76.36 -0.71
C HIS B 326 -4.25 -76.81 -1.06
N SER B 327 -4.77 -77.75 -0.29
CA SER B 327 -6.16 -78.16 -0.38
C SER B 327 -6.84 -77.83 0.95
N GLY B 328 -7.93 -77.07 0.86
CA GLY B 328 -8.62 -76.60 2.05
C GLY B 328 -9.17 -75.20 1.85
N ILE B 329 -9.86 -74.67 2.87
CA ILE B 329 -10.51 -73.37 2.74
C ILE B 329 -10.02 -72.44 3.85
N THR B 330 -8.81 -72.70 4.34
CA THR B 330 -8.25 -71.88 5.41
C THR B 330 -6.73 -71.87 5.28
N ILE B 331 -6.11 -70.92 5.97
CA ILE B 331 -4.66 -70.79 5.96
C ILE B 331 -4.02 -71.60 7.08
N SER B 332 -4.75 -71.79 8.19
CA SER B 332 -4.17 -72.45 9.36
C SER B 332 -3.90 -73.93 9.10
N SER B 333 -4.83 -74.63 8.47
CA SER B 333 -4.75 -76.08 8.35
C SER B 333 -5.21 -76.52 6.97
N GLY B 334 -4.78 -77.71 6.60
CA GLY B 334 -5.13 -78.30 5.32
C GLY B 334 -4.02 -79.22 4.85
N HIS B 335 -4.17 -79.66 3.61
CA HIS B 335 -3.18 -80.54 2.98
C HIS B 335 -2.25 -79.70 2.12
N TYR B 336 -0.96 -79.75 2.41
CA TYR B 336 0.04 -79.14 1.55
C TYR B 336 0.73 -80.23 0.76
N THR B 337 0.90 -80.00 -0.53
CA THR B 337 1.51 -80.96 -1.44
C THR B 337 2.44 -80.21 -2.37
N ALA B 338 3.53 -80.86 -2.74
CA ALA B 338 4.50 -80.28 -3.65
C ALA B 338 4.55 -81.04 -4.95
N SER B 339 4.84 -80.33 -6.03
CA SER B 339 5.02 -80.92 -7.35
C SER B 339 6.31 -80.33 -7.91
N VAL B 340 7.40 -81.08 -7.83
CA VAL B 340 8.72 -80.59 -8.24
C VAL B 340 9.14 -81.30 -9.51
N LYS B 341 9.94 -80.61 -10.32
CA LYS B 341 10.47 -81.13 -11.56
C LYS B 341 11.98 -81.33 -11.40
N VAL B 342 12.49 -82.41 -11.98
CA VAL B 342 13.92 -82.65 -11.95
C VAL B 342 14.58 -81.87 -13.07
N THR B 343 15.64 -81.14 -12.74
CA THR B 343 16.36 -80.32 -13.71
C THR B 343 17.85 -80.32 -13.40
N TYR B 355 14.35 -89.11 -15.73
CA TYR B 355 13.10 -88.38 -15.52
C TYR B 355 13.21 -86.94 -16.01
N GLU B 356 14.31 -86.64 -16.71
CA GLU B 356 14.60 -85.26 -17.10
C GLU B 356 13.47 -84.68 -17.94
N GLY B 357 12.87 -83.60 -17.44
CA GLY B 357 11.78 -82.95 -18.12
C GLY B 357 10.40 -83.43 -17.71
N LYS B 358 10.25 -83.99 -16.52
CA LYS B 358 8.98 -84.56 -16.11
C LYS B 358 8.42 -83.87 -14.87
N TRP B 359 7.49 -84.54 -14.18
CA TRP B 359 6.85 -83.98 -12.99
C TRP B 359 6.76 -85.06 -11.92
N LEU B 360 7.35 -84.79 -10.76
CA LEU B 360 7.40 -85.72 -9.64
C LEU B 360 6.43 -85.24 -8.56
N LEU B 361 5.16 -85.58 -8.71
CA LEU B 361 4.14 -85.19 -7.74
C LEU B 361 4.21 -86.10 -6.52
N PHE B 362 4.49 -85.52 -5.35
CA PHE B 362 4.65 -86.29 -4.12
C PHE B 362 3.86 -85.59 -3.02
N ASP B 363 3.12 -86.37 -2.22
CA ASP B 363 2.34 -85.84 -1.12
C ASP B 363 2.69 -86.61 0.14
N ASP B 364 3.24 -85.90 1.15
CA ASP B 364 3.59 -86.52 2.42
C ASP B 364 4.53 -87.69 2.18
N SER B 365 4.08 -88.89 2.56
CA SER B 365 4.77 -90.12 2.23
C SER B 365 4.28 -90.73 0.93
N GLU B 366 3.15 -90.27 0.39
CA GLU B 366 2.58 -90.84 -0.83
C GLU B 366 3.17 -90.12 -2.03
N VAL B 367 4.02 -90.82 -2.77
CA VAL B 367 4.77 -90.25 -3.89
C VAL B 367 4.14 -90.74 -5.19
N LYS B 368 4.09 -89.87 -6.19
CA LYS B 368 3.59 -90.23 -7.51
C LYS B 368 4.46 -89.56 -8.57
N VAL B 369 4.05 -89.73 -9.83
CA VAL B 369 4.71 -89.14 -10.99
C VAL B 369 3.63 -88.72 -11.97
N THR B 370 3.90 -87.65 -12.73
CA THR B 370 2.97 -87.16 -13.74
C THR B 370 3.77 -86.67 -14.94
N GLU B 371 3.05 -86.32 -15.99
CA GLU B 371 3.65 -85.87 -17.24
C GLU B 371 3.67 -84.34 -17.30
N GLU B 372 4.38 -83.81 -18.30
CA GLU B 372 4.37 -82.37 -18.54
C GLU B 372 3.00 -81.89 -19.01
N LYS B 373 2.50 -82.51 -20.09
CA LYS B 373 1.26 -82.05 -20.70
C LYS B 373 0.06 -82.14 -19.75
N ASP B 374 -0.08 -83.26 -19.04
CA ASP B 374 -1.25 -83.46 -18.20
C ASP B 374 -1.06 -82.97 -16.77
N PHE B 375 -0.20 -81.97 -16.57
CA PHE B 375 -0.08 -81.30 -15.28
C PHE B 375 -0.41 -79.82 -15.36
N LEU B 376 0.15 -79.10 -16.34
CA LEU B 376 -0.23 -77.71 -16.52
C LEU B 376 -1.69 -77.58 -16.96
N ASN B 377 -2.21 -78.57 -17.67
CA ASN B 377 -3.63 -78.61 -17.98
C ASN B 377 -4.47 -79.14 -16.81
N SER B 378 -3.83 -79.48 -15.70
CA SER B 378 -4.51 -79.96 -14.50
C SER B 378 -4.79 -78.89 -13.45
N LEU B 379 -4.05 -77.78 -13.46
CA LEU B 379 -4.25 -76.76 -12.43
C LEU B 379 -5.60 -76.07 -12.56
N SER B 380 -6.07 -75.87 -13.78
CA SER B 380 -7.38 -75.24 -13.88
C SER B 380 -8.48 -76.24 -13.55
N PRO B 381 -9.45 -75.86 -12.71
CA PRO B 381 -10.51 -76.79 -12.29
C PRO B 381 -11.41 -77.23 -13.44
N PRO B 385 -10.21 -81.29 -9.11
CA PRO B 385 -9.59 -80.09 -8.55
C PRO B 385 -9.54 -80.08 -7.03
N THR B 386 -8.67 -80.91 -6.45
CA THR B 386 -8.57 -80.99 -5.00
C THR B 386 -7.79 -79.83 -4.40
N SER B 387 -6.91 -79.21 -5.17
CA SER B 387 -6.04 -78.15 -4.67
C SER B 387 -5.71 -77.19 -5.80
N THR B 388 -5.32 -75.99 -5.44
CA THR B 388 -4.85 -74.96 -6.35
C THR B 388 -3.53 -74.43 -5.80
N PRO B 389 -2.67 -73.87 -6.65
CA PRO B 389 -1.31 -73.56 -6.21
C PRO B 389 -1.25 -72.43 -5.20
N TYR B 390 -0.15 -72.41 -4.46
CA TYR B 390 0.16 -71.44 -3.42
C TYR B 390 1.53 -70.82 -3.57
N LEU B 391 2.54 -71.61 -3.95
CA LEU B 391 3.90 -71.12 -4.14
C LEU B 391 4.43 -71.61 -5.48
N LEU B 392 5.14 -70.73 -6.19
CA LEU B 392 5.73 -71.06 -7.47
C LEU B 392 7.22 -70.72 -7.42
N PHE B 393 8.05 -71.67 -7.84
CA PHE B 393 9.50 -71.50 -7.80
C PHE B 393 10.06 -71.64 -9.22
N TYR B 394 10.65 -70.56 -9.72
CA TYR B 394 11.36 -70.56 -10.99
C TYR B 394 12.86 -70.45 -10.72
N LYS B 395 13.67 -71.04 -11.58
CA LYS B 395 15.12 -71.02 -11.40
C LYS B 395 15.80 -70.53 -12.67
N LYS B 396 16.99 -69.96 -12.49
CA LYS B 396 17.78 -69.46 -13.60
C LYS B 396 18.22 -70.63 -14.47
N LEU B 397 17.58 -70.81 -15.61
CA LEU B 397 17.98 -71.86 -16.55
C LEU B 397 19.07 -71.35 -17.49
N ARG C 13 17.50 45.12 3.60
CA ARG C 13 17.42 43.90 4.40
C ARG C 13 17.91 42.67 3.61
N LYS C 14 17.34 41.52 3.94
CA LYS C 14 17.81 40.24 3.41
C LYS C 14 17.08 39.84 2.14
N VAL C 15 17.84 39.49 1.10
CA VAL C 15 17.32 39.37 -0.26
C VAL C 15 17.12 37.88 -0.51
N GLN C 16 15.93 37.51 -0.96
CA GLN C 16 15.63 36.13 -1.34
C GLN C 16 15.45 35.96 -2.84
N VAL C 17 15.79 34.75 -3.31
CA VAL C 17 15.55 34.34 -4.68
C VAL C 17 14.35 33.41 -4.66
N SER C 18 13.40 33.60 -5.58
CA SER C 18 12.29 32.68 -5.73
C SER C 18 12.02 32.41 -7.20
N TYR C 19 11.20 31.40 -7.46
CA TYR C 19 10.79 31.08 -8.82
C TYR C 19 9.45 30.34 -8.78
N VAL C 20 8.74 30.40 -9.89
CA VAL C 20 7.39 29.85 -10.01
C VAL C 20 7.42 28.67 -10.96
N ILE C 21 6.82 27.56 -10.55
CA ILE C 21 6.70 26.38 -11.39
C ILE C 21 5.32 26.44 -12.05
N ARG C 22 5.30 26.58 -13.38
CA ARG C 22 4.09 26.95 -14.09
C ARG C 22 4.32 26.76 -15.58
N ASP C 23 3.25 26.93 -16.35
CA ASP C 23 3.33 26.94 -17.80
C ASP C 23 3.70 28.34 -18.29
N GLU C 24 4.25 28.39 -19.52
CA GLU C 24 4.61 29.67 -20.12
C GLU C 24 3.40 30.60 -20.19
N VAL C 25 2.22 30.05 -20.49
CA VAL C 25 0.96 30.78 -20.51
C VAL C 25 0.03 30.14 -19.50
N GLU C 26 -0.46 30.94 -18.55
CA GLU C 26 -1.51 30.50 -17.64
C GLU C 26 -2.81 31.17 -18.08
N LYS C 27 -3.45 30.55 -19.07
CA LYS C 27 -4.66 31.08 -19.68
C LYS C 27 -5.77 31.31 -18.66
N TYR C 28 -5.91 30.42 -17.70
CA TYR C 28 -6.99 30.50 -16.73
C TYR C 28 -6.47 30.99 -15.38
N ASN C 29 -7.32 31.73 -14.69
CA ASN C 29 -7.06 32.12 -13.30
C ASN C 29 -6.76 30.91 -12.43
N ARG C 30 -5.77 31.06 -11.56
CA ARG C 30 -5.36 30.01 -10.64
C ARG C 30 -5.83 30.26 -9.21
N ASN C 31 -6.69 31.24 -9.01
CA ASN C 31 -7.13 31.67 -7.68
C ASN C 31 -8.36 32.55 -7.88
N GLY C 32 -8.88 33.08 -6.78
CA GLY C 32 -10.03 33.95 -6.86
C GLY C 32 -9.72 35.28 -7.53
N VAL C 33 -10.77 36.04 -7.78
CA VAL C 33 -10.68 37.30 -8.51
C VAL C 33 -11.11 38.43 -7.60
N ASN C 34 -10.25 39.44 -7.43
CA ASN C 34 -10.49 40.47 -6.45
C ASN C 34 -11.27 41.66 -6.98
N ALA C 35 -11.23 41.92 -8.28
CA ALA C 35 -11.78 43.17 -8.83
C ALA C 35 -11.97 43.00 -10.33
N LEU C 36 -12.84 43.84 -10.88
CA LEU C 36 -13.27 43.71 -12.27
C LEU C 36 -13.42 45.08 -12.91
N GLN C 37 -13.03 45.17 -14.18
CA GLN C 37 -13.27 46.36 -14.98
C GLN C 37 -13.70 45.95 -16.38
N LEU C 38 -14.74 46.59 -16.89
CA LEU C 38 -15.33 46.27 -18.18
C LEU C 38 -15.11 47.46 -19.11
N ASP C 39 -14.43 47.21 -20.24
CA ASP C 39 -14.26 48.25 -21.26
C ASP C 39 -15.42 48.18 -22.26
N PRO C 40 -16.34 49.15 -22.27
CA PRO C 40 -17.49 49.08 -23.17
C PRO C 40 -17.18 49.36 -24.63
N ALA C 41 -16.08 50.06 -24.92
CA ALA C 41 -15.71 50.36 -26.31
C ALA C 41 -15.13 49.17 -27.04
N LEU C 42 -14.47 48.26 -26.33
CA LEU C 42 -13.82 47.12 -26.96
C LEU C 42 -14.46 45.81 -26.56
N ASN C 43 -15.50 45.85 -25.73
CA ASN C 43 -16.16 44.66 -25.19
C ASN C 43 -15.14 43.73 -24.52
N ARG C 44 -14.29 44.33 -23.69
CA ARG C 44 -13.24 43.58 -23.00
C ARG C 44 -13.46 43.65 -21.49
N LEU C 45 -13.25 42.53 -20.83
CA LEU C 45 -13.32 42.41 -19.39
C LEU C 45 -11.94 42.18 -18.80
N PHE C 46 -11.58 42.98 -17.79
CA PHE C 46 -10.34 42.80 -17.06
C PHE C 46 -10.66 42.12 -15.73
N THR C 47 -9.89 41.10 -15.39
CA THR C 47 -9.97 40.46 -14.07
C THR C 47 -8.67 40.66 -13.32
N ALA C 48 -8.79 41.04 -12.05
CA ALA C 48 -7.63 41.21 -11.17
C ALA C 48 -7.54 39.97 -10.29
N GLY C 49 -6.56 39.10 -10.57
CA GLY C 49 -6.51 37.80 -9.95
C GLY C 49 -5.75 37.82 -8.63
N ARG C 50 -6.24 37.03 -7.67
CA ARG C 50 -5.45 36.72 -6.49
C ARG C 50 -4.19 35.94 -6.86
N ASP C 51 -4.16 35.32 -8.03
CA ASP C 51 -2.98 34.63 -8.52
C ASP C 51 -1.88 35.57 -9.04
N SER C 52 -2.00 36.88 -8.82
CA SER C 52 -1.07 37.95 -9.20
C SER C 52 -1.12 38.30 -10.69
N ILE C 53 -2.00 37.70 -11.48
CA ILE C 53 -2.09 37.98 -12.92
C ILE C 53 -3.38 38.71 -13.23
N ILE C 54 -3.27 39.74 -14.07
CA ILE C 54 -4.43 40.42 -14.65
C ILE C 54 -4.65 39.84 -16.05
N ARG C 55 -5.90 39.54 -16.39
CA ARG C 55 -6.22 38.96 -17.69
C ARG C 55 -7.32 39.77 -18.37
N ILE C 56 -7.21 39.86 -19.70
CA ILE C 56 -8.18 40.55 -20.55
C ILE C 56 -9.03 39.52 -21.30
N TRP C 57 -10.35 39.65 -21.19
CA TRP C 57 -11.28 38.73 -21.83
C TRP C 57 -12.18 39.49 -22.81
N SER C 58 -12.59 38.81 -23.89
CA SER C 58 -13.65 39.32 -24.76
C SER C 58 -15.01 38.85 -24.26
N VAL C 59 -15.98 39.77 -24.19
CA VAL C 59 -17.31 39.44 -23.69
C VAL C 59 -18.34 39.26 -24.80
N ASN C 60 -17.92 39.19 -26.06
CA ASN C 60 -18.84 38.78 -27.12
C ASN C 60 -19.32 37.35 -26.86
N GLN C 61 -20.64 37.16 -26.73
CA GLN C 61 -21.11 35.78 -26.61
C GLN C 61 -20.90 34.99 -27.90
N HIS C 62 -20.44 35.66 -28.95
CA HIS C 62 -19.97 35.04 -30.18
C HIS C 62 -18.76 34.16 -29.90
N LYS C 63 -17.63 34.80 -29.59
CA LYS C 63 -16.36 34.11 -29.54
C LYS C 63 -16.41 32.97 -28.53
N GLN C 64 -15.83 31.84 -28.92
CA GLN C 64 -15.79 30.65 -28.07
C GLN C 64 -14.66 30.65 -27.06
N ASP C 65 -13.53 31.27 -27.39
CA ASP C 65 -12.37 31.36 -26.50
C ASP C 65 -12.20 32.83 -26.15
N PRO C 66 -12.78 33.29 -25.04
CA PRO C 66 -12.71 34.72 -24.68
C PRO C 66 -11.34 35.21 -24.23
N TYR C 67 -10.35 34.34 -24.06
CA TYR C 67 -9.06 34.80 -23.58
C TYR C 67 -8.39 35.70 -24.61
N ILE C 68 -7.79 36.79 -24.13
CA ILE C 68 -7.10 37.72 -25.03
C ILE C 68 -5.65 37.79 -24.59
N ALA C 69 -5.42 38.13 -23.32
CA ALA C 69 -4.06 38.23 -22.81
C ALA C 69 -4.04 38.17 -21.29
N SER C 70 -2.87 37.84 -20.76
CA SER C 70 -2.56 37.89 -19.34
C SER C 70 -1.58 39.04 -19.13
N MET C 71 -1.69 39.78 -18.03
CA MET C 71 -0.69 40.83 -17.82
C MET C 71 0.11 40.59 -16.54
N GLU C 72 1.33 40.09 -16.72
CA GLU C 72 2.12 39.52 -15.63
C GLU C 72 3.14 40.52 -15.11
N HIS C 73 3.17 40.74 -13.80
CA HIS C 73 4.19 41.60 -13.19
C HIS C 73 4.03 41.63 -11.67
N HIS C 74 2.80 41.51 -11.18
CA HIS C 74 2.60 41.55 -9.75
C HIS C 74 3.08 40.25 -9.11
N THR C 75 3.40 40.33 -7.83
CA THR C 75 4.04 39.24 -7.10
C THR C 75 3.08 38.59 -6.11
N ASP C 76 1.90 39.19 -5.90
CA ASP C 76 0.96 38.78 -4.87
C ASP C 76 -0.42 39.21 -5.35
N TRP C 77 -1.44 38.99 -4.51
CA TRP C 77 -2.81 39.36 -4.81
C TRP C 77 -2.91 40.72 -5.48
N VAL C 78 -3.68 40.80 -6.56
CA VAL C 78 -4.05 42.07 -7.16
C VAL C 78 -5.41 42.47 -6.58
N ASN C 79 -5.43 43.52 -5.76
CA ASN C 79 -6.64 43.80 -4.99
C ASN C 79 -7.63 44.72 -5.71
N ASP C 80 -7.14 45.63 -6.55
CA ASP C 80 -8.03 46.53 -7.28
C ASP C 80 -7.39 46.89 -8.61
N ILE C 81 -8.24 47.21 -9.60
CA ILE C 81 -7.80 47.74 -10.88
C ILE C 81 -8.76 48.83 -11.32
N VAL C 82 -8.24 49.81 -12.06
CA VAL C 82 -9.04 50.90 -12.60
C VAL C 82 -8.61 51.16 -14.03
N LEU C 83 -9.53 50.99 -14.98
CA LEU C 83 -9.31 51.37 -16.37
C LEU C 83 -9.48 52.88 -16.53
N CYS C 84 -8.44 53.55 -17.01
CA CYS C 84 -8.48 54.99 -17.25
C CYS C 84 -8.31 55.33 -18.73
N CYS C 85 -8.60 56.58 -19.04
CA CYS C 85 -8.33 57.22 -20.34
C CYS C 85 -8.95 56.43 -21.49
N ASN C 86 -10.26 56.22 -21.41
CA ASN C 86 -11.00 55.50 -22.45
C ASN C 86 -10.30 54.19 -22.79
N GLY C 87 -9.80 53.52 -21.76
CA GLY C 87 -9.22 52.20 -21.93
C GLY C 87 -7.76 52.20 -22.32
N LYS C 88 -7.11 53.37 -22.39
CA LYS C 88 -5.70 53.37 -22.75
C LYS C 88 -4.82 52.90 -21.59
N THR C 89 -5.20 53.24 -20.36
CA THR C 89 -4.34 53.07 -19.20
C THR C 89 -5.06 52.25 -18.14
N LEU C 90 -4.37 51.26 -17.58
CA LEU C 90 -4.86 50.53 -16.42
C LEU C 90 -3.98 50.83 -15.23
N ILE C 91 -4.59 51.00 -14.06
CA ILE C 91 -3.87 51.13 -12.80
C ILE C 91 -4.29 49.98 -11.88
N SER C 92 -3.31 49.38 -11.22
CA SER C 92 -3.53 48.19 -10.42
C SER C 92 -2.97 48.41 -9.02
N ALA C 93 -3.57 47.70 -8.05
CA ALA C 93 -3.19 47.78 -6.64
C ALA C 93 -2.99 46.36 -6.17
N SER C 94 -1.89 46.11 -5.48
CA SER C 94 -1.55 44.75 -5.10
C SER C 94 -1.11 44.68 -3.64
N SER C 95 -1.22 43.47 -3.09
CA SER C 95 -0.73 43.12 -1.76
C SER C 95 0.80 43.12 -1.69
N ASP C 96 1.49 43.33 -2.80
CA ASP C 96 2.93 43.49 -2.79
C ASP C 96 3.37 44.91 -2.47
N THR C 97 2.43 45.77 -2.04
CA THR C 97 2.58 47.15 -1.62
C THR C 97 2.76 48.13 -2.77
N THR C 98 2.74 47.69 -4.02
CA THR C 98 2.93 48.61 -5.14
C THR C 98 1.63 48.94 -5.84
N VAL C 99 1.65 50.09 -6.53
CA VAL C 99 0.66 50.45 -7.52
C VAL C 99 1.36 50.42 -8.87
N LYS C 100 0.78 49.77 -9.87
CA LYS C 100 1.40 49.74 -11.17
C LYS C 100 0.52 50.42 -12.22
N VAL C 101 1.19 51.00 -13.22
CA VAL C 101 0.57 51.73 -14.31
C VAL C 101 0.80 50.91 -15.59
N TRP C 102 -0.28 50.52 -16.25
CA TRP C 102 -0.17 49.66 -17.43
C TRP C 102 -0.69 50.39 -18.66
N ASN C 103 -0.08 50.07 -19.80
CA ASN C 103 -0.69 50.28 -21.11
C ASN C 103 -1.73 49.19 -21.29
N ALA C 104 -3.00 49.57 -21.29
CA ALA C 104 -4.07 48.58 -21.35
C ALA C 104 -4.27 47.99 -22.73
N HIS C 105 -3.77 48.63 -23.80
CA HIS C 105 -3.98 48.05 -25.12
C HIS C 105 -2.96 46.96 -25.42
N LYS C 106 -1.70 47.18 -25.06
CA LYS C 106 -0.65 46.19 -25.33
C LYS C 106 -0.37 45.32 -24.12
N GLY C 107 -0.80 45.74 -22.94
CA GLY C 107 -0.78 44.88 -21.77
C GLY C 107 0.55 44.71 -21.07
N PHE C 108 1.35 45.77 -20.97
CA PHE C 108 2.61 45.69 -20.25
C PHE C 108 2.71 46.83 -19.26
N CYS C 109 3.47 46.58 -18.19
CA CYS C 109 3.64 47.55 -17.11
C CYS C 109 4.68 48.59 -17.46
N MET C 110 4.34 49.87 -17.30
CA MET C 110 5.25 50.95 -17.66
C MET C 110 5.96 51.55 -16.46
N SER C 111 5.25 51.68 -15.32
CA SER C 111 5.84 52.27 -14.13
C SER C 111 5.26 51.56 -12.92
N THR C 112 6.03 51.58 -11.83
CA THR C 112 5.59 51.00 -10.55
C THR C 112 5.77 52.03 -9.44
N LEU C 113 4.66 52.41 -8.80
CA LEU C 113 4.71 53.31 -7.65
C LEU C 113 4.82 52.48 -6.36
N ARG C 114 5.69 52.94 -5.46
CA ARG C 114 6.07 52.19 -4.26
C ARG C 114 5.90 53.00 -2.98
N THR C 115 4.98 53.97 -2.97
CA THR C 115 4.82 54.84 -1.81
C THR C 115 4.07 54.17 -0.65
N HIS C 116 3.32 53.11 -0.91
CA HIS C 116 2.61 52.37 0.12
C HIS C 116 3.56 51.47 0.91
N LYS C 117 3.13 51.12 2.12
CA LYS C 117 3.99 50.37 3.05
C LYS C 117 3.32 49.09 3.54
N ASP C 118 2.20 48.70 2.93
CA ASP C 118 1.46 47.49 3.28
C ASP C 118 0.59 47.15 2.08
N TYR C 119 -0.25 46.13 2.23
CA TYR C 119 -1.15 45.73 1.15
C TYR C 119 -1.95 46.92 0.68
N VAL C 120 -1.88 47.22 -0.62
CA VAL C 120 -2.78 48.22 -1.21
C VAL C 120 -4.10 47.56 -1.51
N LYS C 121 -5.18 48.10 -0.95
CA LYS C 121 -6.46 47.40 -0.90
C LYS C 121 -7.51 47.98 -1.83
N ALA C 122 -7.45 49.26 -2.17
CA ALA C 122 -8.55 49.89 -2.88
C ALA C 122 -8.01 51.01 -3.76
N LEU C 123 -8.67 51.20 -4.90
CA LEU C 123 -8.38 52.30 -5.81
C LEU C 123 -9.65 53.07 -6.08
N ALA C 124 -9.48 54.36 -6.39
CA ALA C 124 -10.60 55.25 -6.66
C ALA C 124 -10.26 56.07 -7.90
N TYR C 125 -11.28 56.55 -8.58
CA TYR C 125 -11.08 57.11 -9.92
C TYR C 125 -12.08 58.23 -10.13
N ALA C 126 -11.58 59.40 -10.55
CA ALA C 126 -12.41 60.55 -10.85
C ALA C 126 -12.28 60.83 -12.35
N LYS C 127 -13.21 60.25 -13.11
CA LYS C 127 -13.14 60.24 -14.57
C LYS C 127 -12.94 61.63 -15.18
N ASP C 128 -13.61 62.65 -14.62
CA ASP C 128 -13.54 63.99 -15.20
C ASP C 128 -12.20 64.69 -14.97
N LYS C 129 -11.36 64.20 -14.06
CA LYS C 129 -10.04 64.79 -13.82
C LYS C 129 -8.90 63.86 -14.21
N GLU C 130 -9.19 62.66 -14.72
CA GLU C 130 -8.23 61.57 -14.84
C GLU C 130 -7.35 61.52 -13.59
N LEU C 131 -8.04 61.38 -12.45
CA LEU C 131 -7.44 61.32 -11.13
C LEU C 131 -7.67 59.93 -10.57
N VAL C 132 -6.62 59.33 -10.02
CA VAL C 132 -6.78 58.07 -9.30
C VAL C 132 -6.21 58.24 -7.91
N ALA C 133 -6.70 57.42 -6.99
CA ALA C 133 -6.21 57.38 -5.62
C ALA C 133 -6.01 55.94 -5.18
N SER C 134 -5.06 55.75 -4.28
CA SER C 134 -4.73 54.43 -3.77
C SER C 134 -4.74 54.46 -2.25
N ALA C 135 -5.09 53.32 -1.66
CA ALA C 135 -5.21 53.23 -0.20
C ALA C 135 -4.99 51.78 0.21
N GLY C 136 -4.40 51.59 1.38
CA GLY C 136 -4.21 50.24 1.88
C GLY C 136 -4.10 50.09 3.39
N LEU C 137 -3.60 48.94 3.82
CA LEU C 137 -3.50 48.60 5.24
C LEU C 137 -2.55 49.50 6.01
N ASP C 138 -1.78 50.35 5.33
CA ASP C 138 -0.86 51.26 5.99
C ASP C 138 -1.51 52.57 6.40
N ARG C 139 -2.82 52.72 6.19
CA ARG C 139 -3.60 53.91 6.55
C ARG C 139 -3.25 55.13 5.71
N GLN C 140 -2.52 54.95 4.61
CA GLN C 140 -2.19 56.05 3.72
C GLN C 140 -3.14 56.08 2.53
N ILE C 141 -3.41 57.29 2.04
CA ILE C 141 -4.18 57.51 0.82
C ILE C 141 -3.37 58.45 -0.05
N PHE C 142 -2.92 57.95 -1.19
CA PHE C 142 -2.17 58.77 -2.14
C PHE C 142 -3.05 59.14 -3.33
N LEU C 143 -2.90 60.37 -3.80
CA LEU C 143 -3.60 60.89 -4.96
C LEU C 143 -2.65 60.99 -6.14
N TRP C 144 -3.09 60.53 -7.31
CA TRP C 144 -2.22 60.45 -8.48
C TRP C 144 -2.93 61.00 -9.69
N ASP C 145 -2.31 61.97 -10.37
CA ASP C 145 -2.76 62.42 -11.68
C ASP C 145 -2.34 61.38 -12.72
N VAL C 146 -3.32 60.73 -13.36
CA VAL C 146 -3.00 59.66 -14.32
C VAL C 146 -2.11 60.18 -15.44
N ASN C 147 -2.42 61.38 -15.95
CA ASN C 147 -1.62 61.96 -17.03
C ASN C 147 -0.20 62.29 -16.57
N THR C 148 -0.04 62.63 -15.29
CA THR C 148 1.30 62.76 -14.74
C THR C 148 2.01 61.42 -14.72
N LEU C 149 1.29 60.35 -14.36
CA LEU C 149 1.88 59.01 -14.32
C LEU C 149 2.24 58.48 -15.70
N THR C 150 1.40 58.72 -16.70
CA THR C 150 1.74 58.19 -18.02
C THR C 150 2.93 58.94 -18.63
N ALA C 151 3.16 60.19 -18.21
CA ALA C 151 4.26 60.99 -18.74
C ALA C 151 5.64 60.64 -18.18
N LEU C 152 6.03 59.37 -18.15
CA LEU C 152 7.33 59.00 -17.60
C LEU C 152 8.12 58.13 -18.56
N THR C 153 9.41 58.45 -18.72
CA THR C 153 10.38 57.69 -19.48
C THR C 153 11.76 58.35 -19.36
N ALA C 154 12.84 57.56 -19.33
CA ALA C 154 14.20 58.11 -19.19
C ALA C 154 14.24 59.04 -17.99
N SER C 155 14.24 60.35 -18.23
CA SER C 155 14.04 61.32 -17.16
C SER C 155 12.52 61.41 -17.10
N ASN C 156 11.95 60.78 -16.08
CA ASN C 156 10.51 60.85 -15.84
C ASN C 156 10.06 62.21 -15.31
N ASN C 157 10.87 62.87 -14.49
CA ASN C 157 10.56 64.05 -13.66
C ASN C 157 9.87 63.55 -12.39
N THR C 158 9.81 62.22 -12.18
CA THR C 158 9.08 61.62 -11.06
C THR C 158 7.67 62.18 -10.95
N VAL C 159 7.06 62.03 -9.79
CA VAL C 159 5.76 62.62 -9.50
C VAL C 159 5.92 63.30 -8.16
N THR C 160 5.31 64.46 -7.97
CA THR C 160 5.48 65.06 -6.66
C THR C 160 4.42 64.32 -5.88
N THR C 161 4.66 63.97 -4.62
CA THR C 161 3.64 63.05 -4.12
C THR C 161 2.57 63.86 -3.45
N SER C 162 1.42 63.24 -3.25
CA SER C 162 0.39 63.89 -2.47
C SER C 162 -0.38 62.83 -1.71
N SER C 163 -0.58 63.07 -0.41
CA SER C 163 -1.24 62.05 0.39
C SER C 163 -2.23 62.73 1.32
N LEU C 164 -3.18 61.93 1.77
CA LEU C 164 -4.23 62.36 2.69
C LEU C 164 -3.98 61.70 4.03
N SER C 165 -4.30 62.41 5.10
CA SER C 165 -4.13 61.88 6.44
C SER C 165 -5.45 61.89 7.21
N GLY C 166 -5.49 61.07 8.24
CA GLY C 166 -6.59 61.05 9.20
C GLY C 166 -7.04 59.65 9.56
N ASN C 167 -6.81 58.68 8.68
CA ASN C 167 -7.27 57.31 8.91
C ASN C 167 -6.53 56.71 10.11
N LYS C 168 -7.29 56.26 11.10
CA LYS C 168 -6.70 55.73 12.32
C LYS C 168 -6.47 54.22 12.27
N ASP C 169 -6.93 53.55 11.22
CA ASP C 169 -6.80 52.10 11.12
C ASP C 169 -6.72 51.70 9.65
N SER C 170 -6.46 50.41 9.41
CA SER C 170 -6.23 49.89 8.08
C SER C 170 -7.42 50.15 7.15
N ILE C 171 -7.13 50.68 5.97
CA ILE C 171 -8.16 51.07 4.99
C ILE C 171 -8.46 49.89 4.07
N TYR C 172 -9.75 49.60 3.89
CA TYR C 172 -10.20 48.49 3.07
C TYR C 172 -11.00 48.91 1.84
N SER C 173 -11.42 50.17 1.72
CA SER C 173 -12.19 50.58 0.56
C SER C 173 -12.06 52.09 0.39
N LEU C 174 -12.46 52.56 -0.80
CA LEU C 174 -12.17 53.92 -1.23
C LEU C 174 -12.99 54.24 -2.49
N ALA C 175 -13.63 55.41 -2.53
CA ALA C 175 -14.37 55.84 -3.70
C ALA C 175 -14.20 57.34 -3.91
N MET C 176 -14.21 57.76 -5.17
CA MET C 176 -14.32 59.15 -5.57
C MET C 176 -15.55 59.33 -6.44
N ASN C 177 -16.04 60.57 -6.50
CA ASN C 177 -17.12 60.88 -7.45
C ASN C 177 -16.53 61.24 -8.81
N GLN C 178 -17.40 61.29 -9.82
CA GLN C 178 -16.92 61.48 -11.19
C GLN C 178 -16.20 62.80 -11.38
N LEU C 179 -16.64 63.86 -10.69
CA LEU C 179 -16.04 65.18 -10.77
C LEU C 179 -14.75 65.30 -9.95
N GLY C 180 -14.48 64.35 -9.06
CA GLY C 180 -13.27 64.43 -8.26
C GLY C 180 -13.28 65.53 -7.22
N THR C 181 -14.43 65.72 -6.55
CA THR C 181 -14.61 66.74 -5.54
C THR C 181 -14.84 66.12 -4.16
N ILE C 182 -15.12 64.82 -4.10
CA ILE C 182 -15.33 64.11 -2.85
C ILE C 182 -14.58 62.79 -2.93
N ILE C 183 -13.88 62.44 -1.86
CA ILE C 183 -13.27 61.13 -1.70
C ILE C 183 -13.65 60.59 -0.32
N VAL C 184 -14.00 59.31 -0.26
CA VAL C 184 -14.40 58.66 0.98
C VAL C 184 -13.60 57.37 1.13
N SER C 185 -13.18 57.09 2.36
CA SER C 185 -12.49 55.84 2.66
C SER C 185 -13.32 55.01 3.64
N GLY C 186 -13.21 53.71 3.51
CA GLY C 186 -13.85 52.77 4.42
C GLY C 186 -12.79 51.89 5.03
N SER C 187 -12.95 51.56 6.31
CA SER C 187 -11.86 50.86 6.99
C SER C 187 -12.41 50.11 8.18
N THR C 188 -11.50 49.41 8.87
CA THR C 188 -11.77 48.69 10.11
C THR C 188 -11.95 49.61 11.29
N GLU C 189 -11.82 50.92 11.10
CA GLU C 189 -12.13 51.88 12.13
C GLU C 189 -13.64 52.10 12.29
N LYS C 190 -14.45 51.62 11.35
CA LYS C 190 -15.92 51.58 11.39
C LYS C 190 -16.53 52.94 11.12
N VAL C 191 -15.71 53.95 10.84
CA VAL C 191 -16.16 55.26 10.38
C VAL C 191 -15.66 55.50 8.96
N LEU C 192 -16.53 56.09 8.13
CA LEU C 192 -16.09 56.60 6.83
C LEU C 192 -15.59 58.03 6.98
N ARG C 193 -14.40 58.28 6.44
CA ARG C 193 -13.76 59.59 6.49
C ARG C 193 -13.81 60.20 5.09
N VAL C 194 -14.18 61.47 5.02
CA VAL C 194 -14.38 62.15 3.74
C VAL C 194 -13.46 63.36 3.65
N TRP C 195 -12.81 63.52 2.50
CA TRP C 195 -11.98 64.69 2.24
C TRP C 195 -12.40 65.27 0.90
N ASP C 196 -12.03 66.53 0.68
CA ASP C 196 -11.99 67.09 -0.67
C ASP C 196 -10.64 66.79 -1.29
N PRO C 197 -10.58 65.99 -2.36
CA PRO C 197 -9.28 65.72 -3.01
C PRO C 197 -8.62 66.95 -3.61
N ARG C 198 -9.37 68.01 -3.92
CA ARG C 198 -8.76 69.19 -4.54
C ARG C 198 -7.93 69.98 -3.54
N THR C 199 -8.29 69.95 -2.25
CA THR C 199 -7.63 70.75 -1.23
C THR C 199 -6.98 69.92 -0.14
N CYS C 200 -7.24 68.60 -0.12
CA CYS C 200 -6.83 67.65 0.91
C CYS C 200 -7.44 67.97 2.27
N ALA C 201 -8.43 68.85 2.32
CA ALA C 201 -9.09 69.22 3.55
C ALA C 201 -10.04 68.14 4.03
N LYS C 202 -10.04 67.89 5.35
CA LYS C 202 -11.04 66.98 5.92
C LYS C 202 -12.40 67.65 5.89
N LEU C 203 -13.41 66.89 5.47
CA LEU C 203 -14.77 67.42 5.38
C LEU C 203 -15.66 66.97 6.52
N MET C 204 -15.64 65.70 6.89
CA MET C 204 -16.59 65.20 7.87
C MET C 204 -16.21 63.80 8.28
N LYS C 205 -16.79 63.35 9.39
CA LYS C 205 -16.59 62.00 9.88
C LYS C 205 -17.98 61.38 10.04
N LEU C 206 -18.25 60.33 9.26
CA LEU C 206 -19.55 59.64 9.25
C LEU C 206 -19.56 58.39 10.12
N LYS C 207 -20.32 58.41 11.21
CA LYS C 207 -20.34 57.30 12.16
C LYS C 207 -21.68 56.58 12.02
N GLY C 208 -21.64 55.26 12.17
CA GLY C 208 -22.86 54.47 12.08
C GLY C 208 -22.60 52.98 11.92
N HIS C 209 -21.60 52.61 11.13
CA HIS C 209 -21.28 51.20 10.97
C HIS C 209 -20.63 50.66 12.24
N THR C 210 -20.86 49.37 12.50
CA THR C 210 -20.28 48.69 13.65
C THR C 210 -19.25 47.64 13.26
N ASP C 211 -18.80 47.66 12.01
CA ASP C 211 -17.79 46.71 11.56
C ASP C 211 -17.06 47.32 10.36
N ASN C 212 -16.09 46.56 9.83
CA ASN C 212 -15.34 46.94 8.65
C ASN C 212 -16.29 47.36 7.52
N VAL C 213 -15.81 48.26 6.66
CA VAL C 213 -16.57 48.72 5.50
C VAL C 213 -15.69 48.43 4.28
N LYS C 214 -16.08 47.41 3.52
CA LYS C 214 -15.32 46.94 2.37
C LYS C 214 -15.87 47.41 1.02
N ALA C 215 -16.97 48.17 0.98
CA ALA C 215 -17.57 48.59 -0.28
C ALA C 215 -18.12 50.01 -0.21
N LEU C 216 -17.72 50.85 -1.17
CA LEU C 216 -18.12 52.25 -1.19
C LEU C 216 -18.45 52.68 -2.61
N LEU C 217 -19.50 53.49 -2.73
CA LEU C 217 -19.91 54.09 -4.00
C LEU C 217 -20.38 55.51 -3.77
N LEU C 218 -20.13 56.37 -4.76
CA LEU C 218 -20.60 57.75 -4.74
C LEU C 218 -21.42 58.01 -6.00
N ASN C 219 -22.46 58.82 -5.87
CA ASN C 219 -23.21 59.29 -7.02
C ASN C 219 -22.38 60.29 -7.83
N ARG C 220 -22.90 60.66 -9.00
CA ARG C 220 -22.07 61.36 -9.97
C ARG C 220 -21.54 62.68 -9.43
N ASP C 221 -22.37 63.43 -8.71
CA ASP C 221 -21.95 64.72 -8.16
C ASP C 221 -21.57 64.65 -6.68
N GLY C 222 -21.25 63.46 -6.17
CA GLY C 222 -20.71 63.32 -4.83
C GLY C 222 -21.57 63.93 -3.73
N THR C 223 -22.89 63.79 -3.84
CA THR C 223 -23.79 64.27 -2.81
C THR C 223 -24.39 63.14 -1.98
N GLN C 224 -24.41 61.92 -2.51
CA GLN C 224 -24.86 60.77 -1.75
C GLN C 224 -23.82 59.66 -1.84
N CYS C 225 -23.78 58.81 -0.82
CA CYS C 225 -22.83 57.71 -0.74
C CYS C 225 -23.53 56.43 -0.27
N LEU C 226 -23.14 55.31 -0.87
CA LEU C 226 -23.55 53.99 -0.42
C LEU C 226 -22.32 53.27 0.13
N SER C 227 -22.45 52.72 1.33
CA SER C 227 -21.41 51.91 1.94
C SER C 227 -21.92 50.51 2.22
N GLY C 228 -21.05 49.54 2.00
CA GLY C 228 -21.35 48.14 2.30
C GLY C 228 -20.34 47.66 3.34
N SER C 229 -20.83 46.94 4.34
CA SER C 229 -20.07 46.71 5.54
C SER C 229 -20.18 45.26 5.98
N SER C 230 -19.15 44.82 6.73
CA SER C 230 -19.11 43.47 7.25
C SER C 230 -20.15 43.24 8.35
N ASP C 231 -20.84 44.28 8.78
CA ASP C 231 -21.93 44.13 9.73
C ASP C 231 -23.23 43.67 9.06
N GLY C 232 -23.21 43.52 7.74
CA GLY C 232 -24.36 43.01 7.00
C GLY C 232 -25.31 44.06 6.48
N THR C 233 -25.04 45.34 6.74
CA THR C 233 -25.94 46.39 6.29
C THR C 233 -25.33 47.18 5.14
N ILE C 234 -26.23 47.76 4.34
CA ILE C 234 -25.89 48.80 3.38
C ILE C 234 -26.44 50.10 3.94
N ARG C 235 -25.65 51.16 3.89
CA ARG C 235 -26.13 52.43 4.40
C ARG C 235 -26.00 53.49 3.33
N LEU C 236 -27.03 54.31 3.22
CA LEU C 236 -27.05 55.45 2.31
C LEU C 236 -26.80 56.71 3.11
N TRP C 237 -25.89 57.55 2.63
CA TRP C 237 -25.47 58.75 3.34
C TRP C 237 -25.74 59.98 2.49
N SER C 238 -26.19 61.05 3.15
CA SER C 238 -26.24 62.36 2.52
C SER C 238 -25.00 63.10 2.97
N LEU C 239 -24.19 63.53 2.02
CA LEU C 239 -22.96 64.22 2.37
C LEU C 239 -23.21 65.70 2.68
N GLY C 240 -24.28 66.26 2.12
CA GLY C 240 -24.68 67.62 2.47
C GLY C 240 -25.19 67.75 3.88
N GLN C 241 -25.81 66.69 4.42
CA GLN C 241 -26.29 66.68 5.78
C GLN C 241 -25.38 65.96 6.76
N GLN C 242 -24.36 65.26 6.27
CA GLN C 242 -23.47 64.46 7.14
C GLN C 242 -24.24 63.51 8.04
N ARG C 243 -25.14 62.73 7.44
CA ARG C 243 -25.87 61.76 8.24
C ARG C 243 -26.37 60.63 7.36
N CYS C 244 -26.74 59.52 8.02
CA CYS C 244 -27.29 58.35 7.36
C CYS C 244 -28.76 58.60 7.06
N ILE C 245 -29.17 58.35 5.83
CA ILE C 245 -30.56 58.58 5.46
C ILE C 245 -31.31 57.28 5.16
N ALA C 246 -30.64 56.13 5.20
CA ALA C 246 -31.31 54.86 5.06
C ALA C 246 -30.33 53.74 5.40
N THR C 247 -30.86 52.68 6.02
CA THR C 247 -30.07 51.51 6.35
C THR C 247 -30.80 50.30 5.81
N TYR C 248 -30.10 49.43 5.10
CA TYR C 248 -30.69 48.25 4.50
C TYR C 248 -30.02 47.02 5.07
N ARG C 249 -30.83 46.10 5.59
CA ARG C 249 -30.32 44.86 6.18
C ARG C 249 -30.90 43.70 5.36
N VAL C 250 -30.36 43.51 4.15
CA VAL C 250 -30.88 42.46 3.27
C VAL C 250 -30.03 41.21 3.27
N HIS C 251 -28.83 41.24 3.85
CA HIS C 251 -27.95 40.09 3.89
C HIS C 251 -27.87 39.50 5.28
N ASP C 252 -27.38 38.26 5.34
CA ASP C 252 -27.18 37.56 6.60
C ASP C 252 -25.78 37.78 7.16
N GLU C 253 -24.79 37.93 6.30
CA GLU C 253 -23.40 38.14 6.70
C GLU C 253 -22.87 39.42 6.04
N GLY C 254 -21.56 39.60 6.11
CA GLY C 254 -20.97 40.83 5.63
C GLY C 254 -21.23 41.07 4.15
N VAL C 255 -21.52 42.33 3.82
CA VAL C 255 -21.65 42.78 2.44
C VAL C 255 -20.28 43.24 1.93
N TRP C 256 -19.81 42.64 0.85
CA TRP C 256 -18.45 42.88 0.38
C TRP C 256 -18.37 43.62 -0.95
N ALA C 257 -19.46 43.71 -1.69
CA ALA C 257 -19.42 44.21 -3.06
C ALA C 257 -20.71 44.96 -3.35
N LEU C 258 -20.60 46.13 -3.95
CA LEU C 258 -21.77 46.92 -4.32
C LEU C 258 -21.64 47.42 -5.75
N GLN C 259 -22.77 47.45 -6.46
CA GLN C 259 -22.96 48.19 -7.69
C GLN C 259 -24.27 48.95 -7.65
N VAL C 260 -24.35 49.98 -8.49
CA VAL C 260 -25.52 50.82 -8.58
C VAL C 260 -25.72 51.16 -10.06
N ASN C 261 -26.98 51.30 -10.46
CA ASN C 261 -27.27 51.68 -11.83
C ASN C 261 -26.93 53.16 -12.06
N ASP C 262 -26.94 53.55 -13.33
CA ASP C 262 -26.60 54.92 -13.71
C ASP C 262 -27.51 55.93 -13.04
N ALA C 263 -28.76 55.55 -12.76
CA ALA C 263 -29.76 56.44 -12.17
C ALA C 263 -29.66 56.51 -10.66
N PHE C 264 -28.76 55.75 -10.04
CA PHE C 264 -28.60 55.71 -8.59
C PHE C 264 -29.90 55.37 -7.85
N THR C 265 -30.63 54.38 -8.36
CA THR C 265 -31.92 54.01 -7.81
C THR C 265 -32.05 52.55 -7.43
N HIS C 266 -31.28 51.66 -8.04
CA HIS C 266 -31.19 50.25 -7.65
C HIS C 266 -29.76 49.93 -7.26
N VAL C 267 -29.59 49.28 -6.11
CA VAL C 267 -28.27 48.90 -5.63
C VAL C 267 -28.15 47.38 -5.73
N TYR C 268 -27.05 46.93 -6.32
CA TYR C 268 -26.72 45.52 -6.40
C TYR C 268 -25.71 45.19 -5.31
N SER C 269 -26.01 44.18 -4.50
CA SER C 269 -25.17 43.83 -3.37
C SER C 269 -24.84 42.35 -3.37
N GLY C 270 -23.65 42.04 -2.84
CA GLY C 270 -23.17 40.68 -2.73
C GLY C 270 -22.13 40.61 -1.64
N GLY C 271 -21.93 39.40 -1.13
CA GLY C 271 -20.96 39.25 -0.05
C GLY C 271 -20.75 37.83 0.43
N ARG C 272 -20.54 37.71 1.75
CA ARG C 272 -20.13 36.46 2.35
C ARG C 272 -21.23 35.41 2.30
N ASP C 273 -22.48 35.83 2.24
CA ASP C 273 -23.62 34.93 2.27
C ASP C 273 -23.96 34.35 0.90
N ARG C 274 -23.10 34.61 -0.09
CA ARG C 274 -23.11 34.04 -1.43
C ARG C 274 -24.27 34.54 -2.27
N LYS C 275 -25.23 35.22 -1.64
CA LYS C 275 -26.42 35.70 -2.33
C LYS C 275 -26.21 37.08 -2.90
N ILE C 276 -26.77 37.32 -4.09
CA ILE C 276 -26.66 38.59 -4.77
C ILE C 276 -28.07 39.15 -4.92
N TYR C 277 -28.28 40.36 -4.41
CA TYR C 277 -29.59 41.00 -4.43
C TYR C 277 -29.54 42.29 -5.23
N CYS C 278 -30.68 42.61 -5.83
CA CYS C 278 -30.97 43.94 -6.37
C CYS C 278 -32.06 44.57 -5.52
N THR C 279 -31.75 45.69 -4.89
CA THR C 279 -32.66 46.34 -3.96
C THR C 279 -32.96 47.74 -4.47
N ASP C 280 -34.25 48.09 -4.49
CA ASP C 280 -34.67 49.44 -4.85
C ASP C 280 -34.46 50.39 -3.67
N LEU C 281 -33.73 51.48 -3.93
CA LEU C 281 -33.38 52.41 -2.86
C LEU C 281 -34.61 53.18 -2.39
N ARG C 282 -35.51 53.51 -3.33
CA ARG C 282 -36.71 54.25 -2.99
C ARG C 282 -37.72 53.39 -2.24
N ASN C 283 -37.77 52.09 -2.52
CA ASN C 283 -38.72 51.20 -1.86
C ASN C 283 -38.03 49.89 -1.47
N PRO C 284 -37.44 49.85 -0.27
CA PRO C 284 -36.62 48.69 0.11
C PRO C 284 -37.34 47.35 0.03
N ASP C 285 -38.61 47.31 0.45
CA ASP C 285 -39.33 46.04 0.54
C ASP C 285 -39.41 45.30 -0.79
N ILE C 286 -39.52 46.02 -1.91
CA ILE C 286 -39.36 45.41 -3.22
C ILE C 286 -37.87 45.18 -3.48
N ARG C 287 -37.41 43.94 -3.32
CA ARG C 287 -36.05 43.57 -3.68
C ARG C 287 -36.03 42.19 -4.30
N VAL C 288 -35.05 41.96 -5.16
CA VAL C 288 -34.98 40.74 -5.96
C VAL C 288 -33.65 40.05 -5.72
N LEU C 289 -33.71 38.77 -5.35
CA LEU C 289 -32.55 37.89 -5.28
C LEU C 289 -32.18 37.52 -6.71
N ILE C 290 -31.03 38.00 -7.18
CA ILE C 290 -30.65 37.73 -8.57
C ILE C 290 -30.14 36.31 -8.72
N CYS C 291 -29.32 35.84 -7.80
CA CYS C 291 -28.80 34.48 -7.84
C CYS C 291 -28.08 34.22 -6.53
N GLU C 292 -27.77 32.94 -6.29
CA GLU C 292 -26.86 32.55 -5.23
C GLU C 292 -25.65 31.89 -5.87
N GLU C 293 -24.50 32.52 -5.72
CA GLU C 293 -23.23 32.08 -6.28
C GLU C 293 -22.67 30.92 -5.46
N LYS C 294 -21.58 30.33 -5.96
CA LYS C 294 -21.01 29.11 -5.43
C LYS C 294 -19.93 29.40 -4.40
N ALA C 295 -19.60 30.68 -4.21
CA ALA C 295 -18.51 31.10 -3.33
C ALA C 295 -18.77 32.55 -2.94
N PRO C 296 -18.21 33.00 -1.82
CA PRO C 296 -18.41 34.40 -1.40
C PRO C 296 -18.10 35.40 -2.50
N VAL C 297 -18.99 36.37 -2.67
CA VAL C 297 -18.87 37.35 -3.74
C VAL C 297 -17.89 38.43 -3.28
N LEU C 298 -16.87 38.69 -4.12
CA LEU C 298 -15.87 39.70 -3.76
C LEU C 298 -16.08 41.04 -4.44
N LYS C 299 -16.54 41.04 -5.70
CA LYS C 299 -16.74 42.27 -6.46
C LYS C 299 -17.71 42.00 -7.60
N MET C 300 -18.41 43.05 -8.01
CA MET C 300 -19.37 42.98 -9.10
C MET C 300 -19.20 44.19 -10.01
N GLU C 301 -19.43 44.00 -11.30
CA GLU C 301 -19.34 45.08 -12.28
C GLU C 301 -20.53 44.99 -13.23
N LEU C 302 -21.43 45.97 -13.15
CA LEU C 302 -22.57 46.02 -14.07
C LEU C 302 -22.13 46.17 -15.52
N ASP C 303 -22.83 45.45 -16.41
CA ASP C 303 -22.84 45.74 -17.83
C ASP C 303 -23.80 46.91 -18.07
N ARG C 304 -23.31 47.99 -18.66
CA ARG C 304 -24.11 49.20 -18.87
C ARG C 304 -24.41 49.48 -20.35
N SER C 305 -24.51 48.42 -21.17
CA SER C 305 -24.91 48.57 -22.56
C SER C 305 -26.24 49.30 -22.71
N ALA C 306 -27.20 49.01 -21.84
CA ALA C 306 -28.56 49.52 -21.91
C ALA C 306 -28.98 50.06 -20.56
N ASP C 307 -29.98 50.96 -20.56
CA ASP C 307 -30.38 51.70 -19.37
C ASP C 307 -30.64 50.63 -18.30
N PRO C 308 -31.74 49.86 -18.29
CA PRO C 308 -31.86 48.82 -17.27
C PRO C 308 -30.78 47.79 -17.54
N PRO C 309 -29.72 47.72 -16.73
CA PRO C 309 -28.52 46.99 -17.16
C PRO C 309 -28.81 45.54 -17.49
N PRO C 310 -28.25 45.04 -18.59
CA PRO C 310 -28.58 43.68 -19.06
C PRO C 310 -27.96 42.56 -18.26
N ALA C 311 -26.81 42.81 -17.63
CA ALA C 311 -26.11 41.76 -16.92
C ALA C 311 -25.18 42.34 -15.87
N ILE C 312 -24.75 41.49 -14.95
CA ILE C 312 -23.76 41.83 -13.94
C ILE C 312 -22.68 40.75 -13.92
N TRP C 313 -21.43 41.18 -14.00
CA TRP C 313 -20.30 40.27 -13.85
C TRP C 313 -19.94 40.16 -12.37
N VAL C 314 -19.55 38.96 -11.94
CA VAL C 314 -19.36 38.69 -10.52
C VAL C 314 -18.05 37.95 -10.31
N ALA C 315 -17.20 38.50 -9.45
CA ALA C 315 -15.95 37.88 -9.05
C ALA C 315 -16.11 37.27 -7.66
N THR C 316 -15.58 36.05 -7.48
CA THR C 316 -15.69 35.38 -6.19
C THR C 316 -14.34 34.84 -5.73
N THR C 317 -14.33 34.06 -4.66
CA THR C 317 -13.08 33.44 -4.23
C THR C 317 -12.69 32.26 -5.11
N LYS C 318 -13.60 31.79 -5.95
CA LYS C 318 -13.31 30.77 -6.95
C LYS C 318 -12.66 31.42 -8.18
N SER C 319 -12.01 30.58 -8.99
CA SER C 319 -11.25 31.09 -10.12
C SER C 319 -12.11 31.36 -11.34
N THR C 320 -13.36 30.88 -11.35
CA THR C 320 -14.27 31.15 -12.46
C THR C 320 -14.97 32.49 -12.27
N VAL C 321 -15.31 33.14 -13.39
CA VAL C 321 -16.01 34.41 -13.39
C VAL C 321 -17.31 34.24 -14.17
N ASN C 322 -18.43 34.52 -13.52
CA ASN C 322 -19.76 34.32 -14.07
C ASN C 322 -20.41 35.65 -14.46
N LYS C 323 -21.01 35.68 -15.64
CA LYS C 323 -21.92 36.75 -16.06
C LYS C 323 -23.35 36.30 -15.82
N TRP C 324 -24.13 37.09 -15.08
CA TRP C 324 -25.52 36.75 -14.83
C TRP C 324 -26.45 37.71 -15.56
N THR C 325 -27.45 37.16 -16.25
CA THR C 325 -28.42 37.92 -17.01
C THR C 325 -29.55 38.43 -16.11
N LEU C 326 -30.16 39.57 -16.49
CA LEU C 326 -31.20 40.19 -15.69
C LEU C 326 -32.53 40.33 -16.43
N LYS C 327 -32.71 39.66 -17.57
CA LYS C 327 -33.95 39.69 -18.33
C LYS C 327 -35.11 39.12 -17.53
N GLY C 328 -35.79 39.97 -16.76
CA GLY C 328 -36.93 39.52 -15.98
C GLY C 328 -37.35 40.46 -14.86
N ILE C 329 -36.39 41.02 -14.12
CA ILE C 329 -36.73 41.90 -13.01
C ILE C 329 -37.40 43.16 -13.54
N HIS C 330 -38.19 43.80 -12.68
CA HIS C 330 -38.89 45.02 -13.07
C HIS C 330 -38.38 46.21 -12.25
N PRO C 345 -37.18 36.79 -1.26
CA PRO C 345 -37.54 35.73 -2.22
C PRO C 345 -36.76 34.44 -2.00
N ILE C 346 -37.49 33.32 -2.01
CA ILE C 346 -36.85 32.01 -2.00
C ILE C 346 -36.32 31.65 -3.38
N THR C 347 -37.08 31.94 -4.42
CA THR C 347 -36.74 31.50 -5.76
C THR C 347 -35.72 32.45 -6.39
N PRO C 348 -34.55 31.95 -6.83
CA PRO C 348 -33.60 32.81 -7.52
C PRO C 348 -34.09 33.18 -8.91
N LEU C 349 -33.83 34.44 -9.29
CA LEU C 349 -34.11 34.87 -10.66
C LEU C 349 -33.35 34.04 -11.68
N CYS C 350 -32.09 33.70 -11.40
CA CYS C 350 -31.28 32.93 -12.31
C CYS C 350 -30.70 31.70 -11.62
N THR C 351 -30.49 30.65 -12.41
CA THR C 351 -29.95 29.39 -11.95
C THR C 351 -28.66 29.00 -12.63
N GLN C 352 -28.43 29.44 -13.86
CA GLN C 352 -27.18 29.21 -14.57
C GLN C 352 -26.63 30.53 -15.08
N PRO C 353 -25.33 30.73 -15.00
CA PRO C 353 -24.71 31.93 -15.58
C PRO C 353 -25.00 32.08 -17.06
N ASP C 354 -24.94 33.33 -17.52
CA ASP C 354 -25.24 33.65 -18.91
C ASP C 354 -23.99 33.49 -19.77
N GLN C 355 -22.85 33.91 -19.22
CA GLN C 355 -21.54 33.59 -19.78
C GLN C 355 -20.70 33.05 -18.65
N VAL C 356 -19.68 32.26 -19.00
CA VAL C 356 -18.77 31.67 -18.02
C VAL C 356 -17.35 31.80 -18.55
N ILE C 357 -16.52 32.50 -17.79
CA ILE C 357 -15.08 32.49 -18.03
C ILE C 357 -14.47 31.38 -17.17
N LYS C 358 -13.87 30.39 -17.83
CA LYS C 358 -13.42 29.19 -17.14
C LYS C 358 -12.22 29.53 -16.25
N GLY C 359 -12.12 28.86 -15.11
CA GLY C 359 -10.97 28.99 -14.25
C GLY C 359 -10.21 27.68 -14.07
N GLY C 360 -9.01 27.80 -13.52
CA GLY C 360 -8.17 26.67 -13.17
C GLY C 360 -8.14 26.43 -11.66
N ALA C 361 -7.43 25.37 -11.28
CA ALA C 361 -7.37 24.95 -9.90
C ALA C 361 -6.31 25.75 -9.15
N SER C 362 -6.53 25.95 -7.85
CA SER C 362 -5.51 26.54 -6.98
C SER C 362 -4.83 25.41 -6.22
N ILE C 363 -3.52 25.52 -6.03
CA ILE C 363 -2.82 24.61 -5.14
C ILE C 363 -3.05 25.06 -3.69
N ILE C 364 -3.74 24.23 -2.91
CA ILE C 364 -4.17 24.62 -1.57
C ILE C 364 -3.45 23.84 -0.49
N GLN C 365 -2.72 22.78 -0.83
CA GLN C 365 -2.01 21.96 0.15
C GLN C 365 -0.73 21.44 -0.47
N CYS C 366 0.34 21.42 0.33
CA CYS C 366 1.67 21.14 -0.19
C CYS C 366 2.43 20.33 0.85
N HIS C 367 3.11 19.28 0.40
CA HIS C 367 3.93 18.44 1.27
C HIS C 367 5.30 18.23 0.65
N ILE C 368 6.33 18.57 1.41
CA ILE C 368 7.71 18.35 0.99
C ILE C 368 8.12 16.94 1.43
N LEU C 369 8.58 16.13 0.48
CA LEU C 369 8.93 14.75 0.77
C LEU C 369 10.25 14.69 1.53
N ASN C 370 10.57 13.48 2.02
CA ASN C 370 11.76 13.33 2.87
C ASN C 370 13.06 13.51 2.07
N ASP C 371 13.02 13.35 0.75
CA ASP C 371 14.20 13.55 -0.06
C ASP C 371 14.52 15.03 -0.25
N LYS C 372 13.62 15.90 0.21
CA LYS C 372 13.78 17.36 0.10
C LYS C 372 14.02 17.78 -1.34
N ARG C 373 13.33 17.11 -2.25
CA ARG C 373 13.56 17.21 -3.69
C ARG C 373 12.24 17.16 -4.44
N HIS C 374 11.30 16.36 -3.95
CA HIS C 374 9.99 16.22 -4.56
C HIS C 374 8.91 16.78 -3.65
N ILE C 375 7.80 17.21 -4.25
CA ILE C 375 6.66 17.75 -3.50
C ILE C 375 5.37 17.10 -4.00
N LEU C 376 4.48 16.77 -3.07
CA LEU C 376 3.14 16.33 -3.39
C LEU C 376 2.17 17.47 -3.11
N THR C 377 1.28 17.75 -4.05
CA THR C 377 0.30 18.82 -3.88
C THR C 377 -1.11 18.27 -3.98
N LYS C 378 -2.07 19.01 -3.40
CA LYS C 378 -3.47 18.81 -3.66
C LYS C 378 -4.06 20.17 -4.04
N ASP C 379 -4.94 20.18 -5.05
CA ASP C 379 -5.59 21.42 -5.45
C ASP C 379 -7.09 21.33 -5.21
N THR C 380 -7.79 22.41 -5.57
CA THR C 380 -9.21 22.57 -5.30
C THR C 380 -10.08 21.51 -5.99
N ASN C 381 -9.58 20.82 -7.01
CA ASN C 381 -10.37 19.72 -7.57
C ASN C 381 -10.11 18.40 -6.86
N ASN C 382 -9.30 18.44 -5.81
CA ASN C 382 -8.84 17.30 -5.01
C ASN C 382 -8.00 16.30 -5.82
N ASN C 383 -7.43 16.71 -6.94
CA ASN C 383 -6.45 15.90 -7.65
C ASN C 383 -5.06 16.16 -7.04
N VAL C 384 -4.24 15.12 -7.01
CA VAL C 384 -2.95 15.12 -6.35
C VAL C 384 -1.88 14.93 -7.40
N ALA C 385 -0.83 15.75 -7.34
CA ALA C 385 0.26 15.67 -8.30
C ALA C 385 1.61 15.66 -7.61
N TYR C 386 2.61 15.22 -8.37
CA TYR C 386 3.98 15.01 -7.92
C TYR C 386 4.92 15.86 -8.74
N TRP C 387 5.77 16.64 -8.07
CA TRP C 387 6.63 17.61 -8.73
C TRP C 387 8.08 17.42 -8.34
N ASP C 388 8.97 17.92 -9.21
CA ASP C 388 10.42 17.88 -9.02
C ASP C 388 10.88 19.32 -8.79
N VAL C 389 11.14 19.66 -7.53
CA VAL C 389 11.54 21.02 -7.18
C VAL C 389 12.87 21.39 -7.85
N LEU C 390 13.79 20.44 -7.90
CA LEU C 390 15.12 20.72 -8.47
C LEU C 390 15.03 21.05 -9.95
N LYS C 391 14.21 20.30 -10.70
CA LYS C 391 14.07 20.56 -12.13
C LYS C 391 12.94 21.53 -12.45
N ALA C 392 12.26 22.04 -11.42
CA ALA C 392 11.18 23.02 -11.56
C ALA C 392 10.10 22.61 -12.55
N CYS C 393 9.52 21.44 -12.34
CA CYS C 393 8.48 20.96 -13.25
C CYS C 393 7.65 19.89 -12.58
N LYS C 394 6.50 19.58 -13.20
CA LYS C 394 5.64 18.51 -12.76
C LYS C 394 6.16 17.18 -13.27
N VAL C 395 5.95 16.12 -12.49
CA VAL C 395 6.39 14.78 -12.87
C VAL C 395 5.22 13.91 -13.33
N GLU C 396 4.15 13.83 -12.53
CA GLU C 396 2.96 13.13 -12.98
C GLU C 396 1.74 13.61 -12.20
N ASP C 397 0.61 13.62 -12.90
CA ASP C 397 -0.68 13.81 -12.25
C ASP C 397 -1.18 12.45 -11.74
N LEU C 398 -1.66 12.44 -10.51
CA LEU C 398 -2.09 11.22 -9.83
C LEU C 398 -3.60 11.13 -9.68
N GLY C 399 -4.33 12.14 -10.13
CA GLY C 399 -5.78 12.13 -10.02
C GLY C 399 -6.25 12.34 -8.60
N LYS C 400 -7.44 11.83 -8.29
CA LYS C 400 -8.07 12.08 -7.00
C LYS C 400 -7.78 11.00 -5.96
N VAL C 401 -6.50 10.64 -5.85
CA VAL C 401 -6.08 9.73 -4.78
C VAL C 401 -6.17 10.44 -3.44
N ASP C 402 -6.15 9.66 -2.36
CA ASP C 402 -6.13 10.26 -1.03
C ASP C 402 -4.79 10.92 -0.79
N PHE C 403 -4.83 12.18 -0.36
CA PHE C 403 -3.62 13.00 -0.27
C PHE C 403 -2.68 12.47 0.80
N GLU C 404 -3.20 12.21 1.99
CA GLU C 404 -2.36 11.73 3.09
C GLU C 404 -1.92 10.29 2.85
N ASP C 405 -2.73 9.49 2.16
CA ASP C 405 -2.29 8.14 1.83
C ASP C 405 -1.18 8.18 0.79
N GLU C 406 -1.18 9.20 -0.07
CA GLU C 406 -0.13 9.34 -1.07
C GLU C 406 1.18 9.79 -0.42
N ILE C 407 1.10 10.60 0.63
CA ILE C 407 2.29 11.01 1.34
C ILE C 407 2.93 9.80 2.01
N LYS C 408 2.13 9.02 2.72
CA LYS C 408 2.61 7.84 3.43
C LYS C 408 3.09 6.78 2.46
N LYS C 409 2.57 6.79 1.22
CA LYS C 409 2.91 5.79 0.22
C LYS C 409 4.31 6.02 -0.34
N ARG C 410 4.80 7.26 -0.31
CA ARG C 410 6.10 7.62 -0.88
C ARG C 410 7.14 7.87 0.20
N PHE C 411 6.82 7.57 1.46
CA PHE C 411 7.74 7.78 2.56
C PHE C 411 9.03 6.99 2.38
N LYS C 412 10.15 7.67 2.56
CA LYS C 412 11.47 7.04 2.55
C LYS C 412 12.21 7.49 3.80
N MET C 413 12.87 6.55 4.48
CA MET C 413 13.53 6.85 5.74
C MET C 413 14.91 7.43 5.45
N VAL C 414 14.92 8.72 5.19
CA VAL C 414 16.14 9.47 4.87
C VAL C 414 15.93 10.88 5.40
N TYR C 415 17.01 11.50 5.87
CA TYR C 415 16.92 12.88 6.31
C TYR C 415 17.85 13.72 5.42
N VAL C 416 17.32 14.83 4.91
CA VAL C 416 18.05 15.79 4.09
C VAL C 416 17.71 17.17 4.65
N PRO C 417 18.68 18.03 4.92
CA PRO C 417 18.36 19.33 5.51
C PRO C 417 17.48 20.19 4.59
N ASN C 418 16.60 20.97 5.21
CA ASN C 418 15.80 21.93 4.46
C ASN C 418 16.66 22.94 3.72
N TRP C 419 16.31 23.21 2.47
CA TRP C 419 17.09 24.13 1.69
C TRP C 419 16.23 25.06 0.85
N PHE C 420 14.91 24.94 0.89
CA PHE C 420 14.03 25.91 0.25
C PHE C 420 12.75 26.01 1.07
N SER C 421 11.90 26.94 0.67
CA SER C 421 10.54 27.04 1.16
C SER C 421 9.57 27.21 -0.01
N VAL C 422 8.34 26.77 0.20
CA VAL C 422 7.31 26.84 -0.82
C VAL C 422 6.18 27.71 -0.28
N ASP C 423 5.53 28.48 -1.16
CA ASP C 423 4.35 29.22 -0.76
C ASP C 423 3.26 29.09 -1.81
N LEU C 424 2.01 29.10 -1.34
CA LEU C 424 0.84 28.90 -2.19
C LEU C 424 -0.03 30.15 -2.29
N LYS C 425 0.53 31.34 -2.02
CA LYS C 425 -0.32 32.52 -1.93
C LYS C 425 -0.98 32.87 -3.25
N THR C 426 -0.31 32.61 -4.37
CA THR C 426 -0.89 32.89 -5.68
C THR C 426 -1.69 31.72 -6.24
N GLY C 427 -1.72 30.57 -5.57
CA GLY C 427 -2.40 29.43 -6.12
C GLY C 427 -1.54 28.55 -6.99
N MET C 428 -0.35 29.00 -7.36
CA MET C 428 0.64 28.21 -8.07
C MET C 428 1.80 27.88 -7.13
N LEU C 429 2.66 26.96 -7.56
CA LEU C 429 3.81 26.59 -6.76
C LEU C 429 4.90 27.64 -6.90
N THR C 430 5.20 28.33 -5.81
CA THR C 430 6.32 29.27 -5.74
C THR C 430 7.36 28.76 -4.75
N ILE C 431 8.61 28.64 -5.20
CA ILE C 431 9.69 28.08 -4.40
C ILE C 431 10.59 29.24 -4.02
N THR C 432 10.95 29.32 -2.73
CA THR C 432 11.79 30.41 -2.25
C THR C 432 13.08 29.88 -1.65
N LEU C 433 14.19 30.52 -1.99
CA LEU C 433 15.52 30.19 -1.46
C LEU C 433 16.03 31.33 -0.59
N ASP C 434 16.59 30.99 0.56
CA ASP C 434 17.14 31.98 1.49
C ASP C 434 18.58 31.63 1.79
N GLU C 435 19.41 32.66 1.97
CA GLU C 435 20.82 32.47 2.32
C GLU C 435 21.02 31.60 3.55
N SER C 436 20.08 31.63 4.50
CA SER C 436 20.28 30.92 5.76
C SER C 436 20.38 29.41 5.57
N ASP C 437 19.60 28.84 4.65
CA ASP C 437 19.61 27.40 4.44
C ASP C 437 19.66 26.97 2.97
N CYS C 438 19.90 27.89 2.04
CA CYS C 438 19.92 27.52 0.62
C CYS C 438 20.95 26.43 0.31
N PHE C 439 22.08 26.43 1.01
CA PHE C 439 23.16 25.50 0.71
C PHE C 439 23.24 24.33 1.68
N ALA C 440 22.18 24.08 2.44
CA ALA C 440 22.22 23.09 3.51
C ALA C 440 22.23 21.65 3.02
N ALA C 441 21.81 21.39 1.78
CA ALA C 441 21.54 20.03 1.29
C ALA C 441 22.59 19.62 0.27
N TRP C 442 23.60 18.88 0.73
CA TRP C 442 24.50 18.15 -0.16
C TRP C 442 23.95 16.76 -0.43
N VAL C 443 23.89 16.36 -1.70
CA VAL C 443 23.57 14.98 -2.06
C VAL C 443 24.58 14.51 -3.10
N SER C 444 24.68 13.18 -3.25
CA SER C 444 25.53 12.61 -4.29
C SER C 444 24.81 12.69 -5.62
N ALA C 445 25.56 12.93 -6.69
CA ALA C 445 24.95 13.00 -8.01
C ALA C 445 24.16 11.75 -8.38
N LYS C 446 24.66 10.58 -8.01
CA LYS C 446 23.98 9.36 -8.41
C LYS C 446 22.65 9.21 -7.67
N ASP C 447 22.64 9.51 -6.36
CA ASP C 447 21.41 9.43 -5.58
C ASP C 447 20.45 10.58 -5.93
N ALA C 448 20.96 11.60 -6.61
CA ALA C 448 20.19 12.73 -7.11
C ALA C 448 19.71 12.45 -8.53
N GLY C 449 20.07 11.29 -9.07
CA GLY C 449 19.65 10.86 -10.38
C GLY C 449 20.46 11.43 -11.54
N PHE C 450 21.68 11.87 -11.29
CA PHE C 450 22.51 12.44 -12.33
C PHE C 450 23.65 11.47 -12.66
N SER C 451 24.35 11.74 -13.76
CA SER C 451 25.34 10.77 -14.23
C SER C 451 26.50 11.44 -14.95
N SER C 452 27.72 11.12 -14.51
CA SER C 452 28.97 11.60 -15.07
C SER C 452 29.68 10.32 -15.55
N PRO C 453 30.77 10.40 -16.32
CA PRO C 453 31.33 9.14 -16.86
C PRO C 453 31.96 8.26 -15.80
N ASP C 454 32.69 8.84 -14.85
CA ASP C 454 33.22 8.08 -13.73
C ASP C 454 33.01 8.73 -12.36
N GLY C 455 32.51 9.97 -12.32
CA GLY C 455 32.32 10.71 -11.08
C GLY C 455 31.81 9.87 -9.93
N SER C 456 30.71 9.15 -10.15
CA SER C 456 30.13 8.23 -9.16
C SER C 456 30.01 8.85 -7.77
N ASP C 457 28.90 9.54 -7.52
CA ASP C 457 28.62 10.33 -6.32
C ASP C 457 29.58 11.49 -6.12
N PRO C 458 29.73 12.40 -7.08
CA PRO C 458 30.40 13.67 -6.75
C PRO C 458 29.40 14.60 -6.09
N LYS C 459 29.67 14.99 -4.85
CA LYS C 459 28.62 15.61 -4.04
C LYS C 459 28.21 16.95 -4.62
N LEU C 460 26.90 17.11 -4.77
CA LEU C 460 26.27 18.29 -5.33
C LEU C 460 25.47 18.98 -4.25
N ASN C 461 25.52 20.31 -4.27
CA ASN C 461 24.70 21.13 -3.39
C ASN C 461 23.47 21.59 -4.18
N LEU C 462 22.29 21.16 -3.71
CA LEU C 462 21.07 21.35 -4.47
C LEU C 462 20.80 22.82 -4.73
N GLY C 463 20.83 23.64 -3.66
CA GLY C 463 20.56 25.05 -3.84
C GLY C 463 21.56 25.71 -4.78
N GLY C 464 22.82 25.27 -4.73
CA GLY C 464 23.82 25.86 -5.60
C GLY C 464 23.64 25.49 -7.05
N LEU C 465 23.19 24.26 -7.33
CA LEU C 465 22.95 23.86 -8.71
C LEU C 465 21.74 24.59 -9.29
N LEU C 466 20.69 24.71 -8.48
CA LEU C 466 19.47 25.36 -8.92
C LEU C 466 19.73 26.82 -9.25
N LEU C 467 20.41 27.53 -8.36
CA LEU C 467 20.79 28.92 -8.60
C LEU C 467 21.53 29.08 -9.93
N GLN C 468 22.39 28.12 -10.26
CA GLN C 468 23.14 28.21 -11.52
C GLN C 468 22.23 27.96 -12.72
N ALA C 469 21.27 27.04 -12.58
CA ALA C 469 20.31 26.81 -13.65
C ALA C 469 19.39 28.02 -13.84
N LEU C 470 18.96 28.64 -12.74
CA LEU C 470 18.08 29.81 -12.84
C LEU C 470 18.77 30.96 -13.56
N LEU C 471 20.07 31.13 -13.33
CA LEU C 471 20.83 32.21 -13.95
C LEU C 471 21.72 31.72 -15.10
N GLU C 472 21.36 30.57 -15.69
CA GLU C 472 22.17 29.97 -16.75
C GLU C 472 22.36 30.92 -17.94
N TYR C 473 21.38 31.80 -18.20
CA TYR C 473 21.44 32.69 -19.33
C TYR C 473 22.09 34.03 -19.01
N TRP C 474 22.49 34.26 -17.76
CA TRP C 474 23.21 35.47 -17.39
C TRP C 474 24.65 35.36 -17.86
N PRO C 475 25.05 36.20 -18.83
CA PRO C 475 26.41 36.07 -19.40
C PRO C 475 27.54 36.11 -18.39
N ARG C 476 27.41 36.90 -17.33
CA ARG C 476 28.47 36.97 -16.32
C ARG C 476 28.72 35.62 -15.66
N THR C 477 27.74 34.72 -15.67
CA THR C 477 27.84 33.37 -15.13
C THR C 477 28.42 32.35 -16.10
N HIS C 478 28.71 32.74 -17.34
CA HIS C 478 29.17 31.79 -18.35
C HIS C 478 30.67 31.52 -18.23
N VAL C 479 31.22 30.88 -19.26
CA VAL C 479 32.53 30.26 -19.20
C VAL C 479 33.45 30.86 -20.27
N LYS C 502 28.39 27.37 -19.36
CA LYS C 502 26.99 27.81 -19.33
C LYS C 502 26.08 26.85 -18.58
N GLY C 503 25.57 27.29 -17.44
CA GLY C 503 24.84 26.41 -16.55
C GLY C 503 25.68 25.68 -15.53
N ASN C 504 25.12 24.57 -15.05
CA ASN C 504 25.69 23.79 -13.97
C ASN C 504 26.12 22.39 -14.39
N GLY C 505 25.74 21.95 -15.59
CA GLY C 505 26.26 20.73 -16.16
C GLY C 505 25.47 19.48 -15.82
N TYR C 506 24.29 19.60 -15.20
CA TYR C 506 23.51 18.44 -14.82
C TYR C 506 22.05 18.56 -15.22
N PHE C 507 21.51 19.77 -15.26
CA PHE C 507 20.12 19.97 -15.62
C PHE C 507 19.87 21.44 -15.90
N GLN C 508 18.79 21.70 -16.63
CA GLN C 508 18.26 23.05 -16.80
C GLN C 508 16.87 23.14 -16.18
N VAL C 509 16.46 24.36 -15.86
CA VAL C 509 15.06 24.67 -15.58
C VAL C 509 14.40 25.02 -16.91
N PRO C 510 13.08 24.99 -17.02
CA PRO C 510 12.44 25.47 -18.25
C PRO C 510 12.74 26.93 -18.49
N PRO C 511 13.02 27.32 -19.73
CA PRO C 511 13.44 28.72 -19.99
C PRO C 511 12.42 29.76 -19.56
N HIS C 512 11.14 29.42 -19.52
CA HIS C 512 10.10 30.40 -19.18
C HIS C 512 9.89 30.58 -17.69
N THR C 513 10.55 29.79 -16.85
CA THR C 513 10.41 29.91 -15.40
C THR C 513 10.65 31.35 -14.95
N PRO C 514 9.69 31.98 -14.27
CA PRO C 514 9.94 33.32 -13.71
C PRO C 514 10.90 33.25 -12.54
N VAL C 515 11.88 34.14 -12.52
CA VAL C 515 12.86 34.24 -11.43
C VAL C 515 12.69 35.59 -10.77
N ILE C 516 12.44 35.58 -9.46
CA ILE C 516 12.07 36.77 -8.72
C ILE C 516 13.10 37.01 -7.62
N PHE C 517 13.61 38.24 -7.56
CA PHE C 517 14.49 38.71 -6.49
C PHE C 517 13.72 39.70 -5.64
N GLY C 518 13.45 39.33 -4.39
CA GLY C 518 12.72 40.20 -3.49
C GLY C 518 13.40 40.28 -2.15
N GLU C 519 13.02 41.29 -1.37
CA GLU C 519 13.46 41.39 0.00
C GLU C 519 12.56 40.55 0.89
N ALA C 520 13.17 39.92 1.90
CA ALA C 520 12.38 39.17 2.86
C ALA C 520 11.38 40.09 3.55
N GLY C 521 10.13 39.65 3.64
CA GLY C 521 9.08 40.50 4.15
C GLY C 521 8.76 41.69 3.28
N GLY C 522 8.17 41.44 2.10
CA GLY C 522 7.56 42.54 1.37
C GLY C 522 8.11 42.91 0.01
N ARG C 523 9.15 43.75 -0.04
CA ARG C 523 9.45 44.51 -1.24
C ARG C 523 10.10 43.64 -2.30
N THR C 524 9.39 43.37 -3.39
CA THR C 524 9.98 42.74 -4.56
C THR C 524 11.03 43.69 -5.16
N LEU C 525 12.21 43.17 -5.47
CA LEU C 525 13.21 43.99 -6.15
C LEU C 525 13.25 43.82 -7.66
N PHE C 526 13.20 42.60 -8.18
CA PHE C 526 13.36 42.39 -9.62
C PHE C 526 12.86 41.03 -10.06
N ARG C 527 12.13 41.01 -11.18
CA ARG C 527 11.51 39.81 -11.72
C ARG C 527 11.79 39.72 -13.22
N LEU C 528 12.28 38.54 -13.66
CA LEU C 528 12.52 38.27 -15.07
C LEU C 528 12.21 36.80 -15.34
N LEU C 529 12.15 36.45 -16.63
CA LEU C 529 12.06 35.06 -17.03
C LEU C 529 13.48 34.52 -17.21
N CYS C 530 13.68 33.24 -16.86
CA CYS C 530 14.99 32.62 -16.94
C CYS C 530 15.71 32.86 -18.26
N ARG C 531 15.00 32.68 -19.37
CA ARG C 531 15.61 32.84 -20.69
C ARG C 531 16.00 34.28 -21.02
N ASP C 532 15.49 35.26 -20.29
CA ASP C 532 15.71 36.65 -20.65
C ASP C 532 16.98 37.25 -20.06
N SER C 533 17.77 36.48 -19.33
CA SER C 533 18.88 37.06 -18.59
C SER C 533 19.94 37.66 -19.50
N GLY C 534 20.00 37.22 -20.76
CA GLY C 534 20.98 37.70 -21.72
C GLY C 534 20.70 39.08 -22.28
N GLY C 535 19.49 39.60 -22.07
CA GLY C 535 19.14 40.96 -22.44
C GLY C 535 20.10 41.99 -21.90
N GLU C 536 20.16 43.16 -22.55
CA GLU C 536 21.00 44.25 -22.07
C GLU C 536 20.39 44.91 -20.85
N THR C 537 19.06 45.03 -20.83
CA THR C 537 18.36 45.61 -19.69
C THR C 537 18.40 44.66 -18.50
N GLU C 538 18.11 43.39 -18.75
CA GLU C 538 18.10 42.38 -17.70
C GLU C 538 19.47 42.20 -17.07
N SER C 539 20.52 42.15 -17.89
CA SER C 539 21.87 41.97 -17.35
C SER C 539 22.28 43.16 -16.49
N MET C 540 21.89 44.37 -16.90
CA MET C 540 22.19 45.55 -16.10
C MET C 540 21.46 45.48 -14.76
N LEU C 541 20.16 45.17 -14.79
CA LEU C 541 19.36 45.10 -13.57
C LEU C 541 19.76 43.95 -12.67
N LEU C 542 20.26 42.85 -13.24
CA LEU C 542 20.71 41.73 -12.42
C LEU C 542 21.94 42.12 -11.61
N ASN C 543 22.95 42.70 -12.28
CA ASN C 543 24.12 43.23 -11.60
C ASN C 543 23.77 44.13 -10.42
N GLU C 544 22.66 44.86 -10.52
CA GLU C 544 22.22 45.75 -9.44
C GLU C 544 21.42 45.04 -8.35
N THR C 545 20.88 43.86 -8.64
CA THR C 545 19.90 43.23 -7.76
C THR C 545 20.33 41.89 -7.18
N VAL C 546 21.15 41.11 -7.88
CA VAL C 546 21.60 39.81 -7.39
C VAL C 546 22.45 39.96 -6.14
N PRO C 547 22.01 39.43 -5.00
CA PRO C 547 22.75 39.62 -3.74
C PRO C 547 24.07 38.87 -3.73
N GLN C 548 25.01 39.42 -2.94
CA GLN C 548 26.37 38.87 -2.89
C GLN C 548 26.38 37.38 -2.54
N TRP C 549 25.38 36.88 -1.81
CA TRP C 549 25.40 35.47 -1.44
C TRP C 549 25.05 34.57 -2.62
N VAL C 550 24.36 35.11 -3.63
CA VAL C 550 24.16 34.39 -4.88
C VAL C 550 25.36 34.57 -5.81
N ILE C 551 25.89 35.80 -5.89
CA ILE C 551 27.07 36.08 -6.71
C ILE C 551 28.21 35.13 -6.37
N ASP C 552 28.45 34.90 -5.08
CA ASP C 552 29.45 33.95 -4.61
C ASP C 552 29.40 32.62 -5.35
N ILE C 553 28.21 32.05 -5.51
CA ILE C 553 28.05 30.76 -6.15
C ILE C 553 27.95 30.89 -7.67
N THR C 554 27.13 31.81 -8.17
CA THR C 554 26.86 31.82 -9.60
C THR C 554 27.95 32.50 -10.42
N VAL C 555 28.61 33.53 -9.87
CA VAL C 555 29.65 34.22 -10.62
C VAL C 555 31.04 33.73 -10.22
N ASP C 556 31.39 33.87 -8.94
CA ASP C 556 32.71 33.48 -8.48
C ASP C 556 32.90 31.97 -8.48
N LYS C 557 31.84 31.21 -8.67
CA LYS C 557 31.85 29.74 -8.61
C LYS C 557 32.47 29.22 -7.31
N ASN C 558 32.04 29.79 -6.20
CA ASN C 558 32.56 29.41 -4.89
C ASN C 558 31.64 28.37 -4.25
N MET C 559 32.27 27.34 -3.66
CA MET C 559 31.59 26.23 -2.97
C MET C 559 32.58 25.09 -2.75
N ASN D 20 -17.25 31.42 63.81
CA ASN D 20 -16.24 30.46 63.40
C ASN D 20 -14.82 31.04 63.45
N ASN D 21 -13.96 30.42 64.25
CA ASN D 21 -12.52 30.73 64.26
C ASN D 21 -11.75 29.64 65.00
N LEU D 22 -10.68 29.11 64.38
CA LEU D 22 -9.89 28.04 64.97
C LEU D 22 -8.45 28.47 65.24
N GLY D 23 -8.19 29.76 65.36
CA GLY D 23 -6.83 30.25 65.54
C GLY D 23 -6.11 30.44 64.22
N ASN D 24 -6.27 31.62 63.62
CA ASN D 24 -5.70 31.95 62.31
C ASN D 24 -6.19 30.97 61.24
N THR D 25 -7.50 30.78 61.18
CA THR D 25 -8.17 30.08 60.09
C THR D 25 -9.18 31.01 59.42
N CYS D 26 -8.93 32.31 59.52
CA CYS D 26 -9.82 33.30 58.90
C CYS D 26 -9.82 33.19 57.38
N TYR D 27 -8.77 32.62 56.78
CA TYR D 27 -8.81 32.36 55.34
C TYR D 27 -9.94 31.39 55.00
N LEU D 28 -10.18 30.40 55.86
CA LEU D 28 -11.25 29.45 55.63
C LEU D 28 -12.59 29.99 56.11
N ASN D 29 -12.60 30.73 57.22
CA ASN D 29 -13.84 31.28 57.75
C ASN D 29 -14.47 32.27 56.77
N SER D 30 -13.64 33.13 56.16
CA SER D 30 -14.17 34.13 55.23
C SER D 30 -14.82 33.47 54.03
N ILE D 31 -14.20 32.42 53.49
CA ILE D 31 -14.73 31.74 52.31
C ILE D 31 -16.00 30.98 52.66
N LEU D 32 -16.02 30.34 53.84
CA LEU D 32 -17.21 29.59 54.27
C LEU D 32 -18.42 30.50 54.38
N GLN D 33 -18.24 31.71 54.91
CA GLN D 33 -19.37 32.62 55.09
C GLN D 33 -19.83 33.25 53.78
N VAL D 34 -18.99 33.25 52.74
CA VAL D 34 -19.47 33.63 51.41
C VAL D 34 -20.23 32.48 50.75
N LEU D 35 -19.73 31.25 50.88
CA LEU D 35 -20.45 30.09 50.34
C LEU D 35 -21.82 29.93 51.00
N TYR D 36 -21.91 30.20 52.30
CA TYR D 36 -23.18 30.01 53.01
C TYR D 36 -24.26 30.94 52.47
N PHE D 37 -23.88 32.10 51.93
CA PHE D 37 -24.84 33.07 51.42
C PHE D 37 -24.95 32.99 49.89
N CYS D 38 -24.60 31.86 49.30
CA CYS D 38 -24.72 31.74 47.84
C CYS D 38 -26.11 31.22 47.47
N PRO D 39 -26.68 31.77 46.40
CA PRO D 39 -28.07 31.44 46.05
C PRO D 39 -28.37 29.94 45.97
N GLY D 40 -27.56 29.18 45.24
CA GLY D 40 -27.83 27.78 45.02
C GLY D 40 -27.08 26.83 45.94
N PHE D 41 -26.19 27.36 46.79
CA PHE D 41 -25.34 26.48 47.60
C PHE D 41 -26.14 25.79 48.70
N LYS D 42 -26.94 26.56 49.44
CA LYS D 42 -27.76 26.02 50.52
C LYS D 42 -28.58 24.81 50.06
N SER D 43 -29.45 25.02 49.07
CA SER D 43 -30.30 23.95 48.59
C SER D 43 -29.51 22.76 48.04
N GLY D 44 -28.36 23.04 47.42
CA GLY D 44 -27.61 21.97 46.77
C GLY D 44 -27.04 20.96 47.75
N VAL D 45 -26.37 21.44 48.80
CA VAL D 45 -25.72 20.54 49.73
C VAL D 45 -26.74 19.79 50.58
N LYS D 46 -27.93 20.36 50.77
CA LYS D 46 -29.00 19.61 51.41
C LYS D 46 -29.48 18.45 50.54
N HIS D 47 -29.59 18.69 49.23
CA HIS D 47 -29.91 17.61 48.30
C HIS D 47 -28.86 16.51 48.35
N LEU D 48 -27.58 16.89 48.44
CA LEU D 48 -26.50 15.91 48.46
C LEU D 48 -26.39 15.18 49.78
N PHE D 49 -26.91 15.74 50.87
CA PHE D 49 -26.90 15.03 52.14
C PHE D 49 -27.88 13.87 52.15
N ASN D 50 -28.94 13.94 51.33
CA ASN D 50 -29.94 12.88 51.20
C ASN D 50 -29.53 11.80 50.20
N ILE D 51 -28.23 11.52 50.08
CA ILE D 51 -27.75 10.47 49.18
C ILE D 51 -28.10 9.09 49.72
N ILE D 52 -28.09 8.92 51.04
CA ILE D 52 -28.29 7.62 51.68
C ILE D 52 -29.53 6.91 51.18
N TYR D 65 -15.18 11.82 50.15
CA TYR D 65 -16.44 11.10 50.28
C TYR D 65 -17.37 11.79 51.27
N GLU D 66 -16.93 11.82 52.53
CA GLU D 66 -17.74 12.32 53.65
C GLU D 66 -17.43 13.77 53.96
N LEU D 67 -17.18 14.57 52.93
CA LEU D 67 -17.11 16.03 53.11
C LEU D 67 -18.49 16.66 53.07
N ILE D 68 -19.41 16.08 52.30
CA ILE D 68 -20.75 16.65 52.17
C ILE D 68 -21.54 16.50 53.46
N CYS D 69 -21.28 15.45 54.23
CA CYS D 69 -21.93 15.33 55.54
C CYS D 69 -21.39 16.37 56.50
N SER D 70 -20.08 16.64 56.44
CA SER D 70 -19.50 17.67 57.28
C SER D 70 -20.03 19.04 56.89
N LEU D 71 -20.25 19.28 55.60
CA LEU D 71 -20.87 20.51 55.15
C LEU D 71 -22.25 20.68 55.77
N GLN D 72 -23.06 19.62 55.72
CA GLN D 72 -24.39 19.68 56.34
C GLN D 72 -24.30 19.77 57.85
N SER D 73 -23.29 19.11 58.45
CA SER D 73 -23.09 19.22 59.89
C SER D 73 -22.82 20.65 60.32
N LEU D 74 -22.15 21.43 59.47
CA LEU D 74 -21.91 22.83 59.77
C LEU D 74 -23.17 23.67 59.58
N ILE D 75 -23.89 23.44 58.47
CA ILE D 75 -25.09 24.22 58.19
C ILE D 75 -26.12 24.05 59.31
N ILE D 76 -26.33 22.82 59.77
CA ILE D 76 -27.24 22.60 60.89
C ILE D 76 -26.70 23.28 62.15
N SER D 77 -25.38 23.23 62.34
CA SER D 77 -24.77 23.93 63.49
C SER D 77 -24.99 25.43 63.39
N VAL D 78 -24.95 25.98 62.17
CA VAL D 78 -25.24 27.40 61.98
C VAL D 78 -26.71 27.68 62.24
N GLU D 79 -27.59 26.86 61.66
CA GLU D 79 -29.03 27.06 61.82
C GLU D 79 -29.45 26.95 63.27
N GLN D 80 -28.84 26.03 64.02
CA GLN D 80 -29.24 25.84 65.42
C GLN D 80 -28.75 26.98 66.30
N LEU D 81 -27.60 27.58 65.96
CA LEU D 81 -27.12 28.73 66.74
C LEU D 81 -28.00 29.94 66.54
N GLN D 82 -28.65 30.06 65.38
CA GLN D 82 -29.65 31.10 65.20
C GLN D 82 -30.83 30.86 66.12
N ALA D 83 -31.24 29.59 66.26
CA ALA D 83 -32.30 29.25 67.22
C ALA D 83 -31.81 29.40 68.65
N SER D 84 -30.54 29.10 68.90
CA SER D 84 -29.96 29.31 70.23
C SER D 84 -30.00 30.77 70.63
N PHE D 85 -29.84 31.67 69.65
CA PHE D 85 -29.93 33.11 69.95
C PHE D 85 -31.35 33.51 70.33
N LEU D 86 -32.37 32.88 69.74
CA LEU D 86 -33.74 33.22 70.09
C LEU D 86 -33.99 33.01 71.58
N LEU D 87 -33.52 31.88 72.11
CA LEU D 87 -33.58 31.60 73.54
C LEU D 87 -32.31 32.14 74.19
N ASN D 88 -31.93 31.60 75.35
CA ASN D 88 -30.69 31.99 76.00
C ASN D 88 -30.01 30.78 76.61
N PRO D 89 -28.85 30.35 76.09
CA PRO D 89 -28.16 29.15 76.55
C PRO D 89 -27.59 29.30 77.96
N THR D 98 -20.34 29.27 66.72
CA THR D 98 -20.34 28.10 65.85
C THR D 98 -18.89 27.67 65.56
N GLN D 99 -18.69 26.36 65.36
CA GLN D 99 -17.35 25.80 65.21
C GLN D 99 -17.22 25.05 63.88
N PRO D 100 -16.28 25.44 63.00
CA PRO D 100 -16.10 24.75 61.73
C PRO D 100 -15.09 23.61 61.80
N ARG D 101 -14.90 23.03 63.00
CA ARG D 101 -13.84 22.04 63.18
C ARG D 101 -14.09 20.78 62.35
N ARG D 102 -15.35 20.47 62.05
CA ARG D 102 -15.64 19.29 61.25
C ARG D 102 -15.10 19.44 59.82
N LEU D 103 -15.23 20.64 59.23
CA LEU D 103 -14.71 20.86 57.89
C LEU D 103 -13.19 20.73 57.84
N LEU D 104 -12.50 21.30 58.84
CA LEU D 104 -11.04 21.40 58.75
C LEU D 104 -10.37 20.03 58.73
N ASN D 105 -10.81 19.12 59.60
CA ASN D 105 -10.18 17.80 59.65
C ASN D 105 -10.48 16.98 58.40
N THR D 106 -11.69 17.10 57.85
CA THR D 106 -12.02 16.41 56.61
C THR D 106 -11.20 16.94 55.44
N LEU D 107 -11.10 18.27 55.32
CA LEU D 107 -10.32 18.86 54.24
C LEU D 107 -8.84 18.48 54.34
N ARG D 108 -8.31 18.43 55.57
CA ARG D 108 -6.90 18.09 55.73
C ARG D 108 -6.61 16.65 55.31
N GLU D 109 -7.60 15.76 55.40
CA GLU D 109 -7.39 14.40 54.93
C GLU D 109 -7.26 14.35 53.40
N LEU D 110 -7.91 15.27 52.69
CA LEU D 110 -7.79 15.30 51.24
C LEU D 110 -6.48 15.94 50.81
N ASN D 111 -6.11 17.06 51.43
CA ASN D 111 -4.87 17.78 51.13
C ASN D 111 -4.46 18.57 52.38
N PRO D 112 -3.35 18.20 53.03
CA PRO D 112 -3.06 18.77 54.35
C PRO D 112 -2.43 20.15 54.30
N MET D 113 -1.62 20.41 53.26
CA MET D 113 -0.99 21.71 52.98
C MET D 113 -0.77 22.61 54.20
N ASP D 121 -4.19 30.74 51.83
CA ASP D 121 -4.86 31.70 50.96
C ASP D 121 -6.30 31.26 50.67
N ALA D 122 -7.23 32.22 50.76
CA ALA D 122 -8.63 31.91 50.56
C ALA D 122 -8.94 31.41 49.16
N GLN D 123 -8.18 31.86 48.15
CA GLN D 123 -8.48 31.47 46.78
C GLN D 123 -8.14 30.02 46.51
N GLU D 124 -7.02 29.53 47.05
CA GLU D 124 -6.62 28.15 46.79
C GLU D 124 -7.51 27.17 47.52
N VAL D 125 -7.88 27.47 48.78
CA VAL D 125 -8.71 26.54 49.53
C VAL D 125 -10.12 26.49 48.95
N LEU D 126 -10.59 27.62 48.40
CA LEU D 126 -11.88 27.62 47.70
C LEU D 126 -11.83 26.70 46.48
N GLN D 127 -10.71 26.73 45.75
CA GLN D 127 -10.54 25.85 44.61
C GLN D 127 -10.62 24.39 45.01
N CYS D 128 -9.96 24.02 46.11
CA CYS D 128 -9.97 22.63 46.55
C CYS D 128 -11.36 22.18 46.98
N ILE D 129 -12.14 23.08 47.58
CA ILE D 129 -13.50 22.75 47.99
C ILE D 129 -14.38 22.53 46.76
N LEU D 130 -14.52 23.59 45.94
CA LEU D 130 -15.38 23.49 44.76
C LEU D 130 -14.90 22.41 43.81
N GLY D 131 -13.58 22.27 43.64
CA GLY D 131 -13.06 21.25 42.74
C GLY D 131 -13.42 19.84 43.19
N ASN D 132 -13.35 19.57 44.49
CA ASN D 132 -13.66 18.23 44.99
C ASN D 132 -15.16 17.96 44.96
N ILE D 133 -16.00 18.98 45.18
CA ILE D 133 -17.44 18.79 45.05
C ILE D 133 -17.80 18.45 43.60
N GLN D 134 -17.18 19.13 42.64
CA GLN D 134 -17.40 18.83 41.23
C GLN D 134 -16.86 17.44 40.88
N GLU D 135 -15.75 17.05 41.48
CA GLU D 135 -15.17 15.74 41.19
C GLU D 135 -16.09 14.61 41.63
N THR D 136 -16.77 14.78 42.77
CA THR D 136 -17.71 13.76 43.22
C THR D 136 -19.02 13.82 42.44
N CYS D 137 -19.54 15.02 42.19
CA CYS D 137 -20.75 15.17 41.39
C CYS D 137 -20.61 14.49 40.03
N GLN D 138 -19.45 14.66 39.39
CA GLN D 138 -19.22 14.01 38.10
C GLN D 138 -19.13 12.50 38.24
N LEU D 139 -18.59 12.01 39.36
CA LEU D 139 -18.49 10.57 39.58
C LEU D 139 -19.82 9.94 39.97
N LEU D 140 -20.72 10.71 40.58
CA LEU D 140 -22.03 10.16 40.96
C LEU D 140 -22.85 9.79 39.73
N LYS D 141 -22.75 10.59 38.67
CA LYS D 141 -23.44 10.29 37.41
C LYS D 141 -22.46 9.60 36.46
N LYS D 142 -22.06 8.39 36.85
CA LYS D 142 -21.10 7.62 36.08
C LYS D 142 -21.61 6.19 35.88
N VAL D 168 -21.92 23.02 41.27
CA VAL D 168 -20.68 23.77 41.08
C VAL D 168 -20.59 24.25 39.64
N GLU D 169 -20.93 23.37 38.71
CA GLU D 169 -20.86 23.72 37.29
C GLU D 169 -21.92 24.75 36.90
N LYS D 170 -23.08 24.73 37.56
CA LYS D 170 -24.15 25.65 37.17
C LYS D 170 -23.85 27.08 37.62
N LEU D 171 -23.32 27.23 38.84
CA LEU D 171 -23.34 28.54 39.49
C LEU D 171 -21.97 29.06 39.92
N PHE D 172 -20.87 28.37 39.58
CA PHE D 172 -19.54 28.91 39.82
C PHE D 172 -18.69 28.95 38.57
N GLN D 173 -18.91 27.99 37.66
CA GLN D 173 -18.05 27.78 36.51
C GLN D 173 -18.72 28.28 35.24
N GLY D 174 -17.95 29.00 34.41
CA GLY D 174 -18.47 29.51 33.16
C GLY D 174 -17.59 29.06 32.00
N GLN D 175 -18.05 29.37 30.80
CA GLN D 175 -17.38 28.97 29.57
C GLN D 175 -16.74 30.19 28.92
N LEU D 176 -15.50 30.02 28.47
CA LEU D 176 -14.70 31.11 27.91
C LEU D 176 -14.36 30.79 26.46
N VAL D 177 -14.29 31.83 25.63
CA VAL D 177 -14.08 31.68 24.19
C VAL D 177 -12.91 32.54 23.77
N LEU D 178 -11.89 31.92 23.16
CA LEU D 178 -10.75 32.62 22.55
C LEU D 178 -10.96 32.60 21.04
N ARG D 179 -11.44 33.72 20.51
CA ARG D 179 -11.90 33.82 19.12
C ARG D 179 -10.89 34.61 18.30
N THR D 180 -10.48 34.02 17.16
CA THR D 180 -9.64 34.70 16.19
C THR D 180 -10.44 34.91 14.92
N ARG D 181 -10.41 36.12 14.39
CA ARG D 181 -11.25 36.53 13.26
C ARG D 181 -10.38 37.12 12.15
N CYS D 182 -10.20 36.37 11.07
CA CYS D 182 -9.52 36.90 9.90
C CYS D 182 -10.39 38.00 9.29
N LEU D 183 -9.84 39.20 9.17
CA LEU D 183 -10.61 40.33 8.68
C LEU D 183 -10.86 40.29 7.18
N GLU D 184 -10.21 39.39 6.46
CA GLU D 184 -10.36 39.34 5.01
C GLU D 184 -11.51 38.44 4.58
N CYS D 185 -11.75 37.34 5.29
CA CYS D 185 -12.87 36.46 5.02
C CYS D 185 -13.89 36.40 6.15
N GLU D 186 -13.56 36.90 7.34
CA GLU D 186 -14.46 36.93 8.48
C GLU D 186 -14.85 35.51 8.93
N SER D 187 -13.87 34.61 8.91
CA SER D 187 -14.04 33.24 9.37
C SER D 187 -13.54 33.12 10.80
N LEU D 188 -14.39 32.59 11.68
CA LEU D 188 -14.14 32.57 13.10
C LEU D 188 -13.62 31.20 13.54
N THR D 189 -12.40 31.17 14.06
CA THR D 189 -11.88 30.00 14.76
C THR D 189 -11.81 30.33 16.25
N GLU D 190 -12.40 29.46 17.06
CA GLU D 190 -12.44 29.70 18.50
C GLU D 190 -12.14 28.41 19.26
N ARG D 191 -11.51 28.57 20.42
CA ARG D 191 -11.25 27.49 21.35
C ARG D 191 -11.91 27.83 22.69
N ARG D 192 -12.52 26.82 23.31
CA ARG D 192 -13.28 27.01 24.54
C ARG D 192 -12.47 26.57 25.75
N GLU D 193 -12.46 27.42 26.77
CA GLU D 193 -11.89 27.09 28.08
C GLU D 193 -12.95 27.30 29.15
N ASP D 194 -12.83 26.54 30.24
CA ASP D 194 -13.67 26.73 31.42
C ASP D 194 -12.95 27.61 32.43
N PHE D 195 -13.73 28.30 33.25
CA PHE D 195 -13.17 29.19 34.25
C PHE D 195 -14.16 29.34 35.41
N GLN D 196 -13.63 29.41 36.63
CA GLN D 196 -14.44 29.59 37.82
C GLN D 196 -14.23 30.93 38.49
N ASP D 197 -13.25 31.72 38.03
CA ASP D 197 -13.00 33.04 38.59
C ASP D 197 -12.20 33.83 37.57
N ILE D 198 -12.27 35.16 37.70
CA ILE D 198 -11.63 36.07 36.77
C ILE D 198 -10.43 36.70 37.48
N SER D 199 -9.23 36.29 37.07
CA SER D 199 -8.01 36.90 37.60
C SER D 199 -7.86 38.30 37.00
N VAL D 200 -7.89 39.31 37.85
CA VAL D 200 -8.06 40.69 37.41
C VAL D 200 -6.99 41.59 38.04
N PRO D 201 -6.35 42.46 37.26
CA PRO D 201 -5.36 43.38 37.84
C PRO D 201 -6.01 44.62 38.41
N VAL D 202 -5.38 45.16 39.45
CA VAL D 202 -5.82 46.40 40.08
C VAL D 202 -5.06 47.60 39.50
N GLN D 203 -3.78 47.72 39.84
CA GLN D 203 -2.95 48.79 39.32
C GLN D 203 -2.46 48.48 37.91
N GLU D 204 -2.06 49.53 37.19
CA GLU D 204 -1.43 49.35 35.89
C GLU D 204 0.07 49.11 36.07
N ASP D 205 0.59 48.17 35.29
CA ASP D 205 1.95 47.69 35.47
C ASP D 205 2.96 48.59 34.74
N GLU D 206 4.19 48.54 35.24
CA GLU D 206 5.34 49.32 34.72
C GLU D 206 4.96 50.71 34.23
N GLU D 223 -5.80 57.44 38.90
CA GLU D 223 -5.11 56.63 39.89
C GLU D 223 -5.86 55.33 40.15
N MET D 224 -7.07 55.46 40.71
CA MET D 224 -7.92 54.31 41.02
C MET D 224 -8.73 53.94 39.79
N LYS D 225 -8.16 53.09 38.94
CA LYS D 225 -8.86 52.64 37.75
C LYS D 225 -10.13 51.87 38.12
N THR D 226 -11.01 51.75 37.15
CA THR D 226 -12.31 51.13 37.37
C THR D 226 -12.28 49.64 37.04
N LEU D 227 -13.33 48.94 37.47
CA LEU D 227 -13.44 47.51 37.22
C LEU D 227 -13.69 47.23 35.74
N ARG D 228 -14.33 48.17 35.04
CA ARG D 228 -14.50 48.03 33.59
C ARG D 228 -13.15 47.96 32.90
N TRP D 229 -12.23 48.86 33.27
CA TRP D 229 -10.86 48.79 32.78
C TRP D 229 -10.21 47.46 33.13
N ALA D 230 -10.41 46.99 34.37
CA ALA D 230 -9.70 45.82 34.85
C ALA D 230 -10.18 44.55 34.18
N ILE D 231 -11.49 44.40 33.98
CA ILE D 231 -12.00 43.25 33.24
C ILE D 231 -11.56 43.33 31.78
N SER D 232 -11.50 44.53 31.22
CA SER D 232 -11.02 44.71 29.85
C SER D 232 -9.59 44.21 29.70
N GLN D 233 -8.77 44.38 30.74
CA GLN D 233 -7.41 43.84 30.70
C GLN D 233 -7.43 42.32 30.61
N PHE D 234 -8.34 41.67 31.34
CA PHE D 234 -8.48 40.22 31.26
C PHE D 234 -9.06 39.80 29.91
N ALA D 235 -10.24 40.32 29.57
CA ALA D 235 -10.92 39.98 28.32
C ALA D 235 -10.45 40.86 27.17
N SER D 236 -9.13 40.90 26.96
CA SER D 236 -8.55 41.79 25.98
C SER D 236 -8.89 41.33 24.56
N VAL D 237 -8.77 42.26 23.62
CA VAL D 237 -8.85 41.98 22.19
C VAL D 237 -7.52 42.39 21.57
N GLU D 238 -6.95 41.49 20.76
CA GLU D 238 -5.65 41.71 20.13
C GLU D 238 -5.81 41.75 18.62
N ARG D 239 -5.55 42.92 18.02
CA ARG D 239 -5.50 43.01 16.57
C ARG D 239 -4.07 42.74 16.14
N ILE D 240 -3.88 41.71 15.31
CA ILE D 240 -2.56 41.27 14.89
C ILE D 240 -2.40 41.70 13.42
N VAL D 241 -1.75 42.84 13.21
CA VAL D 241 -1.60 43.45 11.90
C VAL D 241 -0.21 44.08 11.81
N GLY D 242 0.32 44.14 10.59
CA GLY D 242 1.63 44.72 10.34
C GLY D 242 2.60 43.68 9.79
N GLU D 243 3.85 43.77 10.21
CA GLU D 243 4.87 42.85 9.71
C GLU D 243 4.58 41.42 10.13
N ASP D 244 3.97 41.22 11.30
CA ASP D 244 3.50 39.92 11.72
C ASP D 244 1.99 39.88 11.49
N LYS D 245 1.56 39.12 10.48
CA LYS D 245 0.15 38.94 10.18
C LYS D 245 -0.28 37.53 10.56
N TYR D 246 -1.55 37.41 10.92
CA TYR D 246 -2.14 36.10 11.16
C TYR D 246 -2.28 35.39 9.83
N PHE D 247 -1.70 34.20 9.70
CA PHE D 247 -1.81 33.44 8.47
C PHE D 247 -3.17 32.74 8.50
N CYS D 248 -4.06 33.13 7.60
CA CYS D 248 -5.38 32.51 7.52
C CYS D 248 -5.31 31.24 6.69
N GLU D 249 -5.76 30.12 7.28
CA GLU D 249 -5.78 28.86 6.55
C GLU D 249 -6.83 28.87 5.47
N ASN D 250 -7.96 29.57 5.70
CA ASN D 250 -9.00 29.69 4.69
C ASN D 250 -8.53 30.53 3.50
N CYS D 251 -7.96 31.71 3.78
CA CYS D 251 -7.50 32.60 2.72
C CYS D 251 -6.21 32.12 2.06
N HIS D 252 -5.46 31.23 2.71
CA HIS D 252 -4.15 30.77 2.20
C HIS D 252 -3.21 31.94 2.00
N HIS D 253 -3.26 32.91 2.91
CA HIS D 253 -2.52 34.16 2.76
C HIS D 253 -2.46 34.86 4.10
N TYR D 254 -1.36 35.59 4.31
CA TYR D 254 -1.27 36.45 5.49
C TYR D 254 -2.39 37.47 5.47
N THR D 255 -3.07 37.62 6.61
CA THR D 255 -4.22 38.50 6.69
C THR D 255 -4.17 39.27 8.01
N GLU D 256 -4.91 40.38 8.05
CA GLU D 256 -5.17 41.06 9.30
C GLU D 256 -6.21 40.28 10.09
N ALA D 257 -6.06 40.26 11.41
CA ALA D 257 -6.99 39.46 12.22
C ALA D 257 -7.22 40.11 13.57
N GLU D 258 -8.42 39.90 14.09
CA GLU D 258 -8.79 40.28 15.45
C GLU D 258 -8.85 39.01 16.31
N ARG D 259 -8.17 39.05 17.45
CA ARG D 259 -8.10 37.92 18.36
C ARG D 259 -8.64 38.38 19.71
N SER D 260 -9.79 37.84 20.10
CA SER D 260 -10.55 38.38 21.22
C SER D 260 -10.91 37.28 22.20
N LEU D 261 -11.14 37.70 23.44
CA LEU D 261 -11.57 36.82 24.53
C LEU D 261 -13.00 37.20 24.90
N LEU D 262 -13.88 36.21 24.97
CA LEU D 262 -15.30 36.47 25.14
C LEU D 262 -15.92 35.49 26.12
N PHE D 263 -16.94 35.97 26.84
CA PHE D 263 -17.74 35.12 27.71
C PHE D 263 -18.96 34.60 26.96
N ASP D 264 -19.16 33.28 26.99
CA ASP D 264 -20.32 32.71 26.32
C ASP D 264 -21.39 32.33 27.34
N LYS D 265 -21.24 31.17 27.97
CA LYS D 265 -22.21 30.69 28.95
C LYS D 265 -21.68 30.99 30.35
N MET D 266 -22.54 31.55 31.19
CA MET D 266 -22.13 32.12 32.45
C MET D 266 -22.68 31.33 33.64
N PRO D 267 -22.00 31.39 34.79
CA PRO D 267 -22.55 30.82 36.01
C PRO D 267 -23.39 31.84 36.77
N GLU D 268 -24.13 31.35 37.76
CA GLU D 268 -24.99 32.21 38.56
C GLU D 268 -24.19 33.19 39.41
N VAL D 269 -23.00 32.80 39.86
CA VAL D 269 -22.15 33.64 40.69
C VAL D 269 -20.84 33.88 39.96
N ILE D 270 -20.52 35.14 39.73
CA ILE D 270 -19.26 35.54 39.08
C ILE D 270 -18.26 35.89 40.18
N THR D 271 -17.18 35.12 40.27
CA THR D 271 -16.10 35.41 41.19
C THR D 271 -15.04 36.24 40.50
N ILE D 272 -14.61 37.32 41.15
CA ILE D 272 -13.54 38.17 40.64
C ILE D 272 -12.38 38.10 41.62
N HIS D 273 -11.24 37.63 41.15
CA HIS D 273 -10.05 37.46 41.98
C HIS D 273 -9.11 38.62 41.69
N LEU D 274 -8.98 39.52 42.66
CA LEU D 274 -8.19 40.73 42.48
C LEU D 274 -6.71 40.44 42.74
N LYS D 275 -5.87 40.76 41.75
CA LYS D 275 -4.42 40.62 41.90
C LYS D 275 -3.86 41.82 42.64
N CYS D 276 -4.12 41.87 43.94
CA CYS D 276 -3.71 42.98 44.78
C CYS D 276 -2.43 42.67 45.58
N PHE D 277 -1.56 41.81 45.05
CA PHE D 277 -0.32 41.44 45.73
C PHE D 277 0.86 41.66 44.79
N ALA D 278 2.03 41.94 45.38
CA ALA D 278 3.16 42.41 44.61
C ALA D 278 4.47 41.88 45.21
N ALA D 279 5.56 42.13 44.48
CA ALA D 279 6.91 41.79 44.89
C ALA D 279 7.88 42.74 44.20
N SER D 280 9.08 42.87 44.75
CA SER D 280 10.02 43.91 44.32
C SER D 280 11.42 43.28 44.19
N GLY D 281 12.45 44.13 44.14
CA GLY D 281 13.78 43.69 43.78
C GLY D 281 14.91 44.19 44.66
N LEU D 282 15.54 43.23 45.35
CA LEU D 282 16.82 43.34 46.07
C LEU D 282 16.73 43.98 47.45
N GLU D 283 15.57 44.48 47.85
CA GLU D 283 15.41 45.02 49.20
C GLU D 283 13.95 44.97 49.65
N GLY D 289 10.95 40.51 54.10
CA GLY D 289 10.35 40.91 52.83
C GLY D 289 9.83 39.76 51.99
N GLY D 290 9.87 39.94 50.67
CA GLY D 290 9.39 38.95 49.73
C GLY D 290 8.17 39.42 48.97
N LEU D 291 6.97 39.12 49.47
CA LEU D 291 5.76 39.63 48.87
C LEU D 291 5.34 40.94 49.54
N SER D 292 4.36 41.59 48.92
CA SER D 292 3.84 42.86 49.41
C SER D 292 2.42 43.02 48.86
N LYS D 293 1.58 43.70 49.63
CA LYS D 293 0.20 43.93 49.25
C LYS D 293 0.02 45.35 48.71
N ILE D 294 -0.93 45.49 47.79
CA ILE D 294 -1.24 46.76 47.13
C ILE D 294 -2.44 47.38 47.85
N ASN D 295 -2.19 48.49 48.54
CA ASN D 295 -3.23 49.14 49.36
C ASN D 295 -3.97 50.25 48.61
N THR D 296 -4.38 49.99 47.37
CA THR D 296 -5.17 50.96 46.60
C THR D 296 -6.08 50.20 45.66
N PRO D 297 -7.30 49.91 46.09
CA PRO D 297 -8.19 49.05 45.32
C PRO D 297 -8.85 49.80 44.17
N LEU D 298 -9.66 49.06 43.41
CA LEU D 298 -10.36 49.58 42.24
C LEU D 298 -11.61 50.35 42.66
N LEU D 299 -12.20 51.04 41.68
CA LEU D 299 -13.53 51.64 41.84
C LEU D 299 -14.55 50.54 41.60
N THR D 300 -15.09 49.98 42.69
CA THR D 300 -15.97 48.83 42.59
C THR D 300 -17.40 49.29 42.34
N PRO D 301 -18.05 48.84 41.26
CA PRO D 301 -19.46 49.13 41.05
C PRO D 301 -20.33 48.07 41.74
N LEU D 302 -21.62 48.38 41.80
CA LEU D 302 -22.60 47.47 42.39
C LEU D 302 -23.25 46.61 41.31
N LYS D 303 -23.69 47.22 40.23
CA LYS D 303 -24.15 46.51 39.04
C LYS D 303 -22.96 46.04 38.21
N LEU D 304 -23.12 44.88 37.58
CA LEU D 304 -22.13 44.36 36.65
C LEU D 304 -22.85 43.69 35.49
N SER D 305 -22.55 44.13 34.27
CA SER D 305 -23.07 43.51 33.06
C SER D 305 -21.91 43.15 32.15
N LEU D 306 -21.92 41.92 31.66
CA LEU D 306 -20.86 41.43 30.78
C LEU D 306 -21.28 41.46 29.31
N GLU D 307 -22.25 42.30 28.97
CA GLU D 307 -22.68 42.42 27.58
C GLU D 307 -21.54 42.89 26.69
N GLU D 308 -20.68 43.78 27.21
CA GLU D 308 -19.59 44.32 26.39
C GLU D 308 -18.57 43.24 26.03
N TRP D 309 -18.47 42.19 26.85
CA TRP D 309 -17.53 41.10 26.58
C TRP D 309 -18.22 39.79 26.22
N SER D 310 -19.55 39.76 26.16
CA SER D 310 -20.26 38.53 25.86
C SER D 310 -20.11 38.14 24.38
N THR D 311 -20.18 36.83 24.12
CA THR D 311 -20.15 36.34 22.75
C THR D 311 -21.36 36.82 21.97
N LYS D 312 -22.50 36.90 22.63
CA LYS D 312 -23.76 37.35 22.06
C LYS D 312 -24.50 38.21 23.08
N PRO D 313 -24.58 39.53 22.84
CA PRO D 313 -25.03 40.47 23.88
C PRO D 313 -26.35 40.13 24.55
N THR D 314 -26.30 39.83 25.85
CA THR D 314 -27.48 39.65 26.68
C THR D 314 -27.54 40.74 27.73
N ASN D 315 -28.76 41.01 28.21
CA ASN D 315 -28.99 42.02 29.23
C ASN D 315 -28.99 41.46 30.63
N ASP D 316 -28.45 40.26 30.84
CA ASP D 316 -28.29 39.74 32.19
C ASP D 316 -27.40 40.70 32.98
N SER D 317 -27.84 41.05 34.18
CA SER D 317 -27.12 41.98 35.04
C SER D 317 -26.87 41.31 36.38
N TYR D 318 -25.70 41.56 36.95
CA TYR D 318 -25.28 40.94 38.20
C TYR D 318 -25.06 42.00 39.27
N GLY D 319 -25.31 41.62 40.52
CA GLY D 319 -25.19 42.53 41.63
C GLY D 319 -24.22 42.05 42.68
N LEU D 320 -23.32 42.93 43.12
CA LEU D 320 -22.34 42.57 44.14
C LEU D 320 -23.04 42.20 45.44
N PHE D 321 -22.60 41.08 46.03
CA PHE D 321 -23.23 40.59 47.26
C PHE D 321 -22.24 40.08 48.31
N ALA D 322 -20.98 39.84 47.98
CA ALA D 322 -20.02 39.36 48.97
C ALA D 322 -18.63 39.80 48.56
N VAL D 323 -17.80 40.14 49.55
CA VAL D 323 -16.45 40.64 49.34
C VAL D 323 -15.55 40.08 50.43
N VAL D 324 -14.53 39.34 50.05
CA VAL D 324 -13.51 38.88 50.98
C VAL D 324 -12.38 39.90 50.99
N MET D 325 -11.93 40.27 52.19
CA MET D 325 -10.91 41.28 52.35
C MET D 325 -9.77 40.73 53.21
N HIS D 326 -8.57 41.22 52.95
CA HIS D 326 -7.38 40.77 53.66
C HIS D 326 -6.74 41.96 54.37
N SER D 327 -6.24 41.71 55.58
CA SER D 327 -5.42 42.68 56.32
C SER D 327 -4.02 42.11 56.47
N GLY D 328 -3.03 42.85 56.01
CA GLY D 328 -1.65 42.38 56.02
C GLY D 328 -0.90 42.81 54.79
N ILE D 329 0.38 42.45 54.70
CA ILE D 329 1.21 42.86 53.56
C ILE D 329 1.81 41.62 52.91
N THR D 330 1.13 40.48 53.06
CA THR D 330 1.59 39.22 52.49
C THR D 330 0.38 38.36 52.15
N ILE D 331 0.62 37.37 51.30
CA ILE D 331 -0.45 36.45 50.91
C ILE D 331 -0.48 35.19 51.78
N SER D 332 0.66 34.80 52.38
CA SER D 332 0.73 33.53 53.10
C SER D 332 -0.13 33.57 54.36
N SER D 333 -0.06 34.66 55.12
CA SER D 333 -0.74 34.74 56.40
C SER D 333 -1.30 36.14 56.58
N GLY D 334 -2.29 36.26 57.44
CA GLY D 334 -2.91 37.53 57.72
C GLY D 334 -4.35 37.34 58.17
N HIS D 335 -5.06 38.46 58.26
CA HIS D 335 -6.46 38.47 58.68
C HIS D 335 -7.35 38.55 57.45
N TYR D 336 -8.20 37.54 57.26
CA TYR D 336 -9.23 37.56 56.23
C TYR D 336 -10.60 37.80 56.86
N THR D 337 -11.39 38.65 56.21
CA THR D 337 -12.73 39.01 56.68
C THR D 337 -13.67 39.06 55.49
N ALA D 338 -14.94 38.75 55.75
CA ALA D 338 -15.98 38.78 54.74
C ALA D 338 -16.97 39.90 55.02
N SER D 339 -17.51 40.47 53.95
CA SER D 339 -18.54 41.51 54.01
C SER D 339 -19.63 41.11 53.02
N VAL D 340 -20.75 40.60 53.55
CA VAL D 340 -21.80 40.00 52.73
C VAL D 340 -23.00 40.93 52.66
N LYS D 341 -23.93 40.63 51.78
CA LYS D 341 -25.20 41.33 51.65
C LYS D 341 -26.28 40.36 51.18
N VAL D 342 -27.51 40.59 51.63
CA VAL D 342 -28.69 39.87 51.12
C VAL D 342 -28.53 38.37 51.24
N TRP D 359 -24.25 46.00 55.51
CA TRP D 359 -25.41 45.17 55.74
C TRP D 359 -25.11 43.90 56.54
N LEU D 360 -23.85 43.45 56.47
CA LEU D 360 -23.45 42.26 57.20
C LEU D 360 -21.93 42.11 57.22
N LEU D 361 -21.26 43.07 57.86
CA LEU D 361 -19.80 43.08 57.94
C LEU D 361 -19.34 42.12 59.04
N PHE D 362 -18.34 41.29 58.71
CA PHE D 362 -17.88 40.20 59.56
C PHE D 362 -16.41 40.37 59.89
N ASP D 363 -16.06 40.14 61.17
CA ASP D 363 -14.67 40.20 61.61
C ASP D 363 -14.34 38.91 62.39
N ASP D 364 -14.07 37.83 61.65
CA ASP D 364 -13.59 36.55 62.20
C ASP D 364 -14.45 36.07 63.37
N SER D 365 -15.65 35.59 63.01
CA SER D 365 -16.62 34.93 63.89
C SER D 365 -17.52 35.91 64.63
N GLU D 366 -17.09 37.17 64.74
CA GLU D 366 -17.85 38.23 65.39
C GLU D 366 -18.65 38.99 64.33
N VAL D 367 -19.98 39.01 64.49
CA VAL D 367 -20.88 39.55 63.48
C VAL D 367 -21.19 41.00 63.81
N LYS D 368 -21.25 41.84 62.78
CA LYS D 368 -21.58 43.26 62.90
C LYS D 368 -22.46 43.65 61.70
N VAL D 369 -22.77 44.94 61.59
CA VAL D 369 -23.65 45.46 60.54
C VAL D 369 -23.08 46.78 60.01
N THR D 370 -23.33 47.04 58.73
CA THR D 370 -22.93 48.28 58.07
C THR D 370 -24.03 48.63 57.08
N GLU D 371 -23.90 49.80 56.45
CA GLU D 371 -24.93 50.28 55.53
C GLU D 371 -24.54 50.06 54.06
N GLU D 372 -25.50 50.38 53.18
CA GLU D 372 -25.21 50.45 51.75
C GLU D 372 -24.17 51.52 51.48
N LYS D 373 -24.36 52.70 52.08
CA LYS D 373 -23.43 53.80 51.90
C LYS D 373 -22.02 53.38 52.31
N ASP D 374 -21.90 52.60 53.39
CA ASP D 374 -20.61 52.23 53.95
C ASP D 374 -20.02 50.97 53.32
N PHE D 375 -20.20 50.78 52.01
CA PHE D 375 -19.49 49.73 51.28
C PHE D 375 -18.51 50.31 50.28
N LEU D 376 -18.95 51.27 49.46
CA LEU D 376 -17.98 52.05 48.69
C LEU D 376 -17.22 53.01 49.58
N ASN D 377 -17.84 53.44 50.69
CA ASN D 377 -17.20 54.27 51.69
C ASN D 377 -16.28 53.49 52.63
N SER D 378 -16.11 52.18 52.41
CA SER D 378 -15.14 51.42 53.17
C SER D 378 -13.79 51.41 52.47
N LEU D 379 -13.80 51.59 51.15
CA LEU D 379 -12.57 51.67 50.38
C LEU D 379 -11.92 53.03 50.62
N SER D 380 -10.64 53.02 50.97
CA SER D 380 -9.93 54.28 51.21
C SER D 380 -9.58 54.98 49.89
N PRO D 385 -6.93 52.80 56.21
CA PRO D 385 -7.82 51.76 55.68
C PRO D 385 -7.64 50.41 56.36
N THR D 386 -6.39 49.97 56.52
CA THR D 386 -6.02 48.73 57.18
C THR D 386 -6.37 47.49 56.34
N SER D 387 -7.35 47.61 55.44
CA SER D 387 -7.74 46.46 54.63
C SER D 387 -8.25 46.93 53.27
N THR D 388 -8.04 46.08 52.28
CA THR D 388 -8.55 46.25 50.93
C THR D 388 -9.06 44.91 50.42
N PRO D 389 -9.98 44.91 49.45
CA PRO D 389 -10.61 43.66 49.04
C PRO D 389 -9.66 42.73 48.31
N TYR D 390 -10.04 41.46 48.26
CA TYR D 390 -9.30 40.40 47.59
C TYR D 390 -10.18 39.60 46.63
N LEU D 391 -11.43 39.33 47.01
CA LEU D 391 -12.37 38.59 46.18
C LEU D 391 -13.70 39.33 46.14
N LEU D 392 -14.30 39.37 44.95
CA LEU D 392 -15.59 40.01 44.74
C LEU D 392 -16.55 39.01 44.12
N PHE D 393 -17.75 38.89 44.68
CA PHE D 393 -18.75 37.95 44.23
C PHE D 393 -20.02 38.69 43.82
N TYR D 394 -20.38 38.59 42.54
CA TYR D 394 -21.62 39.12 42.01
C TYR D 394 -22.57 37.98 41.67
N LYS D 395 -23.87 38.24 41.77
CA LYS D 395 -24.88 37.22 41.55
C LYS D 395 -25.89 37.67 40.50
N LYS D 396 -26.45 36.68 39.79
CA LYS D 396 -27.40 36.90 38.69
C LYS D 396 -28.70 37.51 39.21
N LEU D 397 -28.94 38.77 38.87
CA LEU D 397 -30.20 39.43 39.20
C LEU D 397 -31.27 39.08 38.18
ZN ZN E . 11.93 -32.04 -10.61
ZN ZN F . -9.26 34.51 5.96
#